data_2MAM
#
_entry.id   2MAM
#
_entity_poly.entity_id   1
_entity_poly.type   'polypeptide(L)'
_entity_poly.pdbx_seq_one_letter_code
;ADEPAYLTVGTDVSAKYRGAFCEAKIKTVKRLVKVKVLLKQDNTTQLVQDDQVKGPLRVGAIVETRTSDGSFQEAIISKL
TDASWYTVVFDDGDERTLRRTSLCLKGERHFAESETLD
;
_entity_poly.pdbx_strand_id   A
#
# COMPACT_ATOMS: atom_id res chain seq x y z
N ALA A 1 0.08 13.84 3.64
CA ALA A 1 -0.24 12.44 3.33
C ALA A 1 -1.55 12.31 2.56
N ASP A 2 -2.51 13.18 2.84
CA ASP A 2 -3.87 13.20 2.23
C ASP A 2 -3.78 13.94 0.87
N GLU A 3 -2.68 13.76 0.23
CA GLU A 3 -2.29 14.48 -0.96
C GLU A 3 -2.04 13.48 -2.08
N PRO A 4 -1.73 13.94 -3.32
CA PRO A 4 -1.25 13.06 -4.36
C PRO A 4 0.12 12.51 -3.98
N ALA A 5 0.11 11.41 -3.27
CA ALA A 5 1.32 10.78 -2.79
C ALA A 5 1.73 9.64 -3.67
N TYR A 6 0.83 9.22 -4.52
CA TYR A 6 1.06 8.12 -5.41
C TYR A 6 0.13 8.36 -6.57
N LEU A 7 -1.13 8.44 -6.24
CA LEU A 7 -2.18 8.90 -7.10
C LEU A 7 -2.82 10.05 -6.36
N THR A 8 -4.02 10.41 -6.72
CA THR A 8 -4.61 11.63 -6.24
C THR A 8 -5.93 11.37 -5.52
N VAL A 9 -6.25 12.23 -4.57
CA VAL A 9 -7.44 12.11 -3.77
C VAL A 9 -8.60 12.89 -4.41
N GLY A 10 -9.80 12.37 -4.27
CA GLY A 10 -10.98 13.02 -4.82
C GLY A 10 -11.33 12.48 -6.19
N THR A 11 -10.41 11.74 -6.75
CA THR A 11 -10.54 11.19 -8.05
C THR A 11 -11.52 10.02 -8.06
N ASP A 12 -12.30 9.95 -9.10
CA ASP A 12 -13.22 8.88 -9.29
C ASP A 12 -12.54 7.78 -10.03
N VAL A 13 -12.68 6.59 -9.53
CA VAL A 13 -12.03 5.44 -10.08
C VAL A 13 -12.99 4.29 -10.16
N SER A 14 -12.52 3.22 -10.72
CA SER A 14 -13.25 2.00 -10.70
C SER A 14 -12.40 1.00 -9.93
N ALA A 15 -13.03 0.13 -9.20
CA ALA A 15 -12.36 -0.89 -8.46
C ALA A 15 -12.89 -2.22 -8.91
N LYS A 16 -12.00 -3.17 -9.06
CA LYS A 16 -12.39 -4.50 -9.51
C LYS A 16 -13.08 -5.30 -8.40
N TYR A 17 -14.14 -5.96 -8.78
CA TYR A 17 -14.86 -6.89 -7.94
C TYR A 17 -15.15 -8.13 -8.73
N ARG A 18 -14.42 -9.21 -8.45
CA ARG A 18 -14.69 -10.52 -9.06
C ARG A 18 -14.58 -10.49 -10.59
N GLY A 19 -13.79 -9.58 -11.11
CA GLY A 19 -13.60 -9.47 -12.55
C GLY A 19 -14.54 -8.46 -13.18
N ALA A 20 -15.25 -7.72 -12.38
CA ALA A 20 -16.17 -6.72 -12.85
C ALA A 20 -15.76 -5.39 -12.26
N PHE A 21 -16.27 -4.32 -12.81
CA PHE A 21 -15.91 -2.99 -12.37
C PHE A 21 -17.00 -2.39 -11.50
N CYS A 22 -16.60 -1.79 -10.40
CA CYS A 22 -17.49 -0.98 -9.58
C CYS A 22 -16.90 0.41 -9.50
N GLU A 23 -17.71 1.44 -9.43
CA GLU A 23 -17.14 2.76 -9.35
C GLU A 23 -16.90 3.11 -7.91
N ALA A 24 -15.93 3.94 -7.69
CA ALA A 24 -15.58 4.39 -6.38
C ALA A 24 -14.93 5.75 -6.45
N LYS A 25 -14.89 6.44 -5.36
CA LYS A 25 -14.31 7.76 -5.33
C LYS A 25 -13.24 7.79 -4.22
N ILE A 26 -12.03 8.19 -4.55
CA ILE A 26 -10.92 8.20 -3.60
C ILE A 26 -11.12 9.21 -2.46
N LYS A 27 -11.32 8.66 -1.28
CA LYS A 27 -11.52 9.40 -0.05
C LYS A 27 -10.17 9.71 0.61
N THR A 28 -9.30 8.73 0.65
CA THR A 28 -8.02 8.91 1.29
C THR A 28 -6.93 8.21 0.45
N VAL A 29 -5.75 8.80 0.44
CA VAL A 29 -4.59 8.26 -0.25
C VAL A 29 -3.51 7.95 0.77
N LYS A 30 -3.04 6.74 0.74
CA LYS A 30 -2.02 6.30 1.62
C LYS A 30 -0.94 5.64 0.85
N ARG A 31 0.20 6.21 0.89
CA ARG A 31 1.33 5.71 0.20
C ARG A 31 2.15 4.95 1.20
N LEU A 32 2.16 3.65 1.09
CA LEU A 32 2.91 2.84 2.03
C LEU A 32 3.60 1.74 1.29
N VAL A 33 4.60 1.18 1.86
CA VAL A 33 5.27 0.08 1.25
C VAL A 33 5.31 -1.07 2.21
N LYS A 34 5.06 -2.26 1.73
CA LYS A 34 5.10 -3.42 2.57
C LYS A 34 6.50 -3.98 2.54
N VAL A 35 7.20 -3.69 3.54
CA VAL A 35 8.54 -4.07 3.72
C VAL A 35 8.62 -5.48 4.31
N LYS A 36 9.27 -6.35 3.58
CA LYS A 36 9.55 -7.66 4.06
C LYS A 36 10.81 -7.56 4.85
N VAL A 37 10.69 -7.67 6.10
CA VAL A 37 11.80 -7.58 6.97
C VAL A 37 12.04 -8.89 7.61
N LEU A 38 13.23 -9.08 8.03
CA LEU A 38 13.60 -10.26 8.70
C LEU A 38 14.42 -9.83 9.88
N LEU A 39 13.97 -10.19 11.04
CA LEU A 39 14.61 -9.79 12.28
C LEU A 39 15.96 -10.50 12.42
N LYS A 40 17.02 -9.75 12.70
CA LYS A 40 18.35 -10.35 12.77
C LYS A 40 18.52 -11.28 13.97
N GLN A 41 17.86 -10.97 15.06
CA GLN A 41 17.98 -11.77 16.25
C GLN A 41 17.09 -13.01 16.17
N ASP A 42 15.81 -12.79 16.03
CA ASP A 42 14.83 -13.90 16.09
C ASP A 42 14.65 -14.59 14.76
N ASN A 43 15.29 -14.06 13.74
CA ASN A 43 15.30 -14.58 12.35
C ASN A 43 13.90 -14.71 11.75
N THR A 44 12.94 -14.04 12.33
CA THR A 44 11.61 -14.10 11.88
C THR A 44 11.35 -13.07 10.81
N THR A 45 10.64 -13.47 9.80
CA THR A 45 10.35 -12.61 8.70
C THR A 45 8.93 -12.10 8.86
N GLN A 46 8.70 -10.92 8.42
CA GLN A 46 7.39 -10.34 8.40
C GLN A 46 7.27 -9.33 7.29
N LEU A 47 6.07 -8.97 6.95
CA LEU A 47 5.83 -8.04 5.87
C LEU A 47 4.92 -6.96 6.40
N VAL A 48 5.47 -5.83 6.68
CA VAL A 48 4.74 -4.72 7.29
C VAL A 48 5.08 -3.42 6.60
N GLN A 49 4.26 -2.46 6.79
CA GLN A 49 4.39 -1.18 6.13
C GLN A 49 5.49 -0.31 6.74
N ASP A 50 5.92 0.69 5.97
CA ASP A 50 6.99 1.64 6.34
C ASP A 50 6.65 2.50 7.57
N ASP A 51 5.44 2.40 8.06
CA ASP A 51 5.06 3.10 9.29
C ASP A 51 5.52 2.28 10.49
N GLN A 52 5.61 0.98 10.29
CA GLN A 52 6.05 0.01 11.29
C GLN A 52 7.56 -0.10 11.26
N VAL A 53 8.11 0.26 10.12
CA VAL A 53 9.53 0.17 9.86
C VAL A 53 10.20 1.52 9.94
N LYS A 54 11.09 1.64 10.86
CA LYS A 54 11.85 2.85 11.02
C LYS A 54 13.24 2.68 10.46
N GLY A 55 13.46 3.27 9.32
CA GLY A 55 14.75 3.22 8.70
C GLY A 55 14.65 3.28 7.19
N PRO A 56 15.79 3.23 6.46
CA PRO A 56 15.82 3.29 5.00
C PRO A 56 15.08 2.13 4.33
N LEU A 57 14.40 2.43 3.27
CA LEU A 57 13.71 1.43 2.53
C LEU A 57 14.59 0.97 1.40
N ARG A 58 15.47 0.07 1.73
CA ARG A 58 16.37 -0.50 0.77
C ARG A 58 16.47 -1.96 1.06
N VAL A 59 16.42 -2.76 0.04
CA VAL A 59 16.57 -4.17 0.19
C VAL A 59 18.00 -4.43 0.65
N GLY A 60 18.12 -5.08 1.77
CA GLY A 60 19.39 -5.34 2.34
C GLY A 60 19.81 -4.25 3.31
N ALA A 61 18.90 -3.37 3.70
CA ALA A 61 19.26 -2.34 4.67
C ALA A 61 18.85 -2.75 6.07
N ILE A 62 19.49 -2.15 7.04
CA ILE A 62 19.26 -2.44 8.44
C ILE A 62 18.30 -1.39 8.99
N VAL A 63 17.19 -1.85 9.51
CA VAL A 63 16.15 -0.98 10.05
C VAL A 63 15.65 -1.53 11.35
N GLU A 64 14.64 -0.92 11.89
CA GLU A 64 13.97 -1.40 13.07
C GLU A 64 12.51 -1.46 12.78
N THR A 65 11.90 -2.54 13.11
CA THR A 65 10.53 -2.74 12.76
C THR A 65 9.76 -3.26 13.96
N ARG A 66 8.48 -3.08 13.92
CA ARG A 66 7.63 -3.51 14.99
C ARG A 66 7.28 -4.97 14.80
N THR A 67 7.72 -5.78 15.71
CA THR A 67 7.39 -7.17 15.70
C THR A 67 5.99 -7.31 16.33
N SER A 68 5.36 -8.47 16.18
CA SER A 68 4.01 -8.72 16.69
C SER A 68 3.96 -8.71 18.23
N ASP A 69 5.12 -8.56 18.83
CA ASP A 69 5.28 -8.48 20.27
C ASP A 69 5.07 -7.03 20.71
N GLY A 70 5.12 -6.11 19.76
CA GLY A 70 4.96 -4.70 20.06
C GLY A 70 6.31 -4.02 20.29
N SER A 71 7.35 -4.81 20.22
CA SER A 71 8.69 -4.34 20.41
C SER A 71 9.29 -3.97 19.04
N PHE A 72 10.33 -3.18 19.04
CA PHE A 72 11.01 -2.84 17.80
C PHE A 72 12.37 -3.49 17.80
N GLN A 73 12.56 -4.39 16.87
CA GLN A 73 13.80 -5.11 16.75
C GLN A 73 14.49 -4.71 15.46
N GLU A 74 15.81 -4.73 15.48
CA GLU A 74 16.63 -4.42 14.36
C GLU A 74 16.48 -5.56 13.34
N ALA A 75 16.12 -5.20 12.16
CA ALA A 75 15.82 -6.14 11.12
C ALA A 75 16.42 -5.72 9.80
N ILE A 76 16.30 -6.57 8.81
CA ILE A 76 16.84 -6.28 7.48
C ILE A 76 15.72 -6.38 6.45
N ILE A 77 15.70 -5.48 5.48
CA ILE A 77 14.72 -5.54 4.40
C ILE A 77 15.13 -6.64 3.44
N SER A 78 14.25 -7.54 3.15
CA SER A 78 14.50 -8.59 2.21
C SER A 78 13.68 -8.36 0.91
N LYS A 79 12.64 -7.51 0.99
CA LYS A 79 11.80 -7.16 -0.16
C LYS A 79 10.97 -5.95 0.21
N LEU A 80 10.60 -5.15 -0.74
CA LEU A 80 9.63 -4.11 -0.53
C LEU A 80 8.52 -4.32 -1.54
N THR A 81 7.38 -4.67 -1.07
CA THR A 81 6.25 -4.88 -1.92
C THR A 81 5.44 -3.60 -1.94
N ASP A 82 5.24 -3.05 -3.12
CA ASP A 82 4.49 -1.82 -3.27
C ASP A 82 3.07 -1.96 -2.74
N ALA A 83 2.58 -0.92 -2.13
CA ALA A 83 1.26 -0.90 -1.59
C ALA A 83 0.77 0.51 -1.59
N SER A 84 -0.50 0.69 -1.42
CA SER A 84 -1.15 1.97 -1.34
C SER A 84 -2.56 1.71 -0.92
N TRP A 85 -3.05 2.47 0.01
CA TRP A 85 -4.41 2.32 0.44
C TRP A 85 -5.23 3.47 -0.06
N TYR A 86 -6.04 3.19 -1.01
CA TYR A 86 -6.97 4.14 -1.48
C TYR A 86 -8.27 3.80 -0.89
N THR A 87 -8.64 4.54 0.10
CA THR A 87 -9.87 4.39 0.72
C THR A 87 -10.86 4.99 -0.22
N VAL A 88 -11.58 4.17 -0.90
CA VAL A 88 -12.47 4.65 -1.90
C VAL A 88 -13.91 4.41 -1.51
N VAL A 89 -14.71 5.37 -1.81
CA VAL A 89 -16.11 5.40 -1.47
C VAL A 89 -16.87 4.93 -2.65
N PHE A 90 -17.57 3.87 -2.48
CA PHE A 90 -18.36 3.34 -3.53
C PHE A 90 -19.69 4.04 -3.54
N ASP A 91 -20.47 3.83 -4.58
CA ASP A 91 -21.76 4.54 -4.76
C ASP A 91 -22.73 4.22 -3.60
N ASP A 92 -22.47 3.11 -2.95
CA ASP A 92 -23.27 2.65 -1.81
C ASP A 92 -23.03 3.54 -0.57
N GLY A 93 -21.96 4.32 -0.60
CA GLY A 93 -21.64 5.22 0.51
C GLY A 93 -20.62 4.60 1.42
N ASP A 94 -20.18 3.43 1.06
CA ASP A 94 -19.21 2.68 1.84
C ASP A 94 -17.85 2.93 1.30
N GLU A 95 -16.91 3.09 2.16
CA GLU A 95 -15.55 3.31 1.77
C GLU A 95 -14.66 2.23 2.33
N ARG A 96 -13.87 1.65 1.46
CA ARG A 96 -13.04 0.51 1.80
C ARG A 96 -11.63 0.81 1.28
N THR A 97 -10.63 0.30 1.94
CA THR A 97 -9.25 0.49 1.55
C THR A 97 -8.89 -0.46 0.42
N LEU A 98 -8.63 0.07 -0.73
CA LEU A 98 -8.23 -0.74 -1.85
C LEU A 98 -6.78 -0.47 -2.20
N ARG A 99 -6.08 -1.52 -2.48
CA ARG A 99 -4.72 -1.46 -2.92
C ARG A 99 -4.81 -1.04 -4.41
N ARG A 100 -3.86 -0.22 -4.86
CA ARG A 100 -3.83 0.35 -6.24
C ARG A 100 -4.15 -0.69 -7.36
N THR A 101 -3.78 -1.95 -7.15
CA THR A 101 -4.05 -3.05 -8.09
C THR A 101 -5.56 -3.19 -8.41
N SER A 102 -6.41 -2.88 -7.45
CA SER A 102 -7.82 -3.00 -7.64
C SER A 102 -8.39 -1.77 -8.37
N LEU A 103 -7.63 -0.69 -8.39
CA LEU A 103 -8.07 0.55 -8.98
C LEU A 103 -7.78 0.59 -10.45
N CYS A 104 -8.79 0.91 -11.17
CA CYS A 104 -8.73 0.90 -12.62
C CYS A 104 -8.66 2.32 -13.15
N LEU A 105 -8.65 3.29 -12.23
CA LEU A 105 -8.67 4.73 -12.55
C LEU A 105 -9.90 5.12 -13.37
N LYS A 106 -9.80 5.04 -14.65
CA LYS A 106 -10.89 5.43 -15.51
C LYS A 106 -11.79 4.23 -15.72
N GLY A 107 -11.19 3.10 -15.95
CA GLY A 107 -11.94 1.89 -16.14
C GLY A 107 -11.78 1.33 -17.51
N GLU A 108 -10.69 1.70 -18.16
CA GLU A 108 -10.40 1.20 -19.49
C GLU A 108 -10.05 -0.28 -19.31
N ARG A 109 -10.42 -1.12 -20.25
CA ARG A 109 -10.27 -2.54 -20.07
C ARG A 109 -8.87 -3.06 -20.26
N HIS A 110 -8.05 -2.77 -19.30
CA HIS A 110 -6.73 -3.34 -19.15
C HIS A 110 -6.62 -3.86 -17.73
N PHE A 111 -7.79 -3.92 -17.12
CA PHE A 111 -8.04 -4.45 -15.80
C PHE A 111 -9.21 -5.40 -15.93
N ALA A 112 -9.51 -6.15 -14.88
CA ALA A 112 -10.62 -7.14 -14.81
C ALA A 112 -10.28 -8.40 -15.61
N GLU A 113 -9.92 -8.22 -16.86
CA GLU A 113 -9.48 -9.31 -17.68
C GLU A 113 -7.96 -9.24 -17.68
N SER A 114 -7.44 -8.23 -18.34
CA SER A 114 -6.02 -8.04 -18.45
C SER A 114 -5.42 -7.55 -17.13
N GLU A 115 -4.16 -7.92 -16.92
CA GLU A 115 -3.32 -7.47 -15.82
C GLU A 115 -2.05 -8.30 -15.83
N THR A 116 -0.98 -7.67 -16.18
CA THR A 116 0.30 -8.32 -16.27
C THR A 116 1.21 -7.84 -15.14
N LEU A 117 0.60 -7.13 -14.17
CA LEU A 117 1.28 -6.50 -13.02
C LEU A 117 2.07 -5.28 -13.47
N ASP A 118 1.66 -4.74 -14.59
CA ASP A 118 2.23 -3.55 -15.13
C ASP A 118 1.16 -2.49 -15.05
N ALA A 1 5.58 3.17 -7.10
CA ALA A 1 6.68 2.57 -7.88
C ALA A 1 6.16 1.41 -8.72
N ASP A 2 5.56 0.44 -8.07
CA ASP A 2 5.04 -0.72 -8.77
C ASP A 2 3.57 -0.49 -9.05
N GLU A 3 2.90 0.18 -8.13
CA GLU A 3 1.52 0.54 -8.33
C GLU A 3 1.43 2.04 -8.66
N PRO A 4 1.33 2.39 -9.96
CA PRO A 4 1.27 3.79 -10.42
C PRO A 4 -0.09 4.44 -10.12
N ALA A 5 -1.01 3.61 -9.71
CA ALA A 5 -2.39 3.98 -9.41
C ALA A 5 -2.50 4.56 -8.00
N TYR A 6 -1.45 5.14 -7.55
CA TYR A 6 -1.41 5.75 -6.28
C TYR A 6 -2.10 7.09 -6.34
N LEU A 7 -3.29 7.05 -5.90
CA LEU A 7 -4.16 8.20 -5.84
C LEU A 7 -3.77 9.09 -4.67
N THR A 8 -4.43 10.19 -4.52
CA THR A 8 -4.12 11.13 -3.49
C THR A 8 -5.40 11.59 -2.78
N VAL A 9 -5.25 12.23 -1.63
CA VAL A 9 -6.39 12.72 -0.88
C VAL A 9 -7.07 13.80 -1.68
N GLY A 10 -8.24 13.51 -2.16
CA GLY A 10 -8.96 14.43 -2.98
C GLY A 10 -9.71 13.71 -4.05
N THR A 11 -9.22 12.55 -4.43
CA THR A 11 -9.86 11.76 -5.42
C THR A 11 -11.16 11.16 -4.84
N ASP A 12 -12.19 11.17 -5.63
CA ASP A 12 -13.47 10.59 -5.27
C ASP A 12 -13.75 9.46 -6.23
N VAL A 13 -14.00 8.31 -5.68
CA VAL A 13 -14.18 7.09 -6.45
C VAL A 13 -15.23 6.22 -5.79
N SER A 14 -15.48 5.09 -6.35
CA SER A 14 -16.39 4.17 -5.71
C SER A 14 -15.54 3.14 -4.97
N ALA A 15 -16.03 2.64 -3.86
CA ALA A 15 -15.31 1.69 -3.03
C ALA A 15 -16.25 0.62 -2.57
N LYS A 16 -15.87 -0.63 -2.77
CA LYS A 16 -16.63 -1.77 -2.28
C LYS A 16 -16.55 -1.87 -0.78
N TYR A 17 -17.67 -1.81 -0.13
CA TYR A 17 -17.74 -2.01 1.28
C TYR A 17 -19.07 -2.65 1.59
N ARG A 18 -19.06 -3.63 2.49
CA ARG A 18 -20.27 -4.37 2.88
C ARG A 18 -20.90 -5.10 1.68
N GLY A 19 -20.07 -5.42 0.70
CA GLY A 19 -20.49 -6.19 -0.44
C GLY A 19 -21.00 -5.35 -1.61
N ALA A 20 -20.94 -4.04 -1.49
CA ALA A 20 -21.41 -3.17 -2.55
C ALA A 20 -20.44 -2.03 -2.75
N PHE A 21 -20.28 -1.59 -3.97
CA PHE A 21 -19.44 -0.44 -4.21
C PHE A 21 -20.25 0.83 -4.25
N CYS A 22 -19.92 1.72 -3.36
CA CYS A 22 -20.63 2.96 -3.21
C CYS A 22 -19.64 4.10 -3.36
N GLU A 23 -20.09 5.33 -3.39
CA GLU A 23 -19.17 6.43 -3.56
C GLU A 23 -18.39 6.68 -2.27
N ALA A 24 -17.18 7.09 -2.42
CA ALA A 24 -16.30 7.37 -1.33
C ALA A 24 -15.29 8.41 -1.71
N LYS A 25 -14.91 9.19 -0.76
CA LYS A 25 -13.95 10.23 -1.00
C LYS A 25 -12.72 9.92 -0.17
N ILE A 26 -11.55 9.92 -0.80
CA ILE A 26 -10.31 9.62 -0.11
C ILE A 26 -9.99 10.64 1.00
N LYS A 27 -9.97 10.15 2.22
CA LYS A 27 -9.68 10.92 3.42
C LYS A 27 -8.18 10.89 3.71
N THR A 28 -7.58 9.74 3.53
CA THR A 28 -6.17 9.55 3.82
C THR A 28 -5.54 8.59 2.81
N VAL A 29 -4.30 8.84 2.51
CA VAL A 29 -3.52 8.06 1.59
C VAL A 29 -2.23 7.68 2.24
N LYS A 30 -1.94 6.44 2.20
CA LYS A 30 -0.68 5.96 2.65
C LYS A 30 0.04 5.31 1.52
N ARG A 31 1.00 6.01 0.96
CA ARG A 31 1.88 5.43 0.00
C ARG A 31 2.84 4.61 0.81
N LEU A 32 2.48 3.39 1.06
CA LEU A 32 3.22 2.58 1.95
C LEU A 32 3.91 1.49 1.26
N VAL A 33 4.96 1.08 1.85
CA VAL A 33 5.71 0.03 1.32
C VAL A 33 5.63 -1.10 2.29
N LYS A 34 5.13 -2.23 1.86
CA LYS A 34 5.08 -3.36 2.73
C LYS A 34 6.41 -4.06 2.64
N VAL A 35 7.19 -3.78 3.61
CA VAL A 35 8.51 -4.25 3.76
C VAL A 35 8.52 -5.61 4.43
N LYS A 36 9.12 -6.55 3.75
CA LYS A 36 9.39 -7.84 4.27
C LYS A 36 10.73 -7.73 4.97
N VAL A 37 10.73 -7.91 6.24
CA VAL A 37 11.94 -7.80 7.01
C VAL A 37 12.29 -9.08 7.69
N LEU A 38 13.55 -9.33 7.74
CA LEU A 38 14.10 -10.48 8.38
C LEU A 38 14.75 -9.99 9.65
N LEU A 39 14.25 -10.44 10.80
CA LEU A 39 14.77 -9.97 12.07
C LEU A 39 16.10 -10.63 12.30
N LYS A 40 17.14 -9.87 12.53
CA LYS A 40 18.46 -10.50 12.69
C LYS A 40 18.64 -11.24 14.02
N GLN A 41 17.96 -10.80 15.06
CA GLN A 41 18.05 -11.46 16.36
C GLN A 41 17.20 -12.73 16.39
N ASP A 42 16.03 -12.67 15.78
CA ASP A 42 15.10 -13.81 15.83
C ASP A 42 15.28 -14.72 14.63
N ASN A 43 15.80 -14.15 13.54
CA ASN A 43 16.02 -14.86 12.26
C ASN A 43 14.71 -15.17 11.57
N THR A 44 13.68 -14.43 11.93
CA THR A 44 12.38 -14.61 11.33
C THR A 44 12.14 -13.57 10.30
N THR A 45 10.99 -13.59 9.79
CA THR A 45 10.59 -12.68 8.78
C THR A 45 9.19 -12.15 9.09
N GLN A 46 9.02 -10.90 8.87
CA GLN A 46 7.80 -10.17 9.08
C GLN A 46 7.55 -9.39 7.81
N LEU A 47 6.33 -9.01 7.55
CA LEU A 47 6.06 -8.16 6.42
C LEU A 47 5.00 -7.17 6.83
N VAL A 48 5.45 -5.97 7.07
CA VAL A 48 4.64 -4.90 7.62
C VAL A 48 4.73 -3.68 6.72
N GLN A 49 4.09 -2.61 7.09
CA GLN A 49 4.10 -1.44 6.25
C GLN A 49 5.08 -0.36 6.71
N ASP A 50 5.20 0.64 5.86
CA ASP A 50 6.06 1.87 5.96
C ASP A 50 6.06 2.52 7.35
N ASP A 51 4.99 2.38 8.05
CA ASP A 51 4.79 3.05 9.34
C ASP A 51 5.45 2.28 10.45
N GLN A 52 5.56 0.99 10.27
CA GLN A 52 6.12 0.12 11.29
C GLN A 52 7.61 0.00 11.09
N VAL A 53 8.03 0.39 9.92
CA VAL A 53 9.42 0.30 9.56
C VAL A 53 10.12 1.62 9.75
N LYS A 54 10.97 1.63 10.72
CA LYS A 54 11.72 2.81 11.04
C LYS A 54 13.11 2.65 10.44
N GLY A 55 13.36 3.40 9.40
CA GLY A 55 14.64 3.33 8.76
C GLY A 55 14.51 3.37 7.25
N PRO A 56 15.61 3.15 6.49
CA PRO A 56 15.60 3.22 5.03
C PRO A 56 14.92 2.05 4.36
N LEU A 57 14.16 2.34 3.37
CA LEU A 57 13.48 1.31 2.63
C LEU A 57 14.41 0.89 1.49
N ARG A 58 15.34 0.05 1.82
CA ARG A 58 16.31 -0.44 0.88
C ARG A 58 16.53 -1.90 1.12
N VAL A 59 16.43 -2.69 0.09
CA VAL A 59 16.58 -4.12 0.21
C VAL A 59 18.00 -4.44 0.62
N GLY A 60 18.12 -5.02 1.79
CA GLY A 60 19.39 -5.34 2.34
C GLY A 60 19.86 -4.34 3.38
N ALA A 61 19.00 -3.40 3.75
CA ALA A 61 19.38 -2.39 4.75
C ALA A 61 18.88 -2.77 6.13
N ILE A 62 19.40 -2.10 7.15
CA ILE A 62 19.00 -2.32 8.52
C ILE A 62 17.95 -1.30 8.93
N VAL A 63 16.83 -1.78 9.38
CA VAL A 63 15.76 -0.95 9.88
C VAL A 63 15.30 -1.50 11.20
N GLU A 64 14.37 -0.84 11.79
CA GLU A 64 13.76 -1.30 12.99
C GLU A 64 12.29 -1.43 12.71
N THR A 65 11.79 -2.59 12.87
CA THR A 65 10.42 -2.87 12.55
C THR A 65 9.68 -3.25 13.79
N ARG A 66 8.39 -3.10 13.76
CA ARG A 66 7.56 -3.52 14.85
C ARG A 66 7.32 -4.97 14.84
N THR A 67 7.27 -5.51 16.01
CA THR A 67 6.96 -6.87 16.18
C THR A 67 5.49 -7.02 16.53
N SER A 68 5.02 -8.23 16.62
CA SER A 68 3.65 -8.49 16.94
C SER A 68 3.36 -8.29 18.43
N ASP A 69 4.42 -8.27 19.23
CA ASP A 69 4.29 -8.00 20.66
C ASP A 69 4.27 -6.49 20.89
N GLY A 70 4.79 -5.73 19.94
CA GLY A 70 4.72 -4.30 20.01
C GLY A 70 6.06 -3.61 20.20
N SER A 71 7.13 -4.35 20.15
CA SER A 71 8.45 -3.77 20.30
C SER A 71 9.10 -3.56 18.93
N PHE A 72 10.28 -2.98 18.91
CA PHE A 72 11.03 -2.82 17.69
C PHE A 72 12.21 -3.76 17.64
N GLN A 73 12.41 -4.35 16.51
CA GLN A 73 13.51 -5.25 16.25
C GLN A 73 14.31 -4.75 15.08
N GLU A 74 15.61 -4.91 15.18
CA GLU A 74 16.50 -4.57 14.11
C GLU A 74 16.40 -5.63 13.03
N ALA A 75 16.00 -5.23 11.89
CA ALA A 75 15.77 -6.17 10.84
C ALA A 75 16.36 -5.72 9.55
N ILE A 76 16.43 -6.64 8.61
CA ILE A 76 16.95 -6.36 7.28
C ILE A 76 15.80 -6.44 6.29
N ILE A 77 15.80 -5.57 5.31
CA ILE A 77 14.79 -5.63 4.26
C ILE A 77 15.08 -6.79 3.32
N SER A 78 14.13 -7.67 3.18
CA SER A 78 14.22 -8.79 2.28
C SER A 78 13.42 -8.51 0.99
N LYS A 79 12.40 -7.68 1.11
CA LYS A 79 11.50 -7.36 0.00
C LYS A 79 10.75 -6.10 0.34
N LEU A 80 10.53 -5.27 -0.61
CA LEU A 80 9.67 -4.13 -0.41
C LEU A 80 8.53 -4.27 -1.37
N THR A 81 7.35 -4.20 -0.88
CA THR A 81 6.19 -4.30 -1.70
C THR A 81 5.56 -2.91 -1.81
N ASP A 82 5.74 -2.26 -2.94
CA ASP A 82 5.20 -0.92 -3.16
C ASP A 82 3.69 -0.98 -3.22
N ALA A 83 3.05 -0.26 -2.33
CA ALA A 83 1.63 -0.30 -2.17
C ALA A 83 1.09 1.08 -1.82
N SER A 84 -0.19 1.15 -1.59
CA SER A 84 -0.87 2.34 -1.16
C SER A 84 -2.23 1.95 -0.61
N TRP A 85 -2.60 2.53 0.50
CA TRP A 85 -3.91 2.31 1.08
C TRP A 85 -4.64 3.59 1.15
N TYR A 86 -5.92 3.52 0.96
CA TYR A 86 -6.75 4.67 0.92
C TYR A 86 -7.84 4.52 1.93
N THR A 87 -7.91 5.43 2.82
CA THR A 87 -8.97 5.47 3.74
C THR A 87 -9.98 6.42 3.17
N VAL A 88 -11.04 5.86 2.72
CA VAL A 88 -12.06 6.62 2.06
C VAL A 88 -13.29 6.70 2.93
N VAL A 89 -13.97 7.79 2.85
CA VAL A 89 -15.17 7.98 3.61
C VAL A 89 -16.36 7.81 2.68
N PHE A 90 -17.27 6.98 3.10
CA PHE A 90 -18.38 6.59 2.28
C PHE A 90 -19.57 7.51 2.47
N ASP A 91 -20.61 7.20 1.72
CA ASP A 91 -21.91 7.91 1.74
C ASP A 91 -22.50 8.03 3.15
N ASP A 92 -22.36 6.98 3.94
CA ASP A 92 -22.93 6.93 5.29
C ASP A 92 -22.07 7.67 6.30
N GLY A 93 -20.88 7.99 5.91
CA GLY A 93 -20.00 8.77 6.74
C GLY A 93 -18.91 7.97 7.41
N ASP A 94 -18.89 6.69 7.16
CA ASP A 94 -17.86 5.83 7.74
C ASP A 94 -16.66 5.81 6.84
N GLU A 95 -15.51 5.55 7.37
CA GLU A 95 -14.33 5.55 6.60
C GLU A 95 -13.55 4.27 6.86
N ARG A 96 -13.03 3.69 5.82
CA ARG A 96 -12.31 2.45 5.90
C ARG A 96 -11.11 2.50 4.99
N THR A 97 -10.14 1.66 5.24
CA THR A 97 -8.93 1.63 4.50
C THR A 97 -8.96 0.45 3.49
N LEU A 98 -8.90 0.78 2.20
CA LEU A 98 -8.97 -0.19 1.10
C LEU A 98 -7.93 0.11 0.01
N ARG A 99 -7.70 -0.87 -0.86
CA ARG A 99 -6.81 -0.70 -2.00
C ARG A 99 -7.63 -0.43 -3.27
N ARG A 100 -6.97 -0.43 -4.45
CA ARG A 100 -7.69 -0.11 -5.72
C ARG A 100 -8.53 -1.29 -6.15
N THR A 101 -8.41 -2.39 -5.45
CA THR A 101 -9.20 -3.58 -5.70
C THR A 101 -10.65 -3.34 -5.28
N SER A 102 -10.84 -2.37 -4.43
CA SER A 102 -12.15 -1.99 -4.00
C SER A 102 -12.55 -0.66 -4.64
N LEU A 103 -11.56 0.07 -5.18
CA LEU A 103 -11.83 1.39 -5.72
C LEU A 103 -12.11 1.32 -7.18
N CYS A 104 -13.20 1.88 -7.58
CA CYS A 104 -13.62 1.81 -8.93
C CYS A 104 -13.19 3.05 -9.68
N LEU A 105 -12.02 2.98 -10.26
CA LEU A 105 -11.54 4.00 -11.16
C LEU A 105 -12.10 3.73 -12.54
N LYS A 106 -12.39 2.47 -12.76
CA LYS A 106 -12.97 2.00 -13.98
C LYS A 106 -13.95 0.90 -13.60
N GLY A 107 -14.53 0.23 -14.57
CA GLY A 107 -15.42 -0.85 -14.27
C GLY A 107 -16.86 -0.41 -14.25
N GLU A 108 -17.67 -1.13 -14.94
CA GLU A 108 -19.07 -0.87 -15.01
C GLU A 108 -19.73 -2.24 -15.03
N ARG A 109 -20.92 -2.35 -14.46
CA ARG A 109 -21.63 -3.65 -14.22
C ARG A 109 -20.96 -4.43 -13.09
N HIS A 110 -19.69 -4.70 -13.24
CA HIS A 110 -18.89 -5.35 -12.22
C HIS A 110 -17.58 -4.59 -12.16
N PHE A 111 -16.90 -4.64 -11.06
CA PHE A 111 -15.60 -4.02 -10.98
C PHE A 111 -14.57 -5.04 -10.52
N ALA A 112 -13.48 -5.17 -11.32
CA ALA A 112 -12.30 -6.05 -11.06
C ALA A 112 -12.67 -7.53 -11.18
N GLU A 113 -13.71 -7.89 -10.49
CA GLU A 113 -14.25 -9.23 -10.44
C GLU A 113 -14.99 -9.56 -11.74
N SER A 114 -14.89 -8.65 -12.69
CA SER A 114 -15.40 -8.82 -14.03
C SER A 114 -14.64 -9.97 -14.71
N GLU A 115 -13.46 -10.29 -14.16
CA GLU A 115 -12.64 -11.41 -14.59
C GLU A 115 -13.38 -12.72 -14.29
N THR A 116 -14.27 -12.67 -13.32
CA THR A 116 -15.07 -13.78 -12.97
C THR A 116 -16.44 -13.62 -13.61
N LEU A 117 -16.60 -14.27 -14.72
CA LEU A 117 -17.82 -14.23 -15.48
C LEU A 117 -17.87 -15.57 -16.21
N ASP A 118 -16.90 -15.77 -17.06
CA ASP A 118 -16.75 -17.01 -17.77
C ASP A 118 -15.31 -17.12 -18.14
N ALA A 1 -5.19 9.00 -11.72
CA ALA A 1 -3.84 8.49 -11.49
C ALA A 1 -3.18 8.17 -12.79
N ASP A 2 -1.96 8.60 -12.92
CA ASP A 2 -1.11 8.27 -14.06
C ASP A 2 -0.12 7.23 -13.60
N GLU A 3 0.18 7.36 -12.33
CA GLU A 3 1.15 6.61 -11.62
C GLU A 3 0.63 5.19 -11.36
N PRO A 4 1.28 4.16 -11.93
CA PRO A 4 0.86 2.78 -11.73
C PRO A 4 1.63 2.07 -10.59
N ALA A 5 2.62 2.73 -10.01
CA ALA A 5 3.41 2.12 -8.96
C ALA A 5 2.81 2.40 -7.60
N TYR A 6 2.00 3.42 -7.56
CA TYR A 6 1.27 3.87 -6.44
C TYR A 6 0.29 4.84 -7.03
N LEU A 7 -0.91 4.80 -6.61
CA LEU A 7 -1.92 5.64 -7.19
C LEU A 7 -1.95 7.03 -6.55
N THR A 8 -2.83 7.87 -7.05
CA THR A 8 -2.93 9.23 -6.61
C THR A 8 -4.39 9.61 -6.34
N VAL A 9 -4.58 10.75 -5.71
CA VAL A 9 -5.88 11.26 -5.32
C VAL A 9 -6.73 11.66 -6.54
N GLY A 10 -8.04 11.52 -6.42
CA GLY A 10 -8.96 11.95 -7.44
C GLY A 10 -9.27 10.88 -8.44
N THR A 11 -8.61 9.77 -8.33
CA THR A 11 -8.77 8.69 -9.23
C THR A 11 -9.98 7.85 -8.83
N ASP A 12 -10.72 7.41 -9.81
CA ASP A 12 -11.85 6.52 -9.61
C ASP A 12 -11.43 5.15 -10.05
N VAL A 13 -11.29 4.27 -9.12
CA VAL A 13 -10.90 2.92 -9.44
C VAL A 13 -11.88 1.98 -8.82
N SER A 14 -11.77 0.73 -9.13
CA SER A 14 -12.69 -0.21 -8.59
C SER A 14 -12.11 -0.86 -7.33
N ALA A 15 -12.95 -1.10 -6.36
CA ALA A 15 -12.55 -1.68 -5.10
C ALA A 15 -13.49 -2.78 -4.72
N LYS A 16 -12.97 -3.94 -4.38
CA LYS A 16 -13.80 -5.03 -4.00
C LYS A 16 -13.95 -5.09 -2.51
N TYR A 17 -15.16 -4.98 -2.08
CA TYR A 17 -15.47 -5.03 -0.72
C TYR A 17 -16.41 -6.20 -0.52
N ARG A 18 -15.99 -7.14 0.31
CA ARG A 18 -16.73 -8.39 0.56
C ARG A 18 -16.83 -9.22 -0.71
N GLY A 19 -15.86 -9.03 -1.58
CA GLY A 19 -15.80 -9.77 -2.83
C GLY A 19 -16.49 -9.06 -3.98
N ALA A 20 -17.29 -8.08 -3.69
CA ALA A 20 -18.03 -7.36 -4.72
C ALA A 20 -17.38 -6.03 -4.96
N PHE A 21 -17.12 -5.72 -6.19
CA PHE A 21 -16.45 -4.48 -6.50
C PHE A 21 -17.31 -3.39 -7.06
N CYS A 22 -17.24 -2.30 -6.37
CA CYS A 22 -17.87 -1.07 -6.75
C CYS A 22 -16.72 -0.12 -7.00
N GLU A 23 -16.95 0.91 -7.70
CA GLU A 23 -15.92 1.87 -7.93
C GLU A 23 -15.95 2.92 -6.87
N ALA A 24 -14.83 3.42 -6.60
CA ALA A 24 -14.64 4.34 -5.56
C ALA A 24 -13.60 5.33 -5.96
N LYS A 25 -13.75 6.51 -5.47
CA LYS A 25 -12.86 7.56 -5.82
C LYS A 25 -11.87 7.84 -4.67
N ILE A 26 -10.60 7.83 -4.98
CA ILE A 26 -9.53 7.98 -4.00
C ILE A 26 -9.47 9.39 -3.41
N LYS A 27 -9.64 9.47 -2.10
CA LYS A 27 -9.57 10.71 -1.35
C LYS A 27 -8.17 10.91 -0.88
N THR A 28 -7.67 9.93 -0.22
CA THR A 28 -6.40 10.03 0.41
C THR A 28 -5.53 8.84 0.03
N VAL A 29 -4.26 9.11 -0.14
CA VAL A 29 -3.28 8.13 -0.49
C VAL A 29 -2.15 8.20 0.49
N LYS A 30 -1.86 7.09 1.10
CA LYS A 30 -0.69 6.99 1.92
C LYS A 30 0.23 6.05 1.24
N ARG A 31 1.37 6.52 0.86
CA ARG A 31 2.36 5.66 0.24
C ARG A 31 2.92 4.76 1.32
N LEU A 32 2.56 3.52 1.25
CA LEU A 32 2.92 2.58 2.24
C LEU A 32 3.52 1.38 1.59
N VAL A 33 4.55 0.91 2.15
CA VAL A 33 5.27 -0.18 1.60
C VAL A 33 5.19 -1.35 2.56
N LYS A 34 4.89 -2.51 2.03
CA LYS A 34 4.97 -3.72 2.79
C LYS A 34 6.39 -4.17 2.70
N VAL A 35 7.09 -3.93 3.72
CA VAL A 35 8.47 -4.22 3.78
C VAL A 35 8.65 -5.61 4.35
N LYS A 36 9.22 -6.48 3.56
CA LYS A 36 9.51 -7.82 3.99
C LYS A 36 10.78 -7.73 4.77
N VAL A 37 10.67 -7.80 6.04
CA VAL A 37 11.82 -7.70 6.89
C VAL A 37 12.10 -8.98 7.55
N LEU A 38 13.33 -9.21 7.67
CA LEU A 38 13.88 -10.37 8.27
C LEU A 38 14.52 -9.94 9.54
N LEU A 39 14.02 -10.44 10.63
CA LEU A 39 14.55 -10.12 11.92
C LEU A 39 15.86 -10.86 12.05
N LYS A 40 16.97 -10.17 12.02
CA LYS A 40 18.27 -10.82 12.05
C LYS A 40 18.51 -11.62 13.33
N GLN A 41 17.94 -11.17 14.42
CA GLN A 41 18.13 -11.83 15.68
C GLN A 41 17.23 -13.06 15.82
N ASP A 42 16.01 -12.96 15.36
CA ASP A 42 15.04 -14.05 15.55
C ASP A 42 15.00 -14.97 14.33
N ASN A 43 15.38 -14.42 13.19
CA ASN A 43 15.41 -15.10 11.88
C ASN A 43 14.03 -15.31 11.28
N THR A 44 13.09 -14.52 11.71
CA THR A 44 11.76 -14.57 11.18
C THR A 44 11.49 -13.41 10.24
N THR A 45 10.63 -13.64 9.28
CA THR A 45 10.34 -12.66 8.28
C THR A 45 8.86 -12.27 8.34
N GLN A 46 8.56 -11.06 7.93
CA GLN A 46 7.20 -10.54 7.87
C GLN A 46 7.14 -9.39 6.89
N LEU A 47 5.95 -9.07 6.46
CA LEU A 47 5.66 -7.96 5.58
C LEU A 47 4.86 -6.96 6.36
N VAL A 48 5.50 -5.93 6.78
CA VAL A 48 4.85 -4.92 7.59
C VAL A 48 4.86 -3.60 6.90
N GLN A 49 4.18 -2.64 7.45
CA GLN A 49 4.04 -1.37 6.80
C GLN A 49 5.22 -0.45 7.08
N ASP A 50 5.36 0.57 6.25
CA ASP A 50 6.46 1.54 6.30
C ASP A 50 6.42 2.35 7.58
N ASP A 51 5.27 2.38 8.21
CA ASP A 51 5.04 3.19 9.40
C ASP A 51 5.65 2.48 10.61
N GLN A 52 5.81 1.19 10.47
CA GLN A 52 6.37 0.35 11.51
C GLN A 52 7.84 0.11 11.25
N VAL A 53 8.25 0.47 10.07
CA VAL A 53 9.63 0.32 9.66
C VAL A 53 10.41 1.61 9.83
N LYS A 54 11.31 1.60 10.75
CA LYS A 54 12.16 2.74 11.02
C LYS A 54 13.50 2.58 10.35
N GLY A 55 13.70 3.28 9.27
CA GLY A 55 14.97 3.22 8.58
C GLY A 55 14.81 3.22 7.07
N PRO A 56 15.93 3.19 6.32
CA PRO A 56 15.92 3.21 4.84
C PRO A 56 15.22 2.01 4.21
N LEU A 57 14.49 2.28 3.18
CA LEU A 57 13.81 1.24 2.45
C LEU A 57 14.73 0.73 1.37
N ARG A 58 15.61 -0.17 1.78
CA ARG A 58 16.56 -0.81 0.91
C ARG A 58 16.70 -2.25 1.26
N VAL A 59 16.70 -3.10 0.27
CA VAL A 59 16.89 -4.51 0.51
C VAL A 59 18.31 -4.73 0.99
N GLY A 60 18.42 -5.24 2.18
CA GLY A 60 19.70 -5.43 2.79
C GLY A 60 20.03 -4.35 3.79
N ALA A 61 19.09 -3.45 4.08
CA ALA A 61 19.36 -2.39 5.03
C ALA A 61 18.86 -2.75 6.40
N ILE A 62 19.44 -2.15 7.42
CA ILE A 62 19.07 -2.41 8.78
C ILE A 62 18.08 -1.35 9.24
N VAL A 63 16.92 -1.78 9.55
CA VAL A 63 15.87 -0.93 10.00
C VAL A 63 15.35 -1.46 11.29
N GLU A 64 14.54 -0.72 11.93
CA GLU A 64 13.90 -1.21 13.11
C GLU A 64 12.45 -1.34 12.83
N THR A 65 11.96 -2.51 12.97
CA THR A 65 10.62 -2.78 12.62
C THR A 65 9.87 -3.24 13.84
N ARG A 66 8.58 -3.10 13.78
CA ARG A 66 7.72 -3.44 14.86
C ARG A 66 7.43 -4.94 14.84
N THR A 67 7.67 -5.60 15.94
CA THR A 67 7.38 -7.00 16.04
C THR A 67 5.94 -7.18 16.57
N SER A 68 5.52 -8.41 16.81
CA SER A 68 4.18 -8.68 17.30
C SER A 68 3.97 -8.14 18.73
N ASP A 69 5.07 -8.04 19.50
CA ASP A 69 5.01 -7.55 20.89
C ASP A 69 4.93 -6.03 20.93
N GLY A 70 5.08 -5.43 19.76
CA GLY A 70 5.04 -3.99 19.65
C GLY A 70 6.42 -3.39 19.71
N SER A 71 7.35 -4.16 20.21
CA SER A 71 8.72 -3.74 20.36
C SER A 71 9.39 -3.69 19.00
N PHE A 72 10.21 -2.71 18.80
CA PHE A 72 10.94 -2.58 17.56
C PHE A 72 12.26 -3.33 17.67
N GLN A 73 12.57 -4.11 16.68
CA GLN A 73 13.81 -4.87 16.65
C GLN A 73 14.53 -4.49 15.38
N GLU A 74 15.84 -4.46 15.40
CA GLU A 74 16.56 -4.15 14.19
C GLU A 74 16.61 -5.34 13.26
N ALA A 75 16.02 -5.15 12.14
CA ALA A 75 15.81 -6.16 11.14
C ALA A 75 16.38 -5.72 9.80
N ILE A 76 16.37 -6.62 8.83
CA ILE A 76 16.91 -6.32 7.52
C ILE A 76 15.80 -6.39 6.48
N ILE A 77 15.82 -5.54 5.48
CA ILE A 77 14.84 -5.63 4.40
C ILE A 77 15.21 -6.77 3.46
N SER A 78 14.29 -7.67 3.25
CA SER A 78 14.49 -8.79 2.37
C SER A 78 13.76 -8.51 1.02
N LYS A 79 12.79 -7.60 1.04
CA LYS A 79 12.01 -7.20 -0.13
C LYS A 79 11.12 -6.06 0.26
N LEU A 80 10.76 -5.22 -0.65
CA LEU A 80 9.80 -4.20 -0.39
C LEU A 80 8.70 -4.19 -1.45
N THR A 81 7.51 -4.48 -1.01
CA THR A 81 6.36 -4.59 -1.87
C THR A 81 5.47 -3.36 -1.67
N ASP A 82 5.16 -2.64 -2.74
CA ASP A 82 4.36 -1.43 -2.60
C ASP A 82 2.92 -1.80 -2.37
N ALA A 83 2.32 -1.22 -1.37
CA ALA A 83 0.96 -1.51 -1.03
C ALA A 83 0.16 -0.24 -1.11
N SER A 84 0.46 0.66 -0.19
CA SER A 84 -0.18 1.94 -0.05
C SER A 84 -1.66 1.84 0.40
N TRP A 85 -2.07 2.81 1.18
CA TRP A 85 -3.45 2.90 1.61
C TRP A 85 -4.20 3.83 0.70
N TYR A 86 -5.35 3.42 0.28
CA TYR A 86 -6.17 4.24 -0.56
C TYR A 86 -7.53 4.36 0.08
N THR A 87 -7.77 5.50 0.64
CA THR A 87 -9.03 5.81 1.20
C THR A 87 -9.91 6.29 0.09
N VAL A 88 -10.82 5.47 -0.29
CA VAL A 88 -11.66 5.72 -1.41
C VAL A 88 -13.10 5.93 -0.97
N VAL A 89 -13.76 6.83 -1.62
CA VAL A 89 -15.12 7.15 -1.34
C VAL A 89 -16.04 6.44 -2.32
N PHE A 90 -16.97 5.71 -1.79
CA PHE A 90 -17.93 4.99 -2.61
C PHE A 90 -19.11 5.88 -2.93
N ASP A 91 -20.04 5.32 -3.70
CA ASP A 91 -21.30 5.99 -4.07
C ASP A 91 -22.08 6.46 -2.84
N ASP A 92 -21.94 5.72 -1.77
CA ASP A 92 -22.59 6.00 -0.49
C ASP A 92 -22.07 7.29 0.13
N GLY A 93 -20.95 7.76 -0.34
CA GLY A 93 -20.36 8.95 0.20
C GLY A 93 -19.51 8.65 1.42
N ASP A 94 -19.33 7.38 1.68
CA ASP A 94 -18.49 6.96 2.78
C ASP A 94 -17.16 6.63 2.19
N GLU A 95 -16.13 7.06 2.84
CA GLU A 95 -14.81 6.75 2.38
C GLU A 95 -14.18 5.72 3.29
N ARG A 96 -13.71 4.68 2.69
CA ARG A 96 -13.13 3.57 3.39
C ARG A 96 -11.72 3.38 2.88
N THR A 97 -10.84 2.98 3.75
CA THR A 97 -9.49 2.71 3.36
C THR A 97 -9.38 1.27 2.89
N LEU A 98 -8.98 1.10 1.66
CA LEU A 98 -8.88 -0.21 1.05
C LEU A 98 -7.45 -0.62 0.85
N ARG A 99 -7.27 -1.88 0.58
CA ARG A 99 -5.99 -2.48 0.39
C ARG A 99 -5.67 -2.48 -1.10
N ARG A 100 -4.39 -2.44 -1.42
CA ARG A 100 -3.88 -2.43 -2.80
C ARG A 100 -4.47 -3.54 -3.64
N THR A 101 -4.43 -4.72 -3.09
CA THR A 101 -4.88 -5.92 -3.75
C THR A 101 -6.41 -6.08 -3.70
N SER A 102 -7.09 -5.03 -3.29
CA SER A 102 -8.50 -4.99 -3.26
C SER A 102 -8.98 -3.87 -4.16
N LEU A 103 -8.03 -3.25 -4.84
CA LEU A 103 -8.27 -2.12 -5.68
C LEU A 103 -7.92 -2.48 -7.12
N CYS A 104 -8.33 -1.67 -8.07
CA CYS A 104 -8.10 -1.99 -9.45
C CYS A 104 -7.57 -0.81 -10.25
N LEU A 105 -6.32 -0.92 -10.59
CA LEU A 105 -5.63 -0.09 -11.57
C LEU A 105 -4.30 -0.79 -11.78
N LYS A 106 -3.64 -1.08 -10.67
CA LYS A 106 -2.50 -1.94 -10.66
C LYS A 106 -2.38 -2.49 -9.26
N GLY A 107 -1.95 -3.71 -9.14
CA GLY A 107 -2.07 -4.41 -7.89
C GLY A 107 -3.36 -5.16 -7.94
N GLU A 108 -3.71 -5.54 -9.17
CA GLU A 108 -4.97 -6.15 -9.57
C GLU A 108 -5.13 -7.56 -9.03
N ARG A 109 -4.08 -8.09 -8.49
CA ARG A 109 -4.09 -9.42 -7.97
C ARG A 109 -4.88 -9.46 -6.67
N HIS A 110 -5.73 -10.48 -6.56
CA HIS A 110 -6.75 -10.66 -5.47
C HIS A 110 -8.03 -9.94 -5.85
N PHE A 111 -7.88 -8.76 -6.47
CA PHE A 111 -9.01 -8.07 -7.04
C PHE A 111 -9.56 -8.94 -8.14
N ALA A 112 -8.74 -9.13 -9.12
CA ALA A 112 -9.02 -10.04 -10.16
C ALA A 112 -8.27 -11.29 -9.80
N GLU A 113 -8.92 -12.14 -9.07
CA GLU A 113 -8.34 -13.36 -8.61
C GLU A 113 -8.10 -14.32 -9.75
N SER A 114 -6.86 -14.45 -10.13
CA SER A 114 -6.51 -15.29 -11.24
C SER A 114 -5.95 -16.60 -10.69
N GLU A 115 -5.24 -16.51 -9.58
CA GLU A 115 -4.80 -17.69 -8.86
C GLU A 115 -5.53 -17.72 -7.52
N THR A 116 -6.21 -16.62 -7.23
CA THR A 116 -6.94 -16.41 -5.99
C THR A 116 -5.95 -16.04 -4.88
N LEU A 117 -5.00 -16.90 -4.63
CA LEU A 117 -3.95 -16.63 -3.70
C LEU A 117 -2.74 -16.10 -4.47
N ASP A 118 -3.03 -15.16 -5.36
CA ASP A 118 -2.03 -14.48 -6.18
C ASP A 118 -1.00 -13.79 -5.28
N ALA A 1 8.81 12.07 -14.03
CA ALA A 1 9.17 12.37 -12.63
C ALA A 1 8.08 13.13 -11.92
N ASP A 2 7.24 13.82 -12.68
CA ASP A 2 6.12 14.58 -12.13
C ASP A 2 5.12 13.61 -11.52
N GLU A 3 5.01 12.48 -12.17
CA GLU A 3 4.26 11.35 -11.71
C GLU A 3 5.22 10.34 -11.05
N PRO A 4 5.15 10.18 -9.74
CA PRO A 4 6.03 9.27 -9.02
C PRO A 4 5.46 7.84 -8.92
N ALA A 5 5.95 7.06 -7.97
CA ALA A 5 5.52 5.68 -7.77
C ALA A 5 4.31 5.62 -6.84
N TYR A 6 3.63 6.72 -6.73
CA TYR A 6 2.49 6.88 -5.95
C TYR A 6 1.69 7.97 -6.60
N LEU A 7 0.44 7.88 -6.48
CA LEU A 7 -0.44 8.90 -6.98
C LEU A 7 -0.72 9.87 -5.85
N THR A 8 -1.43 10.92 -6.13
CA THR A 8 -1.65 11.96 -5.17
C THR A 8 -3.13 12.35 -5.17
N VAL A 9 -3.57 12.99 -4.10
CA VAL A 9 -4.95 13.40 -4.01
C VAL A 9 -5.27 14.51 -4.97
N GLY A 10 -6.49 14.52 -5.40
CA GLY A 10 -6.95 15.56 -6.29
C GLY A 10 -7.03 15.14 -7.73
N THR A 11 -6.55 13.96 -8.05
CA THR A 11 -6.63 13.52 -9.40
C THR A 11 -7.75 12.50 -9.53
N ASP A 12 -8.16 12.24 -10.74
CA ASP A 12 -9.32 11.41 -10.99
C ASP A 12 -8.88 10.19 -11.75
N VAL A 13 -9.26 9.05 -11.27
CA VAL A 13 -8.84 7.81 -11.85
C VAL A 13 -10.03 6.93 -12.11
N SER A 14 -9.76 5.85 -12.74
CA SER A 14 -10.75 4.85 -12.94
C SER A 14 -10.34 3.66 -12.06
N ALA A 15 -11.20 3.27 -11.17
CA ALA A 15 -10.94 2.17 -10.27
C ALA A 15 -11.77 0.98 -10.69
N LYS A 16 -11.24 -0.21 -10.56
CA LYS A 16 -11.98 -1.40 -10.99
C LYS A 16 -12.72 -2.04 -9.82
N TYR A 17 -13.99 -2.26 -10.00
CA TYR A 17 -14.83 -2.91 -9.02
C TYR A 17 -15.63 -3.97 -9.74
N ARG A 18 -15.50 -5.21 -9.32
CA ARG A 18 -16.22 -6.35 -9.92
C ARG A 18 -15.87 -6.52 -11.41
N GLY A 19 -14.69 -6.07 -11.78
CA GLY A 19 -14.26 -6.18 -13.16
C GLY A 19 -14.74 -5.02 -14.02
N ALA A 20 -15.45 -4.11 -13.42
CA ALA A 20 -15.97 -2.97 -14.12
C ALA A 20 -15.21 -1.74 -13.67
N PHE A 21 -15.05 -0.79 -14.53
CA PHE A 21 -14.31 0.41 -14.20
C PHE A 21 -15.27 1.50 -13.79
N CYS A 22 -14.97 2.14 -12.72
CA CYS A 22 -15.79 3.22 -12.23
C CYS A 22 -14.90 4.42 -11.98
N GLU A 23 -15.39 5.58 -12.30
CA GLU A 23 -14.69 6.78 -12.15
C GLU A 23 -14.71 7.19 -10.71
N ALA A 24 -13.57 7.54 -10.23
CA ALA A 24 -13.41 7.92 -8.85
C ALA A 24 -12.24 8.84 -8.68
N LYS A 25 -12.36 9.78 -7.79
CA LYS A 25 -11.34 10.75 -7.60
C LYS A 25 -10.60 10.46 -6.31
N ILE A 26 -9.30 10.50 -6.36
CA ILE A 26 -8.47 10.19 -5.20
C ILE A 26 -8.68 11.21 -4.10
N LYS A 27 -9.30 10.75 -3.03
CA LYS A 27 -9.59 11.56 -1.90
C LYS A 27 -8.51 11.42 -0.84
N THR A 28 -8.03 10.21 -0.65
CA THR A 28 -6.99 9.96 0.33
C THR A 28 -5.90 9.07 -0.29
N VAL A 29 -4.68 9.35 0.09
CA VAL A 29 -3.51 8.63 -0.37
C VAL A 29 -2.77 8.11 0.82
N LYS A 30 -2.56 6.84 0.83
CA LYS A 30 -1.78 6.24 1.85
C LYS A 30 -0.56 5.58 1.26
N ARG A 31 0.58 6.12 1.57
CA ARG A 31 1.84 5.58 1.12
C ARG A 31 2.22 4.37 1.92
N LEU A 32 1.90 3.22 1.39
CA LEU A 32 2.22 1.99 2.04
C LEU A 32 3.04 1.12 1.20
N VAL A 33 4.21 0.92 1.65
CA VAL A 33 5.07 -0.05 1.07
C VAL A 33 5.28 -1.09 2.12
N LYS A 34 4.81 -2.27 1.88
CA LYS A 34 5.01 -3.34 2.79
C LYS A 34 6.39 -3.88 2.62
N VAL A 35 7.18 -3.56 3.55
CA VAL A 35 8.53 -3.91 3.57
C VAL A 35 8.67 -5.22 4.31
N LYS A 36 9.31 -6.15 3.68
CA LYS A 36 9.51 -7.41 4.26
C LYS A 36 10.87 -7.40 4.84
N VAL A 37 10.96 -7.76 6.06
CA VAL A 37 12.20 -7.78 6.75
C VAL A 37 12.49 -9.16 7.25
N LEU A 38 13.71 -9.40 7.52
CA LEU A 38 14.17 -10.63 8.06
C LEU A 38 14.87 -10.34 9.36
N LEU A 39 14.34 -10.89 10.43
CA LEU A 39 14.94 -10.72 11.73
C LEU A 39 16.24 -11.45 11.81
N LYS A 40 17.27 -10.69 12.11
CA LYS A 40 18.66 -11.17 12.15
C LYS A 40 18.80 -12.35 13.09
N GLN A 41 18.19 -12.23 14.23
CA GLN A 41 18.34 -13.21 15.30
C GLN A 41 17.44 -14.41 15.08
N ASP A 42 16.17 -14.16 15.06
CA ASP A 42 15.18 -15.23 15.04
C ASP A 42 14.97 -15.83 13.65
N ASN A 43 15.30 -15.06 12.62
CA ASN A 43 15.19 -15.49 11.22
C ASN A 43 13.77 -15.51 10.73
N THR A 44 12.91 -14.81 11.42
CA THR A 44 11.57 -14.67 11.00
C THR A 44 11.49 -13.58 9.97
N THR A 45 10.68 -13.78 9.01
CA THR A 45 10.50 -12.81 8.00
C THR A 45 9.13 -12.21 8.21
N GLN A 46 9.03 -10.95 8.08
CA GLN A 46 7.81 -10.24 8.40
C GLN A 46 7.54 -9.23 7.31
N LEU A 47 6.30 -9.06 6.93
CA LEU A 47 5.94 -8.13 5.85
C LEU A 47 4.99 -7.08 6.43
N VAL A 48 5.51 -5.89 6.71
CA VAL A 48 4.73 -4.84 7.35
C VAL A 48 5.03 -3.53 6.62
N GLN A 49 4.11 -2.60 6.64
CA GLN A 49 4.29 -1.35 5.94
C GLN A 49 5.32 -0.46 6.62
N ASP A 50 5.92 0.37 5.79
CA ASP A 50 7.03 1.31 6.12
C ASP A 50 6.73 2.26 7.27
N ASP A 51 5.50 2.34 7.68
CA ASP A 51 5.11 3.19 8.80
C ASP A 51 5.49 2.53 10.13
N GLN A 52 5.56 1.22 10.13
CA GLN A 52 5.91 0.47 11.33
C GLN A 52 7.31 -0.06 11.22
N VAL A 53 7.90 0.17 10.09
CA VAL A 53 9.27 -0.16 9.84
C VAL A 53 10.09 1.09 9.98
N LYS A 54 10.91 1.12 10.95
CA LYS A 54 11.68 2.30 11.24
C LYS A 54 13.03 2.25 10.59
N GLY A 55 13.12 2.89 9.45
CA GLY A 55 14.37 2.97 8.77
C GLY A 55 14.15 3.17 7.28
N PRO A 56 15.19 3.00 6.44
CA PRO A 56 15.08 3.13 4.99
C PRO A 56 14.47 1.88 4.34
N LEU A 57 13.73 2.08 3.28
CA LEU A 57 13.17 0.99 2.54
C LEU A 57 14.05 0.72 1.35
N ARG A 58 15.08 -0.01 1.64
CA ARG A 58 16.09 -0.40 0.70
C ARG A 58 16.46 -1.81 1.01
N VAL A 59 16.25 -2.73 0.09
CA VAL A 59 16.56 -4.14 0.35
C VAL A 59 18.01 -4.28 0.77
N GLY A 60 18.23 -4.85 1.93
CA GLY A 60 19.54 -4.94 2.47
C GLY A 60 19.83 -3.85 3.50
N ALA A 61 18.82 -3.06 3.90
CA ALA A 61 19.08 -2.04 4.91
C ALA A 61 18.69 -2.57 6.26
N ILE A 62 19.32 -2.07 7.29
CA ILE A 62 19.04 -2.47 8.64
C ILE A 62 18.04 -1.52 9.22
N VAL A 63 16.92 -2.03 9.60
CA VAL A 63 15.83 -1.25 10.09
C VAL A 63 15.29 -1.85 11.34
N GLU A 64 14.44 -1.14 12.00
CA GLU A 64 13.80 -1.69 13.14
C GLU A 64 12.35 -1.87 12.82
N THR A 65 11.89 -3.06 12.88
CA THR A 65 10.57 -3.37 12.53
C THR A 65 9.78 -3.65 13.78
N ARG A 66 8.52 -3.31 13.75
CA ARG A 66 7.64 -3.54 14.87
C ARG A 66 7.40 -5.02 15.06
N THR A 67 7.76 -5.50 16.18
CA THR A 67 7.53 -6.83 16.54
C THR A 67 6.21 -6.89 17.29
N SER A 68 5.63 -8.05 17.38
CA SER A 68 4.33 -8.24 18.02
C SER A 68 4.45 -8.15 19.56
N ASP A 69 5.63 -7.79 20.03
CA ASP A 69 5.89 -7.53 21.43
C ASP A 69 5.54 -6.07 21.71
N GLY A 70 5.27 -5.33 20.65
CA GLY A 70 4.86 -3.93 20.75
C GLY A 70 5.98 -2.97 20.43
N SER A 71 7.19 -3.43 20.55
CA SER A 71 8.35 -2.60 20.33
C SER A 71 8.92 -2.84 18.92
N PHE A 72 10.03 -2.22 18.62
CA PHE A 72 10.68 -2.41 17.34
C PHE A 72 11.99 -3.15 17.55
N GLN A 73 12.29 -4.12 16.72
CA GLN A 73 13.56 -4.85 16.81
C GLN A 73 14.33 -4.80 15.50
N GLU A 74 15.63 -4.94 15.61
CA GLU A 74 16.56 -4.80 14.49
C GLU A 74 16.41 -5.95 13.49
N ALA A 75 16.13 -5.59 12.27
CA ALA A 75 15.95 -6.52 11.19
C ALA A 75 16.57 -5.99 9.91
N ILE A 76 16.64 -6.82 8.90
CA ILE A 76 17.18 -6.37 7.60
C ILE A 76 16.05 -6.41 6.58
N ILE A 77 16.03 -5.47 5.67
CA ILE A 77 15.05 -5.47 4.59
C ILE A 77 15.33 -6.67 3.69
N SER A 78 14.35 -7.49 3.47
CA SER A 78 14.50 -8.61 2.57
C SER A 78 13.73 -8.36 1.26
N LYS A 79 12.70 -7.55 1.34
CA LYS A 79 11.87 -7.24 0.19
C LYS A 79 11.06 -5.99 0.50
N LEU A 80 10.50 -5.41 -0.51
CA LEU A 80 9.57 -4.32 -0.38
C LEU A 80 8.51 -4.44 -1.47
N THR A 81 7.28 -4.37 -1.07
CA THR A 81 6.15 -4.52 -1.95
C THR A 81 5.21 -3.35 -1.78
N ASP A 82 4.90 -2.69 -2.87
CA ASP A 82 4.08 -1.48 -2.80
C ASP A 82 2.62 -1.88 -2.69
N ALA A 83 1.92 -1.23 -1.81
CA ALA A 83 0.51 -1.48 -1.65
C ALA A 83 -0.24 -0.22 -1.99
N SER A 84 -0.02 0.79 -1.16
CA SER A 84 -0.59 2.11 -1.27
C SER A 84 -2.12 2.10 -1.41
N TRP A 85 -2.75 2.47 -0.35
CA TRP A 85 -4.18 2.50 -0.33
C TRP A 85 -4.67 3.86 -0.79
N TYR A 86 -5.45 3.84 -1.84
CA TYR A 86 -6.02 5.02 -2.38
C TYR A 86 -7.49 4.97 -2.20
N THR A 87 -7.98 5.79 -1.34
CA THR A 87 -9.34 5.87 -1.12
C THR A 87 -9.90 6.88 -2.08
N VAL A 88 -10.60 6.38 -3.03
CA VAL A 88 -11.13 7.17 -4.08
C VAL A 88 -12.62 7.33 -3.88
N VAL A 89 -13.08 8.50 -4.17
CA VAL A 89 -14.44 8.91 -3.94
C VAL A 89 -15.16 9.04 -5.27
N PHE A 90 -16.38 8.61 -5.31
CA PHE A 90 -17.14 8.71 -6.53
C PHE A 90 -17.88 10.01 -6.54
N ASP A 91 -18.51 10.29 -7.65
CA ASP A 91 -19.39 11.44 -7.81
C ASP A 91 -20.64 11.29 -6.94
N ASP A 92 -20.83 10.07 -6.42
CA ASP A 92 -21.92 9.75 -5.49
C ASP A 92 -21.61 10.30 -4.10
N GLY A 93 -20.35 10.61 -3.85
CA GLY A 93 -19.95 11.15 -2.58
C GLY A 93 -19.42 10.09 -1.63
N ASP A 94 -19.59 8.83 -2.00
CA ASP A 94 -19.10 7.73 -1.18
C ASP A 94 -17.74 7.27 -1.74
N GLU A 95 -16.97 6.55 -0.96
CA GLU A 95 -15.60 6.23 -1.34
C GLU A 95 -15.22 4.78 -1.03
N ARG A 96 -14.21 4.27 -1.75
CA ARG A 96 -13.61 2.93 -1.50
C ARG A 96 -12.11 3.05 -1.38
N THR A 97 -11.52 2.16 -0.65
CA THR A 97 -10.11 2.11 -0.47
C THR A 97 -9.53 0.98 -1.34
N LEU A 98 -8.75 1.36 -2.33
CA LEU A 98 -8.18 0.46 -3.31
C LEU A 98 -6.66 0.39 -3.17
N ARG A 99 -6.06 -0.58 -3.84
CA ARG A 99 -4.63 -0.68 -3.93
C ARG A 99 -4.20 0.14 -5.15
N ARG A 100 -2.96 0.60 -5.22
CA ARG A 100 -2.45 1.42 -6.35
C ARG A 100 -2.77 0.75 -7.71
N THR A 101 -2.67 -0.54 -7.75
CA THR A 101 -2.87 -1.30 -8.96
C THR A 101 -4.37 -1.50 -9.31
N SER A 102 -5.29 -1.04 -8.45
CA SER A 102 -6.69 -1.16 -8.75
C SER A 102 -7.18 0.16 -9.33
N LEU A 103 -6.22 1.05 -9.55
CA LEU A 103 -6.44 2.35 -10.12
C LEU A 103 -5.78 2.41 -11.45
N CYS A 104 -6.40 3.11 -12.33
CA CYS A 104 -5.84 3.40 -13.60
C CYS A 104 -6.01 4.87 -13.89
N LEU A 105 -4.97 5.60 -13.62
CA LEU A 105 -4.89 7.03 -13.78
C LEU A 105 -4.80 7.41 -15.26
N LYS A 106 -3.73 7.03 -15.93
CA LYS A 106 -3.57 7.46 -17.32
C LYS A 106 -2.61 6.56 -18.07
N GLY A 107 -1.44 6.32 -17.48
CA GLY A 107 -0.45 5.47 -18.13
C GLY A 107 -0.87 4.01 -18.11
N GLU A 108 -1.69 3.67 -17.13
CA GLU A 108 -2.23 2.34 -16.99
C GLU A 108 -3.21 2.06 -18.12
N ARG A 109 -3.89 3.13 -18.58
CA ARG A 109 -4.80 3.09 -19.74
C ARG A 109 -5.91 2.06 -19.56
N HIS A 110 -6.51 2.06 -18.37
CA HIS A 110 -7.58 1.12 -17.98
C HIS A 110 -7.00 -0.30 -17.93
N PHE A 111 -6.68 -0.75 -16.74
CA PHE A 111 -5.94 -1.99 -16.56
C PHE A 111 -6.79 -3.26 -16.77
N ALA A 112 -6.35 -4.04 -17.71
CA ALA A 112 -6.93 -5.32 -18.04
C ALA A 112 -5.76 -6.25 -18.34
N GLU A 113 -4.76 -6.16 -17.44
CA GLU A 113 -3.45 -6.82 -17.57
C GLU A 113 -3.52 -8.26 -18.11
N SER A 114 -4.19 -9.17 -17.38
CA SER A 114 -4.31 -10.60 -17.71
C SER A 114 -2.93 -11.31 -17.68
N GLU A 115 -2.05 -10.93 -18.57
CA GLU A 115 -0.72 -11.50 -18.68
C GLU A 115 0.29 -10.35 -18.69
N THR A 116 1.58 -10.69 -18.79
CA THR A 116 2.66 -9.72 -18.82
C THR A 116 2.84 -9.09 -17.41
N LEU A 117 3.90 -9.47 -16.74
CA LEU A 117 4.11 -9.06 -15.38
C LEU A 117 4.84 -7.73 -15.29
N ASP A 118 4.12 -6.69 -15.00
CA ASP A 118 4.71 -5.39 -14.75
C ASP A 118 3.94 -4.71 -13.65
N ALA A 1 -0.79 10.30 -14.53
CA ALA A 1 -0.68 11.76 -14.44
C ALA A 1 -0.71 12.22 -12.98
N ASP A 2 -1.89 12.17 -12.34
CA ASP A 2 -2.01 12.61 -10.95
C ASP A 2 -1.40 11.60 -10.02
N GLU A 3 -1.59 10.34 -10.36
CA GLU A 3 -1.04 9.26 -9.59
C GLU A 3 0.33 8.82 -10.13
N PRO A 4 1.43 9.16 -9.44
CA PRO A 4 2.72 8.65 -9.80
C PRO A 4 2.84 7.21 -9.29
N ALA A 5 3.06 7.06 -7.99
CA ALA A 5 3.09 5.76 -7.36
C ALA A 5 2.01 5.70 -6.29
N TYR A 6 1.19 6.72 -6.24
CA TYR A 6 0.22 6.86 -5.21
C TYR A 6 -0.85 7.80 -5.69
N LEU A 7 -2.04 7.59 -5.23
CA LEU A 7 -3.15 8.48 -5.49
C LEU A 7 -3.22 9.52 -4.39
N THR A 8 -4.23 10.33 -4.43
CA THR A 8 -4.32 11.48 -3.59
C THR A 8 -5.63 11.50 -2.79
N VAL A 9 -5.65 12.19 -1.67
CA VAL A 9 -6.81 12.17 -0.79
C VAL A 9 -7.87 13.20 -1.21
N GLY A 10 -9.13 12.82 -1.14
CA GLY A 10 -10.22 13.68 -1.55
C GLY A 10 -10.53 13.49 -3.01
N THR A 11 -9.73 12.70 -3.65
CA THR A 11 -9.85 12.40 -5.00
C THR A 11 -10.93 11.36 -5.24
N ASP A 12 -11.75 11.63 -6.20
CA ASP A 12 -12.87 10.81 -6.51
C ASP A 12 -12.44 9.79 -7.55
N VAL A 13 -12.71 8.53 -7.32
CA VAL A 13 -12.22 7.46 -8.19
C VAL A 13 -13.30 6.40 -8.45
N SER A 14 -12.93 5.40 -9.20
CA SER A 14 -13.77 4.26 -9.40
C SER A 14 -12.95 3.02 -9.02
N ALA A 15 -13.55 2.11 -8.30
CA ALA A 15 -12.89 0.90 -7.84
C ALA A 15 -13.76 -0.28 -8.24
N LYS A 16 -13.18 -1.34 -8.77
CA LYS A 16 -14.02 -2.45 -9.19
C LYS A 16 -14.19 -3.51 -8.13
N TYR A 17 -15.38 -4.05 -8.11
CA TYR A 17 -15.77 -5.14 -7.23
C TYR A 17 -16.53 -6.12 -8.09
N ARG A 18 -16.09 -7.36 -8.08
CA ARG A 18 -16.65 -8.45 -8.91
C ARG A 18 -16.58 -8.10 -10.41
N GLY A 19 -15.64 -7.24 -10.77
CA GLY A 19 -15.49 -6.84 -12.16
C GLY A 19 -16.27 -5.58 -12.52
N ALA A 20 -17.12 -5.12 -11.63
CA ALA A 20 -17.92 -3.94 -11.87
C ALA A 20 -17.34 -2.78 -11.11
N PHE A 21 -17.16 -1.67 -11.77
CA PHE A 21 -16.57 -0.51 -11.15
C PHE A 21 -17.63 0.29 -10.40
N CYS A 22 -17.42 0.48 -9.14
CA CYS A 22 -18.27 1.25 -8.32
C CYS A 22 -17.57 2.55 -8.01
N GLU A 23 -18.32 3.59 -7.84
CA GLU A 23 -17.75 4.87 -7.55
C GLU A 23 -17.42 4.94 -6.07
N ALA A 24 -16.33 5.59 -5.76
CA ALA A 24 -15.88 5.74 -4.41
C ALA A 24 -14.93 6.89 -4.35
N LYS A 25 -14.90 7.56 -3.27
CA LYS A 25 -14.04 8.69 -3.14
C LYS A 25 -13.00 8.42 -2.09
N ILE A 26 -11.75 8.70 -2.40
CA ILE A 26 -10.64 8.48 -1.49
C ILE A 26 -10.79 9.30 -0.20
N LYS A 27 -11.10 8.58 0.84
CA LYS A 27 -11.36 9.09 2.16
C LYS A 27 -10.03 9.28 2.90
N THR A 28 -9.16 8.29 2.81
CA THR A 28 -7.86 8.31 3.48
C THR A 28 -6.77 7.76 2.55
N VAL A 29 -5.58 8.31 2.63
CA VAL A 29 -4.42 7.86 1.86
C VAL A 29 -3.27 7.59 2.80
N LYS A 30 -2.84 6.37 2.82
CA LYS A 30 -1.66 6.01 3.57
C LYS A 30 -0.64 5.36 2.66
N ARG A 31 0.43 6.08 2.38
CA ARG A 31 1.54 5.53 1.60
C ARG A 31 2.35 4.64 2.51
N LEU A 32 2.23 3.35 2.35
CA LEU A 32 2.90 2.43 3.23
C LEU A 32 3.60 1.36 2.44
N VAL A 33 4.86 1.26 2.60
CA VAL A 33 5.59 0.25 1.91
C VAL A 33 5.50 -1.01 2.72
N LYS A 34 5.13 -2.10 2.11
CA LYS A 34 5.11 -3.36 2.80
C LYS A 34 6.51 -3.91 2.75
N VAL A 35 7.16 -3.82 3.84
CA VAL A 35 8.51 -4.19 3.92
C VAL A 35 8.61 -5.62 4.41
N LYS A 36 9.30 -6.44 3.66
CA LYS A 36 9.52 -7.81 4.00
C LYS A 36 10.88 -7.85 4.59
N VAL A 37 10.95 -8.00 5.85
CA VAL A 37 12.19 -7.96 6.54
C VAL A 37 12.47 -9.26 7.21
N LEU A 38 13.71 -9.50 7.43
CA LEU A 38 14.16 -10.62 8.18
C LEU A 38 14.78 -10.05 9.43
N LEU A 39 14.18 -10.33 10.56
CA LEU A 39 14.64 -9.82 11.83
C LEU A 39 15.96 -10.46 12.15
N LYS A 40 17.03 -9.71 12.18
CA LYS A 40 18.32 -10.33 12.40
C LYS A 40 18.56 -10.80 13.83
N GLN A 41 17.78 -10.27 14.74
CA GLN A 41 17.87 -10.70 16.13
C GLN A 41 16.91 -11.88 16.44
N ASP A 42 15.82 -11.97 15.68
CA ASP A 42 14.77 -12.98 15.97
C ASP A 42 14.70 -14.06 14.88
N ASN A 43 15.44 -13.83 13.80
CA ASN A 43 15.55 -14.71 12.60
C ASN A 43 14.21 -14.99 11.90
N THR A 44 13.20 -14.19 12.19
CA THR A 44 11.91 -14.35 11.56
C THR A 44 11.75 -13.37 10.42
N THR A 45 10.98 -13.74 9.45
CA THR A 45 10.70 -12.87 8.37
C THR A 45 9.33 -12.26 8.64
N GLN A 46 9.17 -11.04 8.26
CA GLN A 46 7.97 -10.32 8.56
C GLN A 46 7.66 -9.43 7.37
N LEU A 47 6.41 -9.29 7.04
CA LEU A 47 5.99 -8.39 5.96
C LEU A 47 4.96 -7.47 6.55
N VAL A 48 5.39 -6.27 6.83
CA VAL A 48 4.58 -5.29 7.53
C VAL A 48 4.70 -3.93 6.87
N GLN A 49 4.00 -2.97 7.39
CA GLN A 49 3.93 -1.67 6.78
C GLN A 49 4.99 -0.70 7.31
N ASP A 50 5.32 0.27 6.47
CA ASP A 50 6.29 1.39 6.72
C ASP A 50 5.94 2.16 7.97
N ASP A 51 4.68 2.15 8.27
CA ASP A 51 4.09 2.86 9.40
C ASP A 51 4.64 2.27 10.70
N GLN A 52 5.02 1.00 10.63
CA GLN A 52 5.55 0.29 11.77
C GLN A 52 7.04 0.03 11.62
N VAL A 53 7.55 0.29 10.43
CA VAL A 53 8.97 0.09 10.16
C VAL A 53 9.75 1.40 10.23
N LYS A 54 10.80 1.40 11.00
CA LYS A 54 11.65 2.55 11.14
C LYS A 54 12.98 2.35 10.42
N GLY A 55 13.32 3.26 9.57
CA GLY A 55 14.57 3.20 8.84
C GLY A 55 14.38 3.31 7.33
N PRO A 56 15.45 3.13 6.53
CA PRO A 56 15.38 3.21 5.06
C PRO A 56 14.89 1.92 4.43
N LEU A 57 14.06 2.04 3.46
CA LEU A 57 13.49 0.86 2.84
C LEU A 57 14.31 0.47 1.66
N ARG A 58 15.36 -0.25 1.95
CA ARG A 58 16.27 -0.76 0.94
C ARG A 58 16.59 -2.19 1.23
N VAL A 59 16.54 -3.01 0.20
CA VAL A 59 16.83 -4.43 0.37
C VAL A 59 18.29 -4.59 0.79
N GLY A 60 18.48 -5.19 1.92
CA GLY A 60 19.79 -5.35 2.48
C GLY A 60 20.13 -4.27 3.50
N ALA A 61 19.17 -3.41 3.83
CA ALA A 61 19.43 -2.35 4.80
C ALA A 61 18.96 -2.73 6.18
N ILE A 62 19.43 -2.01 7.18
CA ILE A 62 19.07 -2.23 8.55
C ILE A 62 17.91 -1.30 8.94
N VAL A 63 16.80 -1.86 9.29
CA VAL A 63 15.68 -1.12 9.80
C VAL A 63 15.28 -1.70 11.12
N GLU A 64 14.34 -1.09 11.75
CA GLU A 64 13.81 -1.56 12.98
C GLU A 64 12.32 -1.60 12.81
N THR A 65 11.78 -2.73 12.96
CA THR A 65 10.39 -2.90 12.73
C THR A 65 9.70 -3.33 13.99
N ARG A 66 8.44 -3.10 14.01
CA ARG A 66 7.61 -3.43 15.10
C ARG A 66 7.33 -4.93 15.12
N THR A 67 7.35 -5.49 16.28
CA THR A 67 6.95 -6.85 16.51
C THR A 67 5.47 -6.82 16.93
N SER A 68 4.83 -7.98 17.02
CA SER A 68 3.40 -8.07 17.31
C SER A 68 3.00 -7.33 18.61
N ASP A 69 3.89 -7.35 19.59
CA ASP A 69 3.63 -6.78 20.92
C ASP A 69 3.88 -5.27 20.95
N GLY A 70 4.36 -4.71 19.87
CA GLY A 70 4.55 -3.28 19.81
C GLY A 70 5.98 -2.85 20.09
N SER A 71 6.86 -3.81 20.25
CA SER A 71 8.25 -3.52 20.44
C SER A 71 8.94 -3.41 19.08
N PHE A 72 10.16 -2.93 19.05
CA PHE A 72 10.86 -2.78 17.80
C PHE A 72 12.16 -3.57 17.81
N GLN A 73 12.46 -4.20 16.71
CA GLN A 73 13.61 -5.03 16.60
C GLN A 73 14.25 -4.83 15.25
N GLU A 74 15.57 -4.88 15.20
CA GLU A 74 16.31 -4.64 13.97
C GLU A 74 16.10 -5.76 12.98
N ALA A 75 16.02 -5.40 11.75
CA ALA A 75 15.77 -6.31 10.70
C ALA A 75 16.43 -5.86 9.42
N ILE A 76 16.54 -6.76 8.47
CA ILE A 76 17.11 -6.45 7.16
C ILE A 76 15.99 -6.49 6.17
N ILE A 77 15.92 -5.55 5.27
CA ILE A 77 14.90 -5.61 4.22
C ILE A 77 15.28 -6.70 3.24
N SER A 78 14.39 -7.63 3.07
CA SER A 78 14.60 -8.72 2.16
C SER A 78 13.77 -8.49 0.88
N LYS A 79 12.76 -7.63 1.00
CA LYS A 79 11.87 -7.30 -0.10
C LYS A 79 11.05 -6.10 0.33
N LEU A 80 10.55 -5.36 -0.60
CA LEU A 80 9.63 -4.30 -0.30
C LEU A 80 8.55 -4.32 -1.35
N THR A 81 7.35 -4.11 -0.94
CA THR A 81 6.22 -4.18 -1.80
C THR A 81 5.43 -2.86 -1.74
N ASP A 82 5.19 -2.31 -2.90
CA ASP A 82 4.42 -1.08 -3.10
C ASP A 82 3.03 -1.23 -2.54
N ALA A 83 2.68 -0.35 -1.64
CA ALA A 83 1.37 -0.36 -1.09
C ALA A 83 0.98 1.04 -0.72
N SER A 84 -0.25 1.30 -0.85
CA SER A 84 -0.84 2.50 -0.40
C SER A 84 -2.28 2.16 -0.19
N TRP A 85 -2.78 2.45 0.95
CA TRP A 85 -4.12 2.15 1.23
C TRP A 85 -4.97 3.33 1.03
N TYR A 86 -5.84 3.20 0.09
CA TYR A 86 -6.76 4.20 -0.21
C TYR A 86 -8.06 3.73 0.33
N THR A 87 -8.41 4.29 1.42
CA THR A 87 -9.61 4.00 2.03
C THR A 87 -10.61 4.82 1.27
N VAL A 88 -11.38 4.20 0.45
CA VAL A 88 -12.30 4.90 -0.37
C VAL A 88 -13.67 4.70 0.18
N VAL A 89 -14.41 5.73 0.14
CA VAL A 89 -15.70 5.74 0.73
C VAL A 89 -16.75 5.81 -0.33
N PHE A 90 -17.71 4.95 -0.21
CA PHE A 90 -18.81 4.91 -1.09
C PHE A 90 -19.81 5.92 -0.60
N ASP A 91 -20.75 6.29 -1.42
CA ASP A 91 -21.80 7.23 -1.01
C ASP A 91 -22.75 6.56 -0.02
N ASP A 92 -22.57 5.26 0.16
CA ASP A 92 -23.29 4.50 1.19
C ASP A 92 -22.76 4.85 2.58
N GLY A 93 -21.58 5.46 2.62
CA GLY A 93 -21.00 5.85 3.89
C GLY A 93 -19.96 4.86 4.37
N ASP A 94 -19.89 3.75 3.69
CA ASP A 94 -18.94 2.70 4.05
C ASP A 94 -17.67 2.94 3.30
N GLU A 95 -16.57 2.65 3.91
CA GLU A 95 -15.30 2.88 3.30
C GLU A 95 -14.48 1.60 3.25
N ARG A 96 -13.95 1.33 2.10
CA ARG A 96 -13.24 0.10 1.84
C ARG A 96 -11.78 0.46 1.55
N THR A 97 -10.89 -0.41 1.84
CA THR A 97 -9.48 -0.12 1.70
C THR A 97 -8.93 -0.79 0.42
N LEU A 98 -8.63 0.00 -0.57
CA LEU A 98 -8.19 -0.49 -1.88
C LEU A 98 -6.80 0.04 -2.22
N ARG A 99 -6.10 -0.69 -3.08
CA ARG A 99 -4.79 -0.29 -3.60
C ARG A 99 -5.03 0.33 -5.00
N ARG A 100 -4.00 0.95 -5.60
CA ARG A 100 -4.11 1.58 -6.95
C ARG A 100 -4.56 0.58 -8.01
N THR A 101 -4.32 -0.68 -7.76
CA THR A 101 -4.65 -1.76 -8.65
C THR A 101 -6.18 -1.81 -8.94
N SER A 102 -6.98 -1.57 -7.92
CA SER A 102 -8.41 -1.73 -8.06
C SER A 102 -9.10 -0.43 -8.51
N LEU A 103 -8.34 0.64 -8.56
CA LEU A 103 -8.87 1.95 -8.86
C LEU A 103 -8.59 2.36 -10.28
N CYS A 104 -9.42 3.20 -10.82
CA CYS A 104 -9.28 3.64 -12.20
C CYS A 104 -9.44 5.14 -12.39
N LEU A 105 -9.31 5.86 -11.30
CA LEU A 105 -9.44 7.33 -11.25
C LEU A 105 -10.70 7.87 -11.97
N LYS A 106 -10.58 8.19 -13.25
CA LYS A 106 -11.67 8.74 -13.98
C LYS A 106 -12.03 7.82 -15.14
N GLY A 107 -11.05 7.42 -15.90
CA GLY A 107 -11.31 6.60 -17.06
C GLY A 107 -10.16 6.57 -18.03
N GLU A 108 -9.08 7.24 -17.67
CA GLU A 108 -7.86 7.24 -18.47
C GLU A 108 -7.25 5.86 -18.39
N ARG A 109 -7.40 5.28 -17.24
CA ARG A 109 -7.03 3.94 -16.98
C ARG A 109 -8.30 3.25 -16.53
N HIS A 110 -8.56 2.05 -16.97
CA HIS A 110 -9.82 1.41 -16.62
C HIS A 110 -9.65 -0.10 -16.45
N PHE A 111 -8.51 -0.44 -15.88
CA PHE A 111 -8.10 -1.81 -15.59
C PHE A 111 -7.97 -2.65 -16.86
N ALA A 112 -6.84 -2.48 -17.49
CA ALA A 112 -6.42 -3.16 -18.71
C ALA A 112 -5.06 -2.58 -19.00
N GLU A 113 -5.10 -1.27 -19.20
CA GLU A 113 -3.96 -0.35 -19.26
C GLU A 113 -2.72 -0.83 -20.02
N SER A 114 -1.83 -1.48 -19.30
CA SER A 114 -0.54 -1.78 -19.77
C SER A 114 -0.05 -3.04 -19.06
N GLU A 115 1.23 -3.24 -19.06
CA GLU A 115 1.87 -4.38 -18.46
C GLU A 115 1.79 -4.30 -16.94
N THR A 116 1.83 -5.43 -16.31
CA THR A 116 1.80 -5.48 -14.88
C THR A 116 3.22 -5.42 -14.34
N LEU A 117 3.37 -5.07 -13.08
CA LEU A 117 4.69 -4.96 -12.50
C LEU A 117 4.58 -5.34 -11.02
N ASP A 118 5.52 -6.11 -10.54
CA ASP A 118 5.57 -6.50 -9.13
C ASP A 118 6.81 -5.94 -8.52
N ALA A 1 -8.19 -6.16 7.90
CA ALA A 1 -7.12 -5.29 7.38
C ALA A 1 -5.85 -6.06 7.06
N ASP A 2 -5.94 -7.36 6.96
CA ASP A 2 -4.74 -8.21 6.82
C ASP A 2 -4.28 -8.37 5.40
N GLU A 3 -4.94 -7.73 4.47
CA GLU A 3 -4.46 -7.73 3.09
C GLU A 3 -3.82 -6.35 2.78
N PRO A 4 -2.51 -6.22 3.00
CA PRO A 4 -1.85 -4.96 2.84
C PRO A 4 -1.34 -4.72 1.43
N ALA A 5 -2.29 -4.56 0.52
CA ALA A 5 -1.97 -4.16 -0.81
C ALA A 5 -2.38 -2.71 -0.96
N TYR A 6 -3.66 -2.48 -1.14
CA TYR A 6 -4.20 -1.16 -1.25
C TYR A 6 -5.68 -1.26 -1.42
N LEU A 7 -6.38 -0.50 -0.66
CA LEU A 7 -7.80 -0.39 -0.84
C LEU A 7 -8.08 0.80 -1.74
N THR A 8 -9.28 1.29 -1.73
CA THR A 8 -9.66 2.28 -2.69
C THR A 8 -10.35 3.48 -2.06
N VAL A 9 -10.38 4.54 -2.82
CA VAL A 9 -11.02 5.78 -2.48
C VAL A 9 -12.53 5.58 -2.35
N GLY A 10 -13.13 6.24 -1.40
CA GLY A 10 -14.56 6.15 -1.23
C GLY A 10 -14.95 5.44 0.04
N THR A 11 -14.14 4.48 0.44
CA THR A 11 -14.37 3.66 1.62
C THR A 11 -14.48 4.54 2.87
N ASP A 12 -15.42 4.21 3.73
CA ASP A 12 -15.68 5.00 4.92
C ASP A 12 -15.25 4.20 6.12
N VAL A 13 -14.26 4.67 6.80
CA VAL A 13 -13.67 3.96 7.95
C VAL A 13 -13.44 4.94 9.07
N SER A 14 -12.91 4.49 10.15
CA SER A 14 -12.63 5.37 11.24
C SER A 14 -11.14 5.63 11.31
N ALA A 15 -10.77 6.83 11.65
CA ALA A 15 -9.38 7.22 11.76
C ALA A 15 -9.16 7.76 13.15
N LYS A 16 -8.29 7.13 13.87
CA LYS A 16 -7.91 7.57 15.17
C LYS A 16 -6.76 8.53 15.01
N TYR A 17 -7.05 9.78 15.21
CA TYR A 17 -6.09 10.82 15.04
C TYR A 17 -6.09 11.68 16.29
N ARG A 18 -4.92 12.08 16.72
CA ARG A 18 -4.74 12.95 17.91
C ARG A 18 -5.32 12.28 19.18
N GLY A 19 -5.38 10.96 19.15
CA GLY A 19 -5.88 10.23 20.28
C GLY A 19 -7.39 9.95 20.25
N ALA A 20 -8.06 10.36 19.19
CA ALA A 20 -9.51 10.19 19.10
C ALA A 20 -9.89 9.74 17.71
N PHE A 21 -10.88 8.93 17.59
CA PHE A 21 -11.29 8.48 16.27
C PHE A 21 -12.55 9.12 15.79
N CYS A 22 -12.49 9.55 14.58
CA CYS A 22 -13.59 10.13 13.89
C CYS A 22 -13.79 9.31 12.65
N GLU A 23 -14.97 9.35 12.07
CA GLU A 23 -15.19 8.67 10.83
C GLU A 23 -14.48 9.46 9.76
N ALA A 24 -14.01 8.78 8.80
CA ALA A 24 -13.22 9.35 7.79
C ALA A 24 -13.40 8.62 6.50
N LYS A 25 -13.41 9.34 5.45
CA LYS A 25 -13.64 8.78 4.17
C LYS A 25 -12.37 8.83 3.35
N ILE A 26 -12.00 7.72 2.75
CA ILE A 26 -10.81 7.66 1.92
C ILE A 26 -10.98 8.53 0.69
N LYS A 27 -10.16 9.54 0.61
CA LYS A 27 -10.16 10.45 -0.51
C LYS A 27 -8.99 10.13 -1.44
N THR A 28 -7.89 9.72 -0.87
CA THR A 28 -6.73 9.39 -1.67
C THR A 28 -6.05 8.16 -1.08
N VAL A 29 -5.51 7.36 -1.96
CA VAL A 29 -4.72 6.23 -1.58
C VAL A 29 -3.34 6.47 -2.11
N LYS A 30 -2.41 6.50 -1.24
CA LYS A 30 -1.04 6.74 -1.62
C LYS A 30 -0.29 5.48 -1.32
N ARG A 31 0.62 5.10 -2.16
CA ARG A 31 1.28 3.82 -1.99
C ARG A 31 2.31 3.87 -0.85
N LEU A 32 2.06 3.05 0.13
CA LEU A 32 2.85 2.83 1.31
C LEU A 32 3.80 1.69 1.01
N VAL A 33 4.82 1.50 1.78
CA VAL A 33 5.70 0.42 1.48
C VAL A 33 5.54 -0.72 2.49
N LYS A 34 5.24 -1.90 1.99
CA LYS A 34 5.20 -3.08 2.82
C LYS A 34 6.54 -3.75 2.74
N VAL A 35 7.23 -3.57 3.76
CA VAL A 35 8.58 -3.98 3.93
C VAL A 35 8.61 -5.41 4.46
N LYS A 36 9.35 -6.25 3.81
CA LYS A 36 9.55 -7.59 4.25
C LYS A 36 10.85 -7.62 4.96
N VAL A 37 10.80 -7.82 6.22
CA VAL A 37 11.99 -7.78 7.04
C VAL A 37 12.28 -9.12 7.64
N LEU A 38 13.50 -9.31 7.92
CA LEU A 38 13.98 -10.45 8.61
C LEU A 38 14.57 -9.92 9.89
N LEU A 39 13.97 -10.28 10.98
CA LEU A 39 14.41 -9.82 12.26
C LEU A 39 15.66 -10.58 12.63
N LYS A 40 16.75 -9.90 12.85
CA LYS A 40 18.01 -10.58 13.16
C LYS A 40 17.99 -11.28 14.52
N GLN A 41 17.25 -10.75 15.47
CA GLN A 41 17.19 -11.28 16.82
C GLN A 41 16.29 -12.52 16.90
N ASP A 42 15.15 -12.46 16.24
CA ASP A 42 14.19 -13.55 16.29
C ASP A 42 14.33 -14.47 15.10
N ASN A 43 15.04 -14.01 14.08
CA ASN A 43 15.28 -14.68 12.77
C ASN A 43 13.99 -14.89 11.99
N THR A 44 12.96 -14.18 12.37
CA THR A 44 11.68 -14.31 11.75
C THR A 44 11.52 -13.30 10.64
N THR A 45 10.83 -13.69 9.62
CA THR A 45 10.55 -12.78 8.56
C THR A 45 9.17 -12.21 8.82
N GLN A 46 8.98 -10.99 8.54
CA GLN A 46 7.75 -10.33 8.82
C GLN A 46 7.46 -9.33 7.72
N LEU A 47 6.24 -9.22 7.34
CA LEU A 47 5.83 -8.22 6.42
C LEU A 47 5.20 -7.12 7.19
N VAL A 48 5.82 -6.02 7.19
CA VAL A 48 5.41 -4.90 7.94
C VAL A 48 5.26 -3.73 7.00
N GLN A 49 4.89 -2.63 7.51
CA GLN A 49 4.71 -1.47 6.71
C GLN A 49 5.67 -0.39 7.12
N ASP A 50 5.80 0.60 6.26
CA ASP A 50 6.71 1.77 6.42
C ASP A 50 6.38 2.58 7.69
N ASP A 51 5.19 2.38 8.19
CA ASP A 51 4.70 3.00 9.44
C ASP A 51 5.42 2.40 10.63
N GLN A 52 5.71 1.13 10.51
CA GLN A 52 6.28 0.35 11.57
C GLN A 52 7.78 0.29 11.41
N VAL A 53 8.25 0.75 10.28
CA VAL A 53 9.66 0.73 9.97
C VAL A 53 10.28 2.10 10.07
N LYS A 54 11.43 2.16 10.69
CA LYS A 54 12.22 3.34 10.66
C LYS A 54 13.64 3.02 10.17
N GLY A 55 13.98 3.62 9.06
CA GLY A 55 15.27 3.43 8.43
C GLY A 55 15.15 3.41 6.91
N PRO A 56 16.17 2.96 6.17
CA PRO A 56 16.12 2.90 4.69
C PRO A 56 15.36 1.68 4.18
N LEU A 57 14.55 1.89 3.18
CA LEU A 57 13.78 0.80 2.63
C LEU A 57 14.52 0.27 1.42
N ARG A 58 15.49 -0.55 1.68
CA ARG A 58 16.31 -1.16 0.65
C ARG A 58 16.59 -2.59 1.02
N VAL A 59 16.55 -3.49 0.06
CA VAL A 59 16.80 -4.89 0.36
C VAL A 59 18.24 -5.07 0.77
N GLY A 60 18.44 -5.60 1.94
CA GLY A 60 19.75 -5.75 2.48
C GLY A 60 20.10 -4.61 3.41
N ALA A 61 19.15 -3.72 3.66
CA ALA A 61 19.40 -2.59 4.53
C ALA A 61 18.99 -2.90 5.93
N ILE A 62 19.49 -2.14 6.86
CA ILE A 62 19.25 -2.37 8.25
C ILE A 62 18.30 -1.29 8.79
N VAL A 63 17.16 -1.71 9.27
CA VAL A 63 16.19 -0.81 9.82
C VAL A 63 15.75 -1.30 11.17
N GLU A 64 14.93 -0.55 11.80
CA GLU A 64 14.31 -0.98 13.01
C GLU A 64 12.85 -0.97 12.76
N THR A 65 12.19 -2.01 13.11
CA THR A 65 10.83 -2.15 12.74
C THR A 65 10.01 -2.86 13.80
N ARG A 66 8.73 -2.61 13.78
CA ARG A 66 7.80 -3.22 14.69
C ARG A 66 7.30 -4.49 14.11
N THR A 67 7.50 -5.54 14.82
CA THR A 67 6.94 -6.82 14.44
C THR A 67 5.50 -6.88 14.98
N SER A 68 4.71 -7.85 14.53
CA SER A 68 3.33 -7.99 14.97
C SER A 68 3.23 -8.43 16.43
N ASP A 69 4.39 -8.72 17.01
CA ASP A 69 4.52 -9.09 18.41
C ASP A 69 4.50 -7.82 19.26
N GLY A 70 4.59 -6.67 18.59
CA GLY A 70 4.49 -5.39 19.24
C GLY A 70 5.82 -4.69 19.43
N SER A 71 6.89 -5.43 19.42
CA SER A 71 8.18 -4.88 19.69
C SER A 71 8.88 -4.33 18.44
N PHE A 72 9.63 -3.26 18.62
CA PHE A 72 10.45 -2.68 17.57
C PHE A 72 11.84 -3.25 17.71
N GLN A 73 12.31 -3.91 16.71
CA GLN A 73 13.61 -4.58 16.77
C GLN A 73 14.36 -4.29 15.48
N GLU A 74 15.67 -4.44 15.50
CA GLU A 74 16.50 -4.19 14.33
C GLU A 74 16.36 -5.35 13.34
N ALA A 75 16.13 -5.05 12.11
CA ALA A 75 15.88 -6.05 11.10
C ALA A 75 16.55 -5.71 9.79
N ILE A 76 16.48 -6.63 8.87
CA ILE A 76 17.05 -6.43 7.53
C ILE A 76 15.93 -6.55 6.51
N ILE A 77 15.94 -5.72 5.49
CA ILE A 77 14.91 -5.79 4.47
C ILE A 77 15.22 -6.92 3.47
N SER A 78 14.26 -7.75 3.23
CA SER A 78 14.37 -8.83 2.29
C SER A 78 13.53 -8.54 1.01
N LYS A 79 12.60 -7.59 1.12
CA LYS A 79 11.68 -7.26 0.02
C LYS A 79 10.89 -6.01 0.40
N LEU A 80 10.40 -5.29 -0.58
CA LEU A 80 9.45 -4.23 -0.34
C LEU A 80 8.34 -4.47 -1.31
N THR A 81 7.13 -4.21 -0.92
CA THR A 81 5.99 -4.37 -1.76
C THR A 81 5.06 -3.15 -1.66
N ASP A 82 4.22 -2.98 -2.66
CA ASP A 82 3.26 -1.87 -2.73
C ASP A 82 2.18 -2.01 -1.65
N ALA A 83 2.15 -1.04 -0.73
CA ALA A 83 1.13 -0.99 0.31
C ALA A 83 0.31 0.31 0.18
N SER A 84 -0.45 0.68 1.20
CA SER A 84 -1.36 1.79 1.09
C SER A 84 -1.46 2.72 2.33
N TRP A 85 -1.32 4.01 2.05
CA TRP A 85 -1.62 5.11 2.96
C TRP A 85 -3.01 5.53 2.59
N TYR A 86 -3.73 6.13 3.47
CA TYR A 86 -5.06 6.57 3.13
C TYR A 86 -5.29 8.00 3.62
N THR A 87 -5.53 8.89 2.68
CA THR A 87 -5.89 10.23 3.01
C THR A 87 -7.36 10.21 3.25
N VAL A 88 -7.72 10.27 4.47
CA VAL A 88 -9.09 10.19 4.81
C VAL A 88 -9.58 11.53 5.31
N VAL A 89 -10.77 11.85 4.93
CA VAL A 89 -11.40 13.08 5.29
C VAL A 89 -12.27 12.81 6.45
N PHE A 90 -11.98 13.43 7.56
CA PHE A 90 -12.77 13.25 8.74
C PHE A 90 -14.07 13.97 8.54
N ASP A 91 -15.09 13.61 9.29
CA ASP A 91 -16.38 14.32 9.29
C ASP A 91 -16.20 15.80 9.63
N ASP A 92 -15.09 16.10 10.25
CA ASP A 92 -14.70 17.45 10.61
C ASP A 92 -14.39 18.29 9.35
N GLY A 93 -14.17 17.61 8.22
CA GLY A 93 -13.91 18.29 6.95
C GLY A 93 -12.44 18.34 6.62
N ASP A 94 -11.64 17.91 7.55
CA ASP A 94 -10.20 17.96 7.41
C ASP A 94 -9.72 16.62 6.94
N GLU A 95 -8.77 16.61 6.07
CA GLU A 95 -8.29 15.42 5.48
C GLU A 95 -6.84 15.20 5.85
N ARG A 96 -6.54 14.02 6.35
CA ARG A 96 -5.19 13.69 6.76
C ARG A 96 -4.85 12.30 6.29
N THR A 97 -3.60 12.10 5.98
CA THR A 97 -3.16 10.83 5.52
C THR A 97 -2.50 10.06 6.66
N LEU A 98 -3.20 9.06 7.11
CA LEU A 98 -2.69 8.17 8.12
C LEU A 98 -2.47 6.82 7.48
N ARG A 99 -1.84 5.94 8.20
CA ARG A 99 -1.61 4.65 7.66
C ARG A 99 -2.70 3.72 8.12
N ARG A 100 -2.66 2.52 7.62
CA ARG A 100 -3.63 1.50 7.93
C ARG A 100 -3.48 0.96 9.35
N THR A 101 -2.47 1.43 10.06
CA THR A 101 -2.24 1.06 11.43
C THR A 101 -3.31 1.71 12.32
N SER A 102 -3.63 2.97 12.04
CA SER A 102 -4.49 3.73 12.92
C SER A 102 -5.85 3.96 12.26
N LEU A 103 -6.15 3.11 11.31
CA LEU A 103 -7.35 3.18 10.58
C LEU A 103 -8.21 1.98 10.93
N CYS A 104 -9.50 2.16 11.01
CA CYS A 104 -10.36 1.07 11.39
C CYS A 104 -10.84 0.33 10.16
N LEU A 105 -10.00 -0.57 9.72
CA LEU A 105 -10.29 -1.47 8.63
C LEU A 105 -10.57 -2.86 9.19
N LYS A 106 -11.56 -2.89 10.10
CA LYS A 106 -11.97 -4.09 10.85
C LYS A 106 -10.95 -4.43 11.94
N GLY A 107 -11.25 -4.02 13.14
CA GLY A 107 -10.38 -4.27 14.24
C GLY A 107 -11.14 -4.52 15.50
N GLU A 108 -10.79 -5.59 16.17
CA GLU A 108 -11.39 -5.94 17.43
C GLU A 108 -10.57 -5.28 18.53
N ARG A 109 -11.08 -4.17 19.06
CA ARG A 109 -10.39 -3.31 20.06
C ARG A 109 -9.20 -2.53 19.40
N HIS A 110 -8.60 -3.14 18.40
CA HIS A 110 -7.53 -2.58 17.57
C HIS A 110 -8.08 -1.39 16.75
N PHE A 111 -7.99 -0.20 17.36
CA PHE A 111 -8.46 1.07 16.77
C PHE A 111 -9.89 0.98 16.30
N ALA A 112 -10.78 0.95 17.26
CA ALA A 112 -12.19 0.79 17.04
C ALA A 112 -12.90 1.21 18.29
N GLU A 113 -14.20 0.93 18.37
CA GLU A 113 -15.04 1.30 19.52
C GLU A 113 -14.59 0.63 20.81
N SER A 114 -13.82 -0.45 20.68
CA SER A 114 -13.37 -1.27 21.79
C SER A 114 -14.54 -1.90 22.54
N GLU A 115 -14.98 -2.99 21.99
CA GLU A 115 -16.11 -3.78 22.43
C GLU A 115 -15.99 -4.22 23.88
N THR A 116 -17.13 -4.30 24.53
CA THR A 116 -17.28 -4.65 25.93
C THR A 116 -16.68 -6.04 26.24
N LEU A 117 -16.70 -6.91 25.26
CA LEU A 117 -16.25 -8.27 25.44
C LEU A 117 -14.75 -8.45 25.26
N ASP A 118 -14.02 -7.36 25.15
CA ASP A 118 -12.58 -7.47 25.10
C ASP A 118 -11.99 -6.77 26.29
N ALA A 1 12.80 7.16 -5.05
CA ALA A 1 11.79 6.79 -6.01
C ALA A 1 11.69 7.83 -7.09
N ASP A 2 12.38 7.60 -8.19
CA ASP A 2 12.31 8.49 -9.35
C ASP A 2 11.06 8.15 -10.11
N GLU A 3 10.78 6.88 -10.11
CA GLU A 3 9.57 6.32 -10.63
C GLU A 3 8.46 6.78 -9.70
N PRO A 4 7.33 7.25 -10.22
CA PRO A 4 6.23 7.69 -9.40
C PRO A 4 5.53 6.50 -8.71
N ALA A 5 6.09 6.10 -7.59
CA ALA A 5 5.56 5.00 -6.81
C ALA A 5 4.59 5.51 -5.78
N TYR A 6 4.81 6.73 -5.35
CA TYR A 6 3.95 7.34 -4.42
C TYR A 6 3.51 8.69 -4.91
N LEU A 7 2.21 8.87 -4.91
CA LEU A 7 1.59 10.07 -5.42
C LEU A 7 1.10 10.91 -4.26
N THR A 8 0.43 11.99 -4.55
CA THR A 8 0.02 12.92 -3.54
C THR A 8 -1.45 13.30 -3.66
N VAL A 9 -2.02 13.78 -2.56
CA VAL A 9 -3.40 14.22 -2.50
C VAL A 9 -3.57 15.42 -3.44
N GLY A 10 -4.58 15.37 -4.29
CA GLY A 10 -4.81 16.47 -5.19
C GLY A 10 -4.46 16.15 -6.62
N THR A 11 -3.78 15.04 -6.83
CA THR A 11 -3.41 14.65 -8.14
C THR A 11 -4.61 13.94 -8.84
N ASP A 12 -4.78 14.25 -10.11
CA ASP A 12 -5.85 13.68 -10.93
C ASP A 12 -5.36 12.42 -11.60
N VAL A 13 -5.79 11.31 -11.11
CA VAL A 13 -5.38 10.06 -11.66
C VAL A 13 -6.56 9.37 -12.28
N SER A 14 -6.35 8.23 -12.80
CA SER A 14 -7.40 7.46 -13.32
C SER A 14 -7.30 6.07 -12.79
N ALA A 15 -8.42 5.56 -12.39
CA ALA A 15 -8.52 4.33 -11.70
C ALA A 15 -9.19 3.31 -12.55
N LYS A 16 -8.56 2.19 -12.75
CA LYS A 16 -9.20 1.12 -13.44
C LYS A 16 -10.20 0.42 -12.52
N TYR A 17 -11.42 0.47 -12.89
CA TYR A 17 -12.49 -0.16 -12.18
C TYR A 17 -13.26 -0.96 -13.20
N ARG A 18 -13.61 -2.18 -12.87
CA ARG A 18 -14.42 -3.06 -13.75
C ARG A 18 -13.69 -3.29 -15.11
N GLY A 19 -12.37 -3.18 -15.08
CA GLY A 19 -11.57 -3.38 -16.27
C GLY A 19 -11.41 -2.13 -17.14
N ALA A 20 -11.83 -0.99 -16.63
CA ALA A 20 -11.78 0.26 -17.39
C ALA A 20 -11.29 1.40 -16.51
N PHE A 21 -10.41 2.23 -17.01
CA PHE A 21 -9.94 3.34 -16.21
C PHE A 21 -10.64 4.65 -16.53
N CYS A 22 -11.12 5.28 -15.49
CA CYS A 22 -11.76 6.58 -15.56
C CYS A 22 -11.09 7.47 -14.54
N GLU A 23 -11.16 8.78 -14.69
CA GLU A 23 -10.44 9.66 -13.79
C GLU A 23 -11.10 9.75 -12.43
N ALA A 24 -10.25 9.90 -11.45
CA ALA A 24 -10.62 10.00 -10.09
C ALA A 24 -9.55 10.82 -9.41
N LYS A 25 -9.91 11.59 -8.45
CA LYS A 25 -8.94 12.48 -7.85
C LYS A 25 -8.51 11.96 -6.51
N ILE A 26 -7.22 11.97 -6.26
CA ILE A 26 -6.68 11.48 -5.01
C ILE A 26 -7.12 12.37 -3.85
N LYS A 27 -7.93 11.81 -3.01
CA LYS A 27 -8.48 12.49 -1.85
C LYS A 27 -7.62 12.20 -0.63
N THR A 28 -7.17 10.98 -0.51
CA THR A 28 -6.34 10.59 0.61
C THR A 28 -5.21 9.71 0.10
N VAL A 29 -4.06 9.85 0.72
CA VAL A 29 -2.90 9.07 0.38
C VAL A 29 -2.42 8.36 1.60
N LYS A 30 -2.43 7.08 1.53
CA LYS A 30 -1.89 6.26 2.57
C LYS A 30 -0.66 5.58 2.03
N ARG A 31 0.47 6.14 2.30
CA ARG A 31 1.69 5.56 1.86
C ARG A 31 2.10 4.50 2.85
N LEU A 32 2.00 3.28 2.44
CA LEU A 32 2.43 2.20 3.26
C LEU A 32 3.02 1.13 2.41
N VAL A 33 4.28 1.02 2.47
CA VAL A 33 4.95 0.01 1.73
C VAL A 33 5.26 -1.13 2.68
N LYS A 34 4.81 -2.30 2.35
CA LYS A 34 5.03 -3.43 3.19
C LYS A 34 6.36 -4.02 2.86
N VAL A 35 7.28 -3.70 3.67
CA VAL A 35 8.63 -4.10 3.56
C VAL A 35 8.80 -5.47 4.20
N LYS A 36 9.46 -6.34 3.49
CA LYS A 36 9.74 -7.66 3.96
C LYS A 36 11.04 -7.59 4.67
N VAL A 37 10.99 -7.78 5.92
CA VAL A 37 12.14 -7.71 6.75
C VAL A 37 12.32 -8.98 7.49
N LEU A 38 13.51 -9.25 7.83
CA LEU A 38 13.80 -10.40 8.61
C LEU A 38 14.49 -9.92 9.86
N LEU A 39 13.92 -10.26 10.99
CA LEU A 39 14.46 -9.83 12.24
C LEU A 39 15.72 -10.60 12.53
N LYS A 40 16.84 -9.94 12.48
CA LYS A 40 18.15 -10.56 12.70
C LYS A 40 18.31 -11.12 14.11
N GLN A 41 17.50 -10.61 15.01
CA GLN A 41 17.53 -11.05 16.39
C GLN A 41 16.79 -12.37 16.58
N ASP A 42 15.62 -12.48 16.02
CA ASP A 42 14.76 -13.67 16.24
C ASP A 42 14.88 -14.65 15.09
N ASN A 43 15.40 -14.17 13.98
CA ASN A 43 15.58 -14.93 12.72
C ASN A 43 14.26 -15.21 12.04
N THR A 44 13.30 -14.38 12.31
CA THR A 44 11.99 -14.51 11.75
C THR A 44 11.78 -13.49 10.65
N THR A 45 10.90 -13.77 9.75
CA THR A 45 10.60 -12.85 8.70
C THR A 45 9.32 -12.12 9.07
N GLN A 46 9.15 -10.94 8.55
CA GLN A 46 8.01 -10.13 8.82
C GLN A 46 7.74 -9.28 7.59
N LEU A 47 6.50 -9.04 7.28
CA LEU A 47 6.16 -8.18 6.16
C LEU A 47 5.18 -7.14 6.68
N VAL A 48 5.69 -5.95 6.91
CA VAL A 48 4.90 -4.89 7.53
C VAL A 48 5.14 -3.56 6.85
N GLN A 49 4.32 -2.60 7.16
CA GLN A 49 4.36 -1.30 6.51
C GLN A 49 5.54 -0.45 6.97
N ASP A 50 5.83 0.61 6.22
CA ASP A 50 6.94 1.53 6.53
C ASP A 50 6.63 2.39 7.74
N ASP A 51 5.43 2.28 8.24
CA ASP A 51 5.04 2.97 9.48
C ASP A 51 5.71 2.24 10.62
N GLN A 52 6.01 0.98 10.38
CA GLN A 52 6.67 0.15 11.33
C GLN A 52 8.17 0.24 11.12
N VAL A 53 8.55 0.36 9.87
CA VAL A 53 9.97 0.37 9.47
C VAL A 53 10.63 1.72 9.73
N LYS A 54 11.50 1.73 10.67
CA LYS A 54 12.24 2.89 11.06
C LYS A 54 13.71 2.72 10.68
N GLY A 55 14.09 3.36 9.62
CA GLY A 55 15.43 3.30 9.12
C GLY A 55 15.41 3.44 7.63
N PRO A 56 16.46 3.02 6.90
CA PRO A 56 16.47 3.08 5.46
C PRO A 56 15.73 1.93 4.83
N LEU A 57 14.84 2.25 3.96
CA LEU A 57 14.04 1.25 3.30
C LEU A 57 14.80 0.82 2.07
N ARG A 58 15.73 -0.06 2.27
CA ARG A 58 16.62 -0.52 1.22
C ARG A 58 16.81 -1.99 1.35
N VAL A 59 16.75 -2.71 0.26
CA VAL A 59 16.92 -4.14 0.31
C VAL A 59 18.35 -4.46 0.72
N GLY A 60 18.49 -5.11 1.84
CA GLY A 60 19.78 -5.45 2.36
C GLY A 60 20.22 -4.50 3.47
N ALA A 61 19.35 -3.58 3.86
CA ALA A 61 19.69 -2.61 4.90
C ALA A 61 19.16 -3.05 6.24
N ILE A 62 19.67 -2.45 7.30
CA ILE A 62 19.25 -2.79 8.66
C ILE A 62 18.35 -1.68 9.20
N VAL A 63 17.17 -2.04 9.61
CA VAL A 63 16.20 -1.11 10.15
C VAL A 63 15.67 -1.60 11.48
N GLU A 64 14.76 -0.87 12.02
CA GLU A 64 14.00 -1.30 13.16
C GLU A 64 12.58 -1.33 12.72
N THR A 65 11.87 -2.34 13.06
CA THR A 65 10.53 -2.41 12.64
C THR A 65 9.68 -2.95 13.76
N ARG A 66 8.43 -2.66 13.71
CA ARG A 66 7.54 -3.11 14.73
C ARG A 66 7.11 -4.50 14.38
N THR A 67 7.59 -5.44 15.13
CA THR A 67 7.26 -6.80 14.91
C THR A 67 5.88 -7.09 15.54
N SER A 68 5.40 -8.30 15.41
CA SER A 68 4.07 -8.67 15.90
C SER A 68 3.95 -8.54 17.42
N ASP A 69 5.09 -8.47 18.09
CA ASP A 69 5.14 -8.30 19.54
C ASP A 69 4.76 -6.88 19.94
N GLY A 70 4.99 -5.94 19.05
CA GLY A 70 4.71 -4.56 19.35
C GLY A 70 5.98 -3.77 19.55
N SER A 71 7.07 -4.48 19.80
CA SER A 71 8.36 -3.87 19.98
C SER A 71 9.04 -3.63 18.62
N PHE A 72 9.93 -2.68 18.57
CA PHE A 72 10.70 -2.43 17.39
C PHE A 72 11.95 -3.27 17.46
N GLN A 73 12.04 -4.17 16.56
CA GLN A 73 13.09 -5.14 16.51
C GLN A 73 13.98 -4.78 15.33
N GLU A 74 15.28 -4.97 15.43
CA GLU A 74 16.16 -4.64 14.32
C GLU A 74 16.08 -5.75 13.27
N ALA A 75 15.99 -5.36 12.03
CA ALA A 75 15.76 -6.29 10.95
C ALA A 75 16.48 -5.90 9.68
N ILE A 76 16.51 -6.82 8.73
CA ILE A 76 17.12 -6.54 7.41
C ILE A 76 15.99 -6.54 6.39
N ILE A 77 16.07 -5.68 5.39
CA ILE A 77 15.08 -5.67 4.33
C ILE A 77 15.42 -6.72 3.27
N SER A 78 14.47 -7.55 2.92
CA SER A 78 14.64 -8.52 1.87
C SER A 78 13.76 -8.17 0.64
N LYS A 79 12.76 -7.32 0.84
CA LYS A 79 11.82 -6.96 -0.23
C LYS A 79 10.97 -5.79 0.21
N LEU A 80 10.39 -5.09 -0.72
CA LEU A 80 9.36 -4.12 -0.43
C LEU A 80 8.16 -4.43 -1.32
N THR A 81 7.00 -4.33 -0.78
CA THR A 81 5.77 -4.55 -1.49
C THR A 81 4.87 -3.33 -1.35
N ASP A 82 4.57 -2.67 -2.45
CA ASP A 82 3.74 -1.47 -2.40
C ASP A 82 2.32 -1.81 -2.03
N ALA A 83 1.82 -1.15 -1.02
CA ALA A 83 0.49 -1.37 -0.56
C ALA A 83 -0.22 -0.05 -0.41
N SER A 84 0.43 0.99 -0.90
CA SER A 84 -0.04 2.35 -0.79
C SER A 84 -1.44 2.53 -1.34
N TRP A 85 -2.29 3.00 -0.49
CA TRP A 85 -3.67 3.18 -0.81
C TRP A 85 -3.92 4.60 -1.22
N TYR A 86 -4.33 4.77 -2.44
CA TYR A 86 -4.69 6.04 -2.95
C TYR A 86 -6.18 6.07 -3.04
N THR A 87 -6.77 6.77 -2.12
CA THR A 87 -8.15 6.88 -2.05
C THR A 87 -8.58 7.97 -2.99
N VAL A 88 -9.11 7.57 -4.09
CA VAL A 88 -9.47 8.48 -5.12
C VAL A 88 -10.98 8.60 -5.22
N VAL A 89 -11.42 9.78 -5.48
CA VAL A 89 -12.81 10.08 -5.55
C VAL A 89 -13.26 10.14 -7.01
N PHE A 90 -14.24 9.35 -7.32
CA PHE A 90 -14.82 9.28 -8.64
C PHE A 90 -15.89 10.36 -8.78
N ASP A 91 -16.51 10.41 -9.94
CA ASP A 91 -17.50 11.45 -10.25
C ASP A 91 -18.76 11.27 -9.41
N ASP A 92 -19.01 10.02 -9.01
CA ASP A 92 -20.15 9.68 -8.15
C ASP A 92 -19.97 10.22 -6.75
N GLY A 93 -18.78 10.68 -6.44
CA GLY A 93 -18.49 11.13 -5.10
C GLY A 93 -18.08 9.98 -4.26
N ASP A 94 -17.78 8.89 -4.91
CA ASP A 94 -17.37 7.67 -4.26
C ASP A 94 -15.89 7.63 -4.21
N GLU A 95 -15.39 7.34 -3.08
CA GLU A 95 -14.01 7.22 -2.90
C GLU A 95 -13.63 5.76 -2.86
N ARG A 96 -12.71 5.41 -3.68
CA ARG A 96 -12.28 4.05 -3.82
C ARG A 96 -10.80 4.08 -3.54
N THR A 97 -10.29 3.14 -2.85
CA THR A 97 -8.90 3.19 -2.55
C THR A 97 -8.16 2.06 -3.25
N LEU A 98 -7.33 2.43 -4.17
CA LEU A 98 -6.57 1.48 -4.96
C LEU A 98 -5.11 1.82 -4.92
N ARG A 99 -4.29 0.95 -5.47
CA ARG A 99 -2.84 1.15 -5.44
C ARG A 99 -2.32 1.74 -6.74
N ARG A 100 -1.04 2.07 -6.74
CA ARG A 100 -0.36 2.77 -7.84
C ARG A 100 -0.42 1.96 -9.14
N THR A 101 -0.26 0.66 -9.04
CA THR A 101 -0.29 -0.21 -10.21
C THR A 101 -1.70 -0.38 -10.81
N SER A 102 -2.67 0.28 -10.22
CA SER A 102 -4.01 0.25 -10.70
C SER A 102 -4.39 1.69 -11.14
N LEU A 103 -3.40 2.58 -11.14
CA LEU A 103 -3.60 3.97 -11.48
C LEU A 103 -2.93 4.30 -12.80
N CYS A 104 -3.67 4.97 -13.65
CA CYS A 104 -3.23 5.30 -14.97
C CYS A 104 -2.64 6.71 -15.03
N LEU A 105 -3.49 7.68 -14.66
CA LEU A 105 -3.23 9.12 -14.64
C LEU A 105 -3.75 9.74 -15.92
N LYS A 106 -4.40 10.92 -15.77
CA LYS A 106 -5.09 11.66 -16.84
C LYS A 106 -4.33 11.66 -18.17
N GLY A 107 -4.90 10.98 -19.13
CA GLY A 107 -4.35 10.87 -20.45
C GLY A 107 -5.02 9.75 -21.19
N GLU A 108 -4.72 9.58 -22.45
CA GLU A 108 -5.34 8.54 -23.24
C GLU A 108 -4.95 7.13 -22.81
N ARG A 109 -3.69 6.79 -22.92
CA ARG A 109 -3.25 5.49 -22.49
C ARG A 109 -2.01 5.62 -21.62
N HIS A 110 -2.19 5.93 -20.35
CA HIS A 110 -1.04 5.91 -19.44
C HIS A 110 -0.93 4.55 -18.80
N PHE A 111 -2.00 3.80 -18.93
CA PHE A 111 -2.04 2.43 -18.52
C PHE A 111 -2.03 1.63 -19.82
N ALA A 112 -1.14 2.05 -20.70
CA ALA A 112 -1.00 1.48 -21.99
C ALA A 112 -0.36 0.12 -21.90
N GLU A 113 -1.18 -0.89 -21.86
CA GLU A 113 -0.68 -2.22 -21.87
C GLU A 113 -0.24 -2.52 -23.27
N SER A 114 1.01 -2.52 -23.45
CA SER A 114 1.59 -2.70 -24.70
C SER A 114 2.32 -4.03 -24.67
N GLU A 115 1.88 -4.95 -25.51
CA GLU A 115 2.45 -6.27 -25.50
C GLU A 115 3.91 -6.22 -25.85
N THR A 116 4.68 -6.97 -25.12
CA THR A 116 6.07 -7.03 -25.33
C THR A 116 6.40 -8.46 -25.75
N LEU A 117 6.43 -8.66 -27.04
CA LEU A 117 6.66 -9.98 -27.61
C LEU A 117 8.17 -10.17 -27.73
N ASP A 118 8.83 -9.14 -28.17
CA ASP A 118 10.27 -9.15 -28.32
C ASP A 118 10.80 -7.84 -27.81
N ALA A 1 -0.62 7.70 -14.33
CA ALA A 1 -1.34 6.43 -14.15
C ALA A 1 -0.45 5.21 -14.42
N ASP A 2 0.59 5.40 -15.21
CA ASP A 2 1.45 4.29 -15.69
C ASP A 2 2.32 3.67 -14.60
N GLU A 3 2.59 4.38 -13.53
CA GLU A 3 3.39 3.81 -12.49
C GLU A 3 2.52 3.40 -11.30
N PRO A 4 2.61 2.12 -10.89
CA PRO A 4 1.85 1.60 -9.75
C PRO A 4 2.58 1.88 -8.43
N ALA A 5 3.56 2.78 -8.48
CA ALA A 5 4.31 3.19 -7.30
C ALA A 5 3.37 3.87 -6.32
N TYR A 6 2.73 4.92 -6.80
CA TYR A 6 1.71 5.64 -6.07
C TYR A 6 1.15 6.77 -6.94
N LEU A 7 -0.15 6.90 -6.93
CA LEU A 7 -0.82 8.03 -7.57
C LEU A 7 -0.95 9.15 -6.54
N THR A 8 -1.67 10.21 -6.86
CA THR A 8 -1.64 11.39 -6.02
C THR A 8 -3.03 11.93 -5.60
N VAL A 9 -3.04 12.66 -4.49
CA VAL A 9 -4.26 13.22 -3.91
C VAL A 9 -4.81 14.31 -4.82
N GLY A 10 -6.07 14.18 -5.17
CA GLY A 10 -6.70 15.15 -6.02
C GLY A 10 -6.87 14.66 -7.43
N THR A 11 -6.11 13.67 -7.79
CA THR A 11 -6.13 13.14 -9.11
C THR A 11 -7.47 12.41 -9.39
N ASP A 12 -8.01 12.64 -10.55
CA ASP A 12 -9.30 12.07 -10.95
C ASP A 12 -9.05 10.71 -11.52
N VAL A 13 -9.81 9.76 -11.09
CA VAL A 13 -9.60 8.38 -11.44
C VAL A 13 -10.92 7.68 -11.75
N SER A 14 -10.83 6.43 -12.06
CA SER A 14 -11.96 5.61 -12.29
C SER A 14 -11.71 4.27 -11.64
N ALA A 15 -12.69 3.76 -11.00
CA ALA A 15 -12.63 2.53 -10.27
C ALA A 15 -13.55 1.54 -10.92
N LYS A 16 -13.13 0.31 -11.02
CA LYS A 16 -13.99 -0.69 -11.58
C LYS A 16 -14.91 -1.27 -10.50
N TYR A 17 -16.17 -1.41 -10.82
CA TYR A 17 -17.15 -2.06 -9.99
C TYR A 17 -17.74 -3.22 -10.76
N ARG A 18 -17.30 -4.42 -10.46
CA ARG A 18 -17.93 -5.65 -10.97
C ARG A 18 -17.94 -5.72 -12.51
N GLY A 19 -16.97 -5.07 -13.15
CA GLY A 19 -16.91 -5.05 -14.60
C GLY A 19 -17.55 -3.82 -15.24
N ALA A 20 -17.90 -2.86 -14.43
CA ALA A 20 -18.40 -1.57 -14.91
C ALA A 20 -17.49 -0.50 -14.33
N PHE A 21 -17.33 0.61 -14.99
CA PHE A 21 -16.41 1.61 -14.48
C PHE A 21 -17.14 2.82 -13.90
N CYS A 22 -16.68 3.27 -12.77
CA CYS A 22 -17.23 4.41 -12.05
C CYS A 22 -16.14 5.44 -11.85
N GLU A 23 -16.46 6.72 -11.94
CA GLU A 23 -15.45 7.71 -11.75
C GLU A 23 -15.29 8.02 -10.28
N ALA A 24 -14.10 8.39 -9.91
CA ALA A 24 -13.81 8.74 -8.57
C ALA A 24 -12.71 9.75 -8.55
N LYS A 25 -12.42 10.27 -7.42
CA LYS A 25 -11.37 11.22 -7.29
C LYS A 25 -10.60 10.89 -6.04
N ILE A 26 -9.30 10.86 -6.15
CA ILE A 26 -8.46 10.50 -5.03
C ILE A 26 -8.56 11.53 -3.92
N LYS A 27 -9.05 11.07 -2.81
CA LYS A 27 -9.22 11.88 -1.64
C LYS A 27 -8.02 11.72 -0.71
N THR A 28 -7.56 10.50 -0.58
CA THR A 28 -6.42 10.17 0.25
C THR A 28 -5.53 9.18 -0.48
N VAL A 29 -4.26 9.34 -0.31
CA VAL A 29 -3.29 8.44 -0.86
C VAL A 29 -2.54 7.83 0.26
N LYS A 30 -2.81 6.62 0.49
CA LYS A 30 -2.10 5.89 1.48
C LYS A 30 -0.95 5.24 0.77
N ARG A 31 0.15 5.92 0.73
CA ARG A 31 1.30 5.34 0.12
C ARG A 31 2.14 4.70 1.17
N LEU A 32 2.10 3.43 1.18
CA LEU A 32 2.76 2.67 2.17
C LEU A 32 3.37 1.50 1.52
N VAL A 33 4.47 1.13 1.97
CA VAL A 33 5.13 0.04 1.34
C VAL A 33 5.30 -1.11 2.32
N LYS A 34 4.80 -2.28 1.96
CA LYS A 34 4.90 -3.42 2.85
C LYS A 34 6.26 -4.06 2.71
N VAL A 35 7.08 -3.74 3.63
CA VAL A 35 8.43 -4.16 3.69
C VAL A 35 8.53 -5.50 4.40
N LYS A 36 9.23 -6.39 3.78
CA LYS A 36 9.49 -7.69 4.31
C LYS A 36 10.84 -7.63 4.93
N VAL A 37 10.90 -7.68 6.21
CA VAL A 37 12.15 -7.62 6.91
C VAL A 37 12.42 -8.92 7.58
N LEU A 38 13.65 -9.21 7.69
CA LEU A 38 14.12 -10.37 8.37
C LEU A 38 14.83 -9.93 9.60
N LEU A 39 14.31 -10.34 10.73
CA LEU A 39 14.86 -9.97 12.00
C LEU A 39 16.19 -10.66 12.17
N LYS A 40 17.22 -9.91 12.45
CA LYS A 40 18.55 -10.49 12.53
C LYS A 40 18.71 -11.32 13.80
N GLN A 41 18.10 -10.87 14.87
CA GLN A 41 18.24 -11.51 16.14
C GLN A 41 17.31 -12.71 16.30
N ASP A 42 16.10 -12.63 15.77
CA ASP A 42 15.12 -13.71 15.99
C ASP A 42 14.89 -14.57 14.73
N ASN A 43 15.45 -14.14 13.57
CA ASN A 43 15.38 -14.86 12.25
C ASN A 43 13.96 -15.03 11.75
N THR A 44 13.09 -14.24 12.25
CA THR A 44 11.75 -14.22 11.83
C THR A 44 11.59 -13.19 10.75
N THR A 45 10.71 -13.43 9.85
CA THR A 45 10.49 -12.51 8.82
C THR A 45 9.15 -11.85 9.07
N GLN A 46 9.05 -10.61 8.79
CA GLN A 46 7.88 -9.84 9.08
C GLN A 46 7.58 -9.02 7.82
N LEU A 47 6.33 -8.82 7.52
CA LEU A 47 5.94 -8.02 6.35
C LEU A 47 4.97 -6.97 6.84
N VAL A 48 5.47 -5.77 7.00
CA VAL A 48 4.67 -4.67 7.55
C VAL A 48 5.08 -3.41 6.78
N GLN A 49 4.30 -2.38 6.84
CA GLN A 49 4.58 -1.21 6.06
C GLN A 49 5.58 -0.27 6.72
N ASP A 50 6.06 0.64 5.91
CA ASP A 50 7.13 1.60 6.21
C ASP A 50 6.89 2.49 7.44
N ASP A 51 5.68 2.54 7.98
CA ASP A 51 5.45 3.39 9.14
C ASP A 51 5.74 2.63 10.42
N GLN A 52 5.92 1.34 10.28
CA GLN A 52 6.28 0.47 11.39
C GLN A 52 7.75 0.16 11.30
N VAL A 53 8.33 0.58 10.21
CA VAL A 53 9.73 0.41 9.96
C VAL A 53 10.44 1.72 10.19
N LYS A 54 11.32 1.70 11.12
CA LYS A 54 12.08 2.87 11.44
C LYS A 54 13.42 2.77 10.75
N GLY A 55 13.51 3.42 9.62
CA GLY A 55 14.72 3.43 8.87
C GLY A 55 14.45 3.48 7.37
N PRO A 56 15.52 3.41 6.55
CA PRO A 56 15.42 3.39 5.08
C PRO A 56 14.72 2.14 4.56
N LEU A 57 13.93 2.29 3.54
CA LEU A 57 13.29 1.15 2.95
C LEU A 57 14.12 0.72 1.77
N ARG A 58 15.12 -0.05 2.07
CA ARG A 58 16.12 -0.44 1.12
C ARG A 58 16.42 -1.89 1.30
N VAL A 59 16.33 -2.67 0.24
CA VAL A 59 16.62 -4.10 0.35
C VAL A 59 18.06 -4.30 0.75
N GLY A 60 18.26 -4.96 1.84
CA GLY A 60 19.57 -5.19 2.35
C GLY A 60 20.00 -4.18 3.39
N ALA A 61 19.11 -3.28 3.78
CA ALA A 61 19.49 -2.27 4.78
C ALA A 61 19.06 -2.70 6.16
N ILE A 62 19.76 -2.17 7.16
CA ILE A 62 19.49 -2.49 8.56
C ILE A 62 18.52 -1.44 9.14
N VAL A 63 17.36 -1.87 9.59
CA VAL A 63 16.34 -0.97 10.15
C VAL A 63 15.73 -1.58 11.39
N GLU A 64 14.80 -0.89 11.98
CA GLU A 64 14.08 -1.44 13.13
C GLU A 64 12.61 -1.47 12.83
N THR A 65 12.04 -2.63 12.88
CA THR A 65 10.69 -2.82 12.55
C THR A 65 9.91 -3.23 13.79
N ARG A 66 8.68 -2.82 13.84
CA ARG A 66 7.81 -3.19 14.92
C ARG A 66 7.23 -4.55 14.60
N THR A 67 7.37 -5.44 15.51
CA THR A 67 6.87 -6.77 15.33
C THR A 67 5.46 -6.86 15.89
N SER A 68 4.82 -8.00 15.71
CA SER A 68 3.47 -8.22 16.21
C SER A 68 3.42 -8.28 17.75
N ASP A 69 4.60 -8.23 18.37
CA ASP A 69 4.71 -8.21 19.80
C ASP A 69 4.54 -6.76 20.29
N GLY A 70 4.64 -5.83 19.38
CA GLY A 70 4.51 -4.43 19.72
C GLY A 70 5.86 -3.80 19.90
N SER A 71 6.85 -4.63 20.06
CA SER A 71 8.18 -4.21 20.27
C SER A 71 8.94 -4.15 18.94
N PHE A 72 10.00 -3.37 18.90
CA PHE A 72 10.81 -3.22 17.73
C PHE A 72 11.99 -4.17 17.77
N GLN A 73 12.39 -4.63 16.63
CA GLN A 73 13.52 -5.51 16.50
C GLN A 73 14.31 -5.04 15.31
N GLU A 74 15.61 -5.12 15.39
CA GLU A 74 16.44 -4.67 14.30
C GLU A 74 16.48 -5.76 13.24
N ALA A 75 16.25 -5.36 12.03
CA ALA A 75 16.04 -6.27 10.96
C ALA A 75 16.68 -5.78 9.69
N ILE A 76 16.65 -6.61 8.69
CA ILE A 76 17.18 -6.26 7.38
C ILE A 76 16.03 -6.34 6.38
N ILE A 77 15.95 -5.39 5.46
CA ILE A 77 14.91 -5.46 4.44
C ILE A 77 15.24 -6.55 3.43
N SER A 78 14.30 -7.43 3.19
CA SER A 78 14.46 -8.48 2.22
C SER A 78 13.58 -8.22 0.99
N LYS A 79 12.51 -7.45 1.14
CA LYS A 79 11.57 -7.22 0.04
C LYS A 79 10.73 -6.01 0.38
N LEU A 80 10.21 -5.35 -0.63
CA LEU A 80 9.21 -4.33 -0.44
C LEU A 80 8.08 -4.62 -1.39
N THR A 81 6.88 -4.57 -0.91
CA THR A 81 5.71 -4.81 -1.71
C THR A 81 5.06 -3.46 -2.00
N ASP A 82 4.89 -3.15 -3.27
CA ASP A 82 4.33 -1.87 -3.70
C ASP A 82 2.89 -1.74 -3.28
N ALA A 83 2.62 -0.74 -2.49
CA ALA A 83 1.28 -0.49 -2.05
C ALA A 83 1.01 1.00 -2.07
N SER A 84 -0.19 1.33 -2.38
CA SER A 84 -0.68 2.67 -2.40
C SER A 84 -2.17 2.60 -2.55
N TRP A 85 -2.82 2.79 -1.47
CA TRP A 85 -4.24 2.69 -1.40
C TRP A 85 -4.88 4.02 -1.52
N TYR A 86 -5.69 4.16 -2.50
CA TYR A 86 -6.27 5.42 -2.77
C TYR A 86 -7.71 5.40 -2.33
N THR A 87 -7.99 6.14 -1.30
CA THR A 87 -9.32 6.32 -0.88
C THR A 87 -9.89 7.35 -1.80
N VAL A 88 -10.76 6.92 -2.64
CA VAL A 88 -11.29 7.75 -3.66
C VAL A 88 -12.76 8.00 -3.42
N VAL A 89 -13.19 9.16 -3.75
CA VAL A 89 -14.57 9.55 -3.63
C VAL A 89 -15.22 9.46 -5.00
N PHE A 90 -16.22 8.66 -5.08
CA PHE A 90 -16.85 8.32 -6.34
C PHE A 90 -17.94 9.29 -6.68
N ASP A 91 -18.63 9.05 -7.79
CA ASP A 91 -19.79 9.87 -8.17
C ASP A 91 -20.93 9.60 -7.19
N ASP A 92 -20.78 8.51 -6.42
CA ASP A 92 -21.67 8.15 -5.32
C ASP A 92 -21.52 9.12 -4.17
N GLY A 93 -20.43 9.87 -4.17
CA GLY A 93 -20.16 10.81 -3.10
C GLY A 93 -19.55 10.14 -1.89
N ASP A 94 -19.45 8.83 -1.96
CA ASP A 94 -18.90 8.02 -0.89
C ASP A 94 -17.44 7.71 -1.23
N GLU A 95 -16.69 7.21 -0.27
CA GLU A 95 -15.30 6.96 -0.46
C GLU A 95 -14.96 5.48 -0.21
N ARG A 96 -14.27 4.89 -1.14
CA ARG A 96 -13.79 3.52 -1.02
C ARG A 96 -12.31 3.55 -1.27
N THR A 97 -11.59 2.65 -0.68
CA THR A 97 -10.17 2.60 -0.84
C THR A 97 -9.78 1.43 -1.76
N LEU A 98 -9.16 1.76 -2.87
CA LEU A 98 -8.69 0.78 -3.84
C LEU A 98 -7.37 1.22 -4.41
N ARG A 99 -6.55 0.28 -4.84
CA ARG A 99 -5.27 0.60 -5.40
C ARG A 99 -5.31 0.55 -6.94
N ARG A 100 -4.13 0.72 -7.57
CA ARG A 100 -3.98 0.75 -9.05
C ARG A 100 -4.59 -0.49 -9.74
N THR A 101 -4.65 -1.60 -9.04
CA THR A 101 -5.20 -2.84 -9.55
C THR A 101 -6.67 -2.69 -10.02
N SER A 102 -7.41 -1.77 -9.42
CA SER A 102 -8.78 -1.58 -9.81
C SER A 102 -9.08 -0.13 -10.17
N LEU A 103 -8.03 0.67 -10.29
CA LEU A 103 -8.18 2.05 -10.59
C LEU A 103 -7.62 2.31 -11.99
N CYS A 104 -8.41 2.92 -12.84
CA CYS A 104 -8.09 3.09 -14.24
C CYS A 104 -7.46 4.44 -14.52
N LEU A 105 -8.23 5.51 -14.29
CA LEU A 105 -7.80 6.90 -14.43
C LEU A 105 -7.79 7.30 -15.90
N LYS A 106 -6.91 6.71 -16.68
CA LYS A 106 -6.76 7.08 -18.05
C LYS A 106 -7.60 6.16 -18.95
N GLY A 107 -7.10 5.00 -19.29
CA GLY A 107 -7.89 4.13 -20.12
C GLY A 107 -7.10 3.01 -20.68
N GLU A 108 -6.64 2.17 -19.80
CA GLU A 108 -5.89 1.04 -20.20
C GLU A 108 -6.86 -0.08 -20.48
N ARG A 109 -6.79 -0.61 -21.67
CA ARG A 109 -7.79 -1.53 -22.22
C ARG A 109 -7.74 -2.96 -21.64
N HIS A 110 -7.45 -3.09 -20.36
CA HIS A 110 -7.45 -4.38 -19.68
C HIS A 110 -7.49 -4.21 -18.14
N PHE A 111 -8.68 -4.24 -17.62
CA PHE A 111 -8.94 -4.24 -16.19
C PHE A 111 -9.81 -5.40 -15.82
N ALA A 112 -9.81 -6.39 -16.70
CA ALA A 112 -10.65 -7.58 -16.59
C ALA A 112 -12.09 -7.21 -16.82
N GLU A 113 -12.36 -6.91 -18.07
CA GLU A 113 -13.66 -6.51 -18.53
C GLU A 113 -14.57 -7.72 -18.65
N SER A 114 -15.84 -7.48 -18.53
CA SER A 114 -16.85 -8.45 -18.72
C SER A 114 -17.28 -8.39 -20.19
N GLU A 115 -18.27 -9.15 -20.60
CA GLU A 115 -18.70 -9.06 -21.99
C GLU A 115 -19.58 -7.84 -22.20
N THR A 116 -18.94 -6.74 -22.46
CA THR A 116 -19.58 -5.47 -22.68
C THR A 116 -19.29 -5.02 -24.12
N LEU A 117 -19.01 -6.00 -24.97
CA LEU A 117 -18.72 -5.75 -26.38
C LEU A 117 -20.03 -5.39 -27.09
N ASP A 118 -21.08 -6.00 -26.61
CA ASP A 118 -22.42 -5.74 -27.06
C ASP A 118 -23.24 -5.37 -25.86
N ALA A 1 4.68 10.09 -12.91
CA ALA A 1 3.39 10.74 -12.73
C ALA A 1 2.38 10.27 -13.79
N ASP A 2 2.63 9.12 -14.38
CA ASP A 2 1.73 8.52 -15.38
C ASP A 2 1.24 7.20 -14.86
N GLU A 3 2.14 6.52 -14.20
CA GLU A 3 1.90 5.22 -13.62
C GLU A 3 1.03 5.35 -12.38
N PRO A 4 0.14 4.38 -12.14
CA PRO A 4 -0.71 4.35 -10.96
C PRO A 4 -0.03 3.65 -9.76
N ALA A 5 1.28 3.85 -9.64
CA ALA A 5 2.08 3.23 -8.60
C ALA A 5 1.63 3.71 -7.23
N TYR A 6 1.70 4.99 -7.03
CA TYR A 6 1.26 5.64 -5.84
C TYR A 6 0.69 6.99 -6.18
N LEU A 7 -0.61 7.03 -6.31
CA LEU A 7 -1.34 8.20 -6.72
C LEU A 7 -1.65 9.09 -5.51
N THR A 8 -2.52 10.06 -5.70
CA THR A 8 -2.84 11.02 -4.67
C THR A 8 -4.36 11.17 -4.47
N VAL A 9 -4.72 11.93 -3.46
CA VAL A 9 -6.11 12.23 -3.13
C VAL A 9 -6.72 13.13 -4.19
N GLY A 10 -7.97 12.91 -4.52
CA GLY A 10 -8.66 13.74 -5.46
C GLY A 10 -8.73 13.11 -6.81
N THR A 11 -8.00 12.04 -7.00
CA THR A 11 -8.00 11.33 -8.23
C THR A 11 -9.31 10.53 -8.34
N ASP A 12 -9.85 10.48 -9.50
CA ASP A 12 -11.09 9.77 -9.74
C ASP A 12 -10.75 8.50 -10.50
N VAL A 13 -11.02 7.37 -9.91
CA VAL A 13 -10.68 6.10 -10.54
C VAL A 13 -11.92 5.26 -10.70
N SER A 14 -11.77 4.11 -11.24
CA SER A 14 -12.83 3.18 -11.38
C SER A 14 -12.54 2.01 -10.44
N ALA A 15 -13.47 1.72 -9.58
CA ALA A 15 -13.34 0.65 -8.63
C ALA A 15 -14.32 -0.42 -9.00
N LYS A 16 -13.92 -1.65 -8.91
CA LYS A 16 -14.81 -2.70 -9.29
C LYS A 16 -15.61 -3.28 -8.14
N TYR A 17 -16.88 -3.34 -8.37
CA TYR A 17 -17.82 -4.02 -7.55
C TYR A 17 -18.05 -5.34 -8.19
N ARG A 18 -17.44 -6.40 -7.68
CA ARG A 18 -17.71 -7.80 -8.13
C ARG A 18 -17.65 -7.97 -9.69
N GLY A 19 -16.74 -7.23 -10.32
CA GLY A 19 -16.57 -7.30 -11.77
C GLY A 19 -17.33 -6.23 -12.54
N ALA A 20 -17.87 -5.27 -11.84
CA ALA A 20 -18.55 -4.15 -12.47
C ALA A 20 -18.00 -2.89 -11.87
N PHE A 21 -17.52 -2.01 -12.69
CA PHE A 21 -16.83 -0.85 -12.19
C PHE A 21 -17.74 0.33 -11.98
N CYS A 22 -17.48 1.04 -10.93
CA CYS A 22 -18.13 2.27 -10.64
C CYS A 22 -17.03 3.25 -10.41
N GLU A 23 -17.24 4.48 -10.79
CA GLU A 23 -16.23 5.46 -10.53
C GLU A 23 -16.22 5.74 -9.05
N ALA A 24 -15.07 5.96 -8.54
CA ALA A 24 -14.88 6.16 -7.14
C ALA A 24 -13.84 7.21 -6.95
N LYS A 25 -14.06 8.05 -6.00
CA LYS A 25 -13.16 9.16 -5.79
C LYS A 25 -12.27 8.92 -4.58
N ILE A 26 -10.97 9.04 -4.81
CA ILE A 26 -9.99 8.82 -3.75
C ILE A 26 -10.05 9.94 -2.71
N LYS A 27 -10.39 9.56 -1.50
CA LYS A 27 -10.53 10.46 -0.37
C LYS A 27 -9.26 10.43 0.45
N THR A 28 -8.77 9.25 0.68
CA THR A 28 -7.57 9.08 1.47
C THR A 28 -6.57 8.21 0.71
N VAL A 29 -5.30 8.52 0.85
CA VAL A 29 -4.25 7.75 0.23
C VAL A 29 -3.26 7.37 1.29
N LYS A 30 -3.10 6.12 1.48
CA LYS A 30 -2.12 5.62 2.40
C LYS A 30 -0.95 5.12 1.60
N ARG A 31 0.06 5.94 1.48
CA ARG A 31 1.26 5.53 0.81
C ARG A 31 2.13 4.77 1.77
N LEU A 32 2.07 3.49 1.66
CA LEU A 32 2.82 2.63 2.52
C LEU A 32 3.47 1.63 1.65
N VAL A 33 4.45 1.00 2.13
CA VAL A 33 5.06 -0.03 1.38
C VAL A 33 5.15 -1.21 2.29
N LYS A 34 4.91 -2.38 1.78
CA LYS A 34 4.94 -3.55 2.61
C LYS A 34 6.31 -4.14 2.60
N VAL A 35 7.01 -3.87 3.64
CA VAL A 35 8.38 -4.24 3.76
C VAL A 35 8.50 -5.61 4.40
N LYS A 36 9.13 -6.49 3.69
CA LYS A 36 9.44 -7.80 4.15
C LYS A 36 10.71 -7.67 4.90
N VAL A 37 10.66 -7.83 6.15
CA VAL A 37 11.82 -7.76 6.95
C VAL A 37 12.16 -9.07 7.53
N LEU A 38 13.41 -9.29 7.68
CA LEU A 38 13.92 -10.47 8.29
C LEU A 38 14.56 -10.00 9.56
N LEU A 39 13.98 -10.42 10.62
CA LEU A 39 14.44 -10.06 11.92
C LEU A 39 15.69 -10.86 12.21
N LYS A 40 16.83 -10.18 12.28
CA LYS A 40 18.13 -10.83 12.35
C LYS A 40 18.26 -11.80 13.52
N GLN A 41 17.79 -11.41 14.69
CA GLN A 41 17.96 -12.21 15.85
C GLN A 41 17.02 -13.40 15.88
N ASP A 42 15.77 -13.12 15.67
CA ASP A 42 14.73 -14.11 15.84
C ASP A 42 14.54 -14.95 14.58
N ASN A 43 15.21 -14.52 13.50
CA ASN A 43 15.23 -15.14 12.15
C ASN A 43 13.85 -15.28 11.55
N THR A 44 12.94 -14.47 12.01
CA THR A 44 11.60 -14.47 11.53
C THR A 44 11.43 -13.43 10.47
N THR A 45 10.50 -13.64 9.61
CA THR A 45 10.26 -12.71 8.56
C THR A 45 8.85 -12.22 8.68
N GLN A 46 8.66 -11.00 8.40
CA GLN A 46 7.38 -10.39 8.45
C GLN A 46 7.26 -9.36 7.37
N LEU A 47 6.07 -8.96 7.08
CA LEU A 47 5.80 -8.01 6.04
C LEU A 47 4.95 -6.94 6.66
N VAL A 48 5.55 -5.83 6.93
CA VAL A 48 4.90 -4.75 7.66
C VAL A 48 4.86 -3.49 6.84
N GLN A 49 4.21 -2.47 7.33
CA GLN A 49 4.10 -1.24 6.58
C GLN A 49 5.28 -0.31 6.85
N ASP A 50 5.42 0.64 5.92
CA ASP A 50 6.42 1.75 5.90
C ASP A 50 6.59 2.44 7.29
N ASP A 51 5.55 2.43 8.08
CA ASP A 51 5.48 3.17 9.35
C ASP A 51 6.08 2.35 10.48
N GLN A 52 6.07 1.04 10.31
CA GLN A 52 6.57 0.14 11.34
C GLN A 52 8.07 0.03 11.19
N VAL A 53 8.54 0.40 10.03
CA VAL A 53 9.96 0.32 9.70
C VAL A 53 10.67 1.61 10.04
N LYS A 54 11.59 1.52 10.97
CA LYS A 54 12.37 2.66 11.40
C LYS A 54 13.78 2.55 10.84
N GLY A 55 14.05 3.29 9.80
CA GLY A 55 15.34 3.28 9.16
C GLY A 55 15.19 3.43 7.65
N PRO A 56 16.21 3.11 6.85
CA PRO A 56 16.14 3.22 5.39
C PRO A 56 15.40 2.06 4.76
N LEU A 57 14.54 2.36 3.84
CA LEU A 57 13.77 1.31 3.21
C LEU A 57 14.42 0.91 1.93
N ARG A 58 15.40 0.06 2.07
CA ARG A 58 16.17 -0.43 0.96
C ARG A 58 16.40 -1.90 1.21
N VAL A 59 16.30 -2.72 0.19
CA VAL A 59 16.53 -4.14 0.35
C VAL A 59 17.96 -4.37 0.81
N GLY A 60 18.11 -4.96 1.97
CA GLY A 60 19.40 -5.18 2.53
C GLY A 60 19.80 -4.12 3.53
N ALA A 61 18.89 -3.22 3.86
CA ALA A 61 19.21 -2.17 4.81
C ALA A 61 18.88 -2.59 6.21
N ILE A 62 19.59 -2.03 7.15
CA ILE A 62 19.39 -2.29 8.56
C ILE A 62 18.37 -1.32 9.10
N VAL A 63 17.27 -1.85 9.56
CA VAL A 63 16.23 -1.03 10.12
C VAL A 63 15.79 -1.63 11.41
N GLU A 64 14.88 -0.98 12.04
CA GLU A 64 14.26 -1.49 13.20
C GLU A 64 12.81 -1.53 12.92
N THR A 65 12.24 -2.65 13.00
CA THR A 65 10.89 -2.81 12.65
C THR A 65 10.10 -3.19 13.85
N ARG A 66 8.85 -2.95 13.78
CA ARG A 66 7.98 -3.34 14.82
C ARG A 66 7.69 -4.81 14.61
N THR A 67 7.91 -5.57 15.63
CA THR A 67 7.72 -6.97 15.61
C THR A 67 6.25 -7.26 15.91
N SER A 68 5.84 -8.51 15.89
CA SER A 68 4.46 -8.85 16.18
C SER A 68 4.20 -8.78 17.70
N ASP A 69 5.27 -8.48 18.43
CA ASP A 69 5.21 -8.31 19.87
C ASP A 69 5.02 -6.85 20.20
N GLY A 70 4.96 -6.03 19.16
CA GLY A 70 4.71 -4.62 19.32
C GLY A 70 5.96 -3.81 19.57
N SER A 71 7.08 -4.47 19.73
CA SER A 71 8.31 -3.80 20.05
C SER A 71 9.08 -3.53 18.76
N PHE A 72 10.15 -2.80 18.86
CA PHE A 72 10.99 -2.48 17.72
C PHE A 72 12.30 -3.20 17.85
N GLN A 73 12.60 -4.03 16.90
CA GLN A 73 13.79 -4.84 16.94
C GLN A 73 14.50 -4.69 15.58
N GLU A 74 15.81 -4.82 15.58
CA GLU A 74 16.64 -4.59 14.42
C GLU A 74 16.51 -5.73 13.39
N ALA A 75 16.12 -5.37 12.20
CA ALA A 75 15.86 -6.30 11.13
C ALA A 75 16.44 -5.79 9.83
N ILE A 76 16.37 -6.61 8.81
CA ILE A 76 16.90 -6.26 7.49
C ILE A 76 15.79 -6.35 6.47
N ILE A 77 15.75 -5.43 5.53
CA ILE A 77 14.75 -5.50 4.47
C ILE A 77 15.10 -6.63 3.51
N SER A 78 14.19 -7.52 3.36
CA SER A 78 14.32 -8.63 2.47
C SER A 78 13.54 -8.32 1.18
N LYS A 79 12.62 -7.34 1.25
CA LYS A 79 11.80 -6.95 0.10
C LYS A 79 10.93 -5.77 0.48
N LEU A 80 10.71 -4.86 -0.42
CA LEU A 80 9.67 -3.88 -0.24
C LEU A 80 8.61 -4.04 -1.33
N THR A 81 7.42 -4.33 -0.92
CA THR A 81 6.35 -4.68 -1.80
C THR A 81 5.44 -3.51 -2.00
N ASP A 82 5.15 -3.23 -3.26
CA ASP A 82 4.31 -2.11 -3.65
C ASP A 82 2.95 -2.20 -3.00
N ALA A 83 2.61 -1.19 -2.29
CA ALA A 83 1.36 -1.10 -1.61
C ALA A 83 0.96 0.34 -1.60
N SER A 84 -0.33 0.58 -1.52
CA SER A 84 -0.95 1.89 -1.40
C SER A 84 -2.44 1.67 -1.26
N TRP A 85 -3.00 2.14 -0.18
CA TRP A 85 -4.40 1.99 0.05
C TRP A 85 -5.08 3.24 -0.38
N TYR A 86 -6.00 3.13 -1.27
CA TYR A 86 -6.73 4.26 -1.73
C TYR A 86 -8.15 4.14 -1.24
N THR A 87 -8.46 4.95 -0.29
CA THR A 87 -9.74 4.99 0.29
C THR A 87 -10.62 5.83 -0.60
N VAL A 88 -11.44 5.19 -1.34
CA VAL A 88 -12.29 5.83 -2.28
C VAL A 88 -13.72 5.85 -1.79
N VAL A 89 -14.46 6.80 -2.27
CA VAL A 89 -15.84 6.91 -1.90
C VAL A 89 -16.69 6.43 -3.05
N PHE A 90 -17.67 5.66 -2.73
CA PHE A 90 -18.55 5.11 -3.71
C PHE A 90 -19.85 5.87 -3.77
N ASP A 91 -20.74 5.38 -4.62
CA ASP A 91 -22.09 5.93 -4.80
C ASP A 91 -22.89 5.80 -3.50
N ASP A 92 -22.51 4.82 -2.71
CA ASP A 92 -23.15 4.54 -1.42
C ASP A 92 -22.84 5.65 -0.40
N GLY A 93 -21.82 6.45 -0.72
CA GLY A 93 -21.37 7.48 0.20
C GLY A 93 -20.42 6.87 1.18
N ASP A 94 -19.98 5.69 0.85
CA ASP A 94 -19.13 4.86 1.66
C ASP A 94 -17.74 5.05 1.24
N GLU A 95 -16.89 5.16 2.17
CA GLU A 95 -15.51 5.27 1.89
C GLU A 95 -14.89 3.93 2.20
N ARG A 96 -14.20 3.41 1.27
CA ARG A 96 -13.67 2.09 1.39
C ARG A 96 -12.31 2.09 0.78
N THR A 97 -11.40 1.44 1.38
CA THR A 97 -10.09 1.42 0.85
C THR A 97 -9.86 0.13 0.10
N LEU A 98 -9.53 0.24 -1.15
CA LEU A 98 -9.34 -0.92 -1.95
C LEU A 98 -7.87 -1.07 -2.29
N ARG A 99 -7.54 -2.24 -2.78
CA ARG A 99 -6.19 -2.52 -3.23
C ARG A 99 -6.04 -1.91 -4.59
N ARG A 100 -4.81 -1.75 -5.05
CA ARG A 100 -4.58 -1.21 -6.36
C ARG A 100 -5.07 -2.22 -7.41
N THR A 101 -5.24 -3.46 -6.98
CA THR A 101 -5.71 -4.53 -7.82
C THR A 101 -7.25 -4.58 -7.82
N SER A 102 -7.87 -3.54 -7.33
CA SER A 102 -9.29 -3.44 -7.35
C SER A 102 -9.69 -2.10 -7.94
N LEU A 103 -8.68 -1.35 -8.34
CA LEU A 103 -8.84 0.00 -8.82
C LEU A 103 -8.17 0.15 -10.15
N CYS A 104 -8.71 0.98 -10.98
CA CYS A 104 -8.14 1.27 -12.25
C CYS A 104 -8.60 2.63 -12.68
N LEU A 105 -7.65 3.51 -13.03
CA LEU A 105 -7.94 4.83 -13.59
C LEU A 105 -8.93 4.68 -14.76
N LYS A 106 -8.46 4.10 -15.84
CA LYS A 106 -9.25 3.85 -17.00
C LYS A 106 -8.46 2.91 -17.89
N GLY A 107 -8.85 1.66 -17.88
CA GLY A 107 -8.18 0.65 -18.66
C GLY A 107 -9.00 -0.61 -18.61
N GLU A 108 -10.12 -0.58 -19.29
CA GLU A 108 -11.07 -1.67 -19.26
C GLU A 108 -10.59 -2.88 -20.07
N ARG A 109 -9.72 -2.66 -21.03
CA ARG A 109 -9.15 -3.77 -21.75
C ARG A 109 -7.90 -4.21 -21.01
N HIS A 110 -8.14 -4.72 -19.81
CA HIS A 110 -7.16 -5.20 -18.86
C HIS A 110 -7.92 -5.46 -17.57
N PHE A 111 -8.53 -4.41 -17.07
CA PHE A 111 -9.35 -4.50 -15.89
C PHE A 111 -10.80 -4.41 -16.28
N ALA A 112 -11.40 -5.54 -16.50
CA ALA A 112 -12.80 -5.63 -16.81
C ALA A 112 -13.43 -6.69 -15.99
N GLU A 113 -12.77 -7.87 -15.97
CA GLU A 113 -13.20 -9.02 -15.17
C GLU A 113 -14.56 -9.55 -15.67
N SER A 114 -14.82 -9.22 -16.91
CA SER A 114 -15.93 -9.65 -17.69
C SER A 114 -15.29 -9.86 -19.04
N GLU A 115 -15.32 -11.11 -19.54
CA GLU A 115 -14.52 -11.55 -20.70
C GLU A 115 -13.04 -11.52 -20.29
N THR A 116 -12.53 -12.66 -19.90
CA THR A 116 -11.21 -12.70 -19.29
C THR A 116 -10.08 -12.88 -20.35
N LEU A 117 -10.45 -12.93 -21.61
CA LEU A 117 -9.45 -13.09 -22.65
C LEU A 117 -8.75 -11.75 -22.94
N ASP A 118 -9.31 -10.96 -23.83
CA ASP A 118 -8.72 -9.69 -24.26
C ASP A 118 -9.68 -8.98 -25.17
N ALA A 1 -7.97 2.82 -13.99
CA ALA A 1 -6.81 2.67 -13.11
C ALA A 1 -5.56 2.52 -13.94
N ASP A 2 -4.61 3.40 -13.74
CA ASP A 2 -3.37 3.33 -14.50
C ASP A 2 -2.31 2.61 -13.71
N GLU A 3 -2.39 2.74 -12.40
CA GLU A 3 -1.46 2.09 -11.50
C GLU A 3 -2.14 0.92 -10.81
N PRO A 4 -1.80 -0.33 -11.18
CA PRO A 4 -2.45 -1.52 -10.64
C PRO A 4 -1.91 -1.96 -9.25
N ALA A 5 -0.80 -1.40 -8.81
CA ALA A 5 -0.26 -1.73 -7.49
C ALA A 5 -0.80 -0.79 -6.44
N TYR A 6 -1.23 0.36 -6.90
CA TYR A 6 -1.72 1.40 -6.04
C TYR A 6 -2.65 2.29 -6.81
N LEU A 7 -3.94 2.15 -6.53
CA LEU A 7 -4.97 2.93 -7.20
C LEU A 7 -4.93 4.40 -6.75
N THR A 8 -5.88 5.18 -7.21
CA THR A 8 -5.86 6.59 -7.00
C THR A 8 -7.19 7.13 -6.51
N VAL A 9 -7.15 8.32 -5.93
CA VAL A 9 -8.31 8.98 -5.39
C VAL A 9 -9.20 9.49 -6.54
N GLY A 10 -10.46 9.19 -6.48
CA GLY A 10 -11.38 9.64 -7.49
C GLY A 10 -12.23 8.54 -8.04
N THR A 11 -11.75 7.33 -7.92
CA THR A 11 -12.45 6.19 -8.40
C THR A 11 -13.48 5.75 -7.36
N ASP A 12 -14.62 5.31 -7.81
CA ASP A 12 -15.57 4.72 -6.92
C ASP A 12 -15.44 3.23 -7.07
N VAL A 13 -15.41 2.54 -5.99
CA VAL A 13 -15.23 1.13 -5.96
C VAL A 13 -16.32 0.50 -5.17
N SER A 14 -16.51 -0.76 -5.35
CA SER A 14 -17.47 -1.44 -4.57
C SER A 14 -16.72 -2.16 -3.49
N ALA A 15 -17.08 -1.90 -2.29
CA ALA A 15 -16.40 -2.42 -1.15
C ALA A 15 -17.27 -3.46 -0.52
N LYS A 16 -16.76 -4.67 -0.42
CA LYS A 16 -17.48 -5.71 0.22
C LYS A 16 -17.28 -5.54 1.70
N TYR A 17 -18.31 -5.08 2.35
CA TYR A 17 -18.25 -4.84 3.74
C TYR A 17 -19.28 -5.63 4.46
N ARG A 18 -18.81 -6.39 5.43
CA ARG A 18 -19.67 -7.23 6.27
C ARG A 18 -20.39 -8.28 5.40
N GLY A 19 -19.73 -8.70 4.34
CA GLY A 19 -20.25 -9.75 3.49
C GLY A 19 -21.03 -9.27 2.28
N ALA A 20 -21.23 -7.97 2.14
CA ALA A 20 -21.96 -7.47 0.98
C ALA A 20 -21.26 -6.24 0.42
N PHE A 21 -21.12 -6.17 -0.88
CA PHE A 21 -20.45 -5.03 -1.49
C PHE A 21 -21.39 -3.93 -1.85
N CYS A 22 -20.99 -2.75 -1.53
CA CYS A 22 -21.74 -1.58 -1.86
C CYS A 22 -20.76 -0.56 -2.41
N GLU A 23 -21.24 0.46 -3.08
CA GLU A 23 -20.35 1.43 -3.68
C GLU A 23 -19.72 2.31 -2.61
N ALA A 24 -18.52 2.70 -2.87
CA ALA A 24 -17.76 3.53 -2.01
C ALA A 24 -16.84 4.38 -2.84
N LYS A 25 -16.55 5.55 -2.39
CA LYS A 25 -15.68 6.43 -3.14
C LYS A 25 -14.38 6.63 -2.39
N ILE A 26 -13.27 6.47 -3.11
CA ILE A 26 -11.93 6.59 -2.54
C ILE A 26 -11.66 8.02 -2.07
N LYS A 27 -11.41 8.17 -0.79
CA LYS A 27 -11.09 9.45 -0.19
C LYS A 27 -9.59 9.58 -0.11
N THR A 28 -8.98 8.57 0.43
CA THR A 28 -7.56 8.57 0.65
C THR A 28 -6.93 7.27 0.18
N VAL A 29 -5.74 7.39 -0.33
CA VAL A 29 -4.93 6.29 -0.76
C VAL A 29 -3.64 6.33 0.00
N LYS A 30 -3.45 5.37 0.82
CA LYS A 30 -2.23 5.26 1.59
C LYS A 30 -1.31 4.29 0.90
N ARG A 31 -0.39 4.81 0.13
CA ARG A 31 0.56 3.98 -0.56
C ARG A 31 1.65 3.59 0.41
N LEU A 32 1.49 2.44 1.01
CA LEU A 32 2.44 1.99 1.97
C LEU A 32 3.34 0.94 1.40
N VAL A 33 4.43 0.74 2.01
CA VAL A 33 5.34 -0.25 1.56
C VAL A 33 5.36 -1.35 2.58
N LYS A 34 4.97 -2.52 2.16
CA LYS A 34 5.08 -3.66 3.00
C LYS A 34 6.48 -4.14 2.89
N VAL A 35 7.23 -3.80 3.87
CA VAL A 35 8.60 -4.12 3.91
C VAL A 35 8.75 -5.51 4.49
N LYS A 36 9.29 -6.39 3.71
CA LYS A 36 9.57 -7.73 4.12
C LYS A 36 10.84 -7.68 4.87
N VAL A 37 10.74 -7.83 6.12
CA VAL A 37 11.85 -7.72 7.00
C VAL A 37 12.14 -9.03 7.60
N LEU A 38 13.37 -9.20 7.87
CA LEU A 38 13.85 -10.33 8.55
C LEU A 38 14.45 -9.80 9.81
N LEU A 39 13.82 -10.09 10.90
CA LEU A 39 14.28 -9.62 12.18
C LEU A 39 15.55 -10.37 12.55
N LYS A 40 16.64 -9.66 12.82
CA LYS A 40 17.92 -10.32 13.08
C LYS A 40 17.94 -11.21 14.33
N GLN A 41 17.16 -10.89 15.33
CA GLN A 41 17.16 -11.67 16.54
C GLN A 41 16.20 -12.86 16.43
N ASP A 42 14.96 -12.58 16.11
CA ASP A 42 13.94 -13.63 16.08
C ASP A 42 13.96 -14.43 14.81
N ASN A 43 14.51 -13.84 13.76
CA ASN A 43 14.60 -14.49 12.44
C ASN A 43 13.25 -14.71 11.82
N THR A 44 12.33 -13.85 12.11
CA THR A 44 11.06 -13.90 11.48
C THR A 44 11.05 -13.04 10.27
N THR A 45 10.45 -13.53 9.25
CA THR A 45 10.30 -12.76 8.09
C THR A 45 8.86 -12.39 8.02
N GLN A 46 8.62 -11.16 7.84
CA GLN A 46 7.30 -10.65 7.84
C GLN A 46 7.28 -9.37 7.06
N LEU A 47 6.15 -9.03 6.58
CA LEU A 47 6.01 -7.85 5.81
C LEU A 47 5.15 -6.86 6.56
N VAL A 48 5.77 -5.83 7.05
CA VAL A 48 5.08 -4.82 7.82
C VAL A 48 5.11 -3.51 7.07
N GLN A 49 4.32 -2.57 7.49
CA GLN A 49 4.19 -1.31 6.77
C GLN A 49 5.25 -0.30 7.19
N ASP A 50 5.41 0.76 6.39
CA ASP A 50 6.44 1.84 6.59
C ASP A 50 6.35 2.40 7.97
N ASP A 51 5.15 2.45 8.44
CA ASP A 51 4.79 3.08 9.72
C ASP A 51 5.42 2.36 10.87
N GLN A 52 5.74 1.10 10.66
CA GLN A 52 6.37 0.30 11.68
C GLN A 52 7.86 0.25 11.43
N VAL A 53 8.25 0.60 10.21
CA VAL A 53 9.64 0.51 9.79
C VAL A 53 10.37 1.84 9.87
N LYS A 54 11.36 1.88 10.70
CA LYS A 54 12.19 3.04 10.85
C LYS A 54 13.58 2.75 10.30
N GLY A 55 13.93 3.45 9.24
CA GLY A 55 15.22 3.29 8.63
C GLY A 55 15.11 3.42 7.12
N PRO A 56 16.14 2.98 6.36
CA PRO A 56 16.13 3.06 4.90
C PRO A 56 15.42 1.90 4.23
N LEU A 57 14.64 2.20 3.22
CA LEU A 57 13.91 1.18 2.50
C LEU A 57 14.66 0.73 1.27
N ARG A 58 15.58 -0.17 1.49
CA ARG A 58 16.33 -0.80 0.41
C ARG A 58 16.46 -2.24 0.73
N VAL A 59 16.36 -3.08 -0.26
CA VAL A 59 16.52 -4.49 -0.02
C VAL A 59 17.96 -4.77 0.38
N GLY A 60 18.14 -5.17 1.61
CA GLY A 60 19.44 -5.39 2.13
C GLY A 60 19.88 -4.32 3.10
N ALA A 61 18.97 -3.43 3.42
CA ALA A 61 19.28 -2.35 4.34
C ALA A 61 18.82 -2.74 5.71
N ILE A 62 19.45 -2.20 6.71
CA ILE A 62 19.11 -2.51 8.06
C ILE A 62 18.24 -1.40 8.64
N VAL A 63 17.11 -1.78 9.15
CA VAL A 63 16.15 -0.88 9.75
C VAL A 63 15.81 -1.39 11.11
N GLU A 64 14.94 -0.73 11.76
CA GLU A 64 14.40 -1.21 12.97
C GLU A 64 12.91 -1.09 12.89
N THR A 65 12.25 -2.15 13.15
CA THR A 65 10.86 -2.23 12.88
C THR A 65 10.14 -2.94 13.99
N ARG A 66 8.87 -2.71 14.03
CA ARG A 66 8.01 -3.30 15.00
C ARG A 66 7.90 -4.80 14.72
N THR A 67 8.07 -5.57 15.75
CA THR A 67 7.91 -6.97 15.66
C THR A 67 6.45 -7.30 15.99
N SER A 68 6.05 -8.52 15.76
CA SER A 68 4.68 -8.94 15.96
C SER A 68 4.27 -8.86 17.43
N ASP A 69 5.28 -8.89 18.31
CA ASP A 69 5.10 -8.74 19.76
C ASP A 69 4.58 -7.34 20.11
N GLY A 70 4.87 -6.38 19.26
CA GLY A 70 4.48 -5.02 19.52
C GLY A 70 5.68 -4.15 19.77
N SER A 71 6.77 -4.79 20.15
CA SER A 71 8.04 -4.13 20.42
C SER A 71 8.73 -3.80 19.08
N PHE A 72 9.88 -3.20 19.15
CA PHE A 72 10.67 -2.87 17.98
C PHE A 72 11.99 -3.58 18.05
N GLN A 73 12.42 -4.14 16.96
CA GLN A 73 13.63 -4.89 16.90
C GLN A 73 14.33 -4.50 15.60
N GLU A 74 15.63 -4.61 15.56
CA GLU A 74 16.35 -4.26 14.38
C GLU A 74 16.22 -5.40 13.36
N ALA A 75 16.00 -5.03 12.14
CA ALA A 75 15.74 -5.99 11.08
C ALA A 75 16.41 -5.59 9.80
N ILE A 76 16.34 -6.45 8.82
CA ILE A 76 16.92 -6.17 7.50
C ILE A 76 15.83 -6.34 6.44
N ILE A 77 15.84 -5.51 5.41
CA ILE A 77 14.86 -5.65 4.33
C ILE A 77 15.24 -6.82 3.44
N SER A 78 14.34 -7.74 3.30
CA SER A 78 14.51 -8.88 2.46
C SER A 78 13.79 -8.65 1.11
N LYS A 79 12.78 -7.78 1.14
CA LYS A 79 11.99 -7.42 -0.04
C LYS A 79 11.14 -6.22 0.36
N LEU A 80 10.80 -5.38 -0.57
CA LEU A 80 9.87 -4.31 -0.29
C LEU A 80 8.74 -4.31 -1.30
N THR A 81 7.54 -4.50 -0.83
CA THR A 81 6.38 -4.64 -1.68
C THR A 81 5.51 -3.38 -1.59
N ASP A 82 5.22 -2.77 -2.71
CA ASP A 82 4.39 -1.58 -2.73
C ASP A 82 2.94 -1.96 -2.58
N ALA A 83 2.32 -1.44 -1.57
CA ALA A 83 0.95 -1.74 -1.28
C ALA A 83 0.19 -0.44 -1.11
N SER A 84 -1.08 -0.55 -0.83
CA SER A 84 -1.90 0.60 -0.65
C SER A 84 -3.21 0.24 0.03
N TRP A 85 -3.68 1.16 0.82
CA TRP A 85 -4.97 1.09 1.46
C TRP A 85 -5.81 2.18 0.91
N TYR A 86 -7.08 1.94 0.80
CA TYR A 86 -7.97 2.91 0.26
C TYR A 86 -9.06 3.17 1.28
N THR A 87 -9.09 4.34 1.82
CA THR A 87 -10.12 4.71 2.71
C THR A 87 -11.24 5.23 1.84
N VAL A 88 -12.25 4.45 1.75
CA VAL A 88 -13.35 4.75 0.91
C VAL A 88 -14.56 5.07 1.75
N VAL A 89 -15.36 5.95 1.24
CA VAL A 89 -16.58 6.33 1.91
C VAL A 89 -17.73 5.63 1.24
N PHE A 90 -18.43 4.88 2.01
CA PHE A 90 -19.54 4.09 1.52
C PHE A 90 -20.73 4.94 1.20
N ASP A 91 -21.72 4.30 0.62
CA ASP A 91 -23.05 4.88 0.39
C ASP A 91 -23.64 5.35 1.73
N ASP A 92 -23.21 4.69 2.79
CA ASP A 92 -23.59 5.02 4.16
C ASP A 92 -22.94 6.30 4.64
N GLY A 93 -21.90 6.75 3.96
CA GLY A 93 -21.20 7.95 4.40
C GLY A 93 -20.14 7.62 5.44
N ASP A 94 -19.87 6.35 5.58
CA ASP A 94 -18.90 5.85 6.52
C ASP A 94 -17.60 5.60 5.78
N GLU A 95 -16.51 5.87 6.39
CA GLU A 95 -15.22 5.69 5.79
C GLU A 95 -14.55 4.48 6.34
N ARG A 96 -14.11 3.61 5.48
CA ARG A 96 -13.40 2.43 5.89
C ARG A 96 -12.20 2.24 5.01
N THR A 97 -11.18 1.70 5.55
CA THR A 97 -9.96 1.50 4.84
C THR A 97 -9.80 0.01 4.46
N LEU A 98 -9.84 -0.26 3.17
CA LEU A 98 -9.72 -1.61 2.64
C LEU A 98 -8.88 -1.64 1.36
N ARG A 99 -8.38 -2.82 1.02
CA ARG A 99 -7.56 -3.01 -0.18
C ARG A 99 -8.42 -3.63 -1.28
N ARG A 100 -7.79 -4.02 -2.42
CA ARG A 100 -8.55 -4.63 -3.54
C ARG A 100 -9.09 -6.00 -3.16
N THR A 101 -8.56 -6.52 -2.08
CA THR A 101 -8.97 -7.78 -1.53
C THR A 101 -10.34 -7.68 -0.86
N SER A 102 -10.89 -6.48 -0.83
CA SER A 102 -12.22 -6.29 -0.35
C SER A 102 -12.96 -5.31 -1.30
N LEU A 103 -12.33 -5.00 -2.44
CA LEU A 103 -12.92 -4.09 -3.41
C LEU A 103 -13.25 -4.83 -4.69
N CYS A 104 -14.39 -4.53 -5.23
CA CYS A 104 -14.86 -5.20 -6.41
C CYS A 104 -14.84 -4.24 -7.60
N LEU A 105 -14.27 -3.04 -7.37
CA LEU A 105 -14.24 -1.94 -8.36
C LEU A 105 -15.64 -1.47 -8.69
N LYS A 106 -16.34 -2.23 -9.45
CA LYS A 106 -17.69 -1.94 -9.72
C LYS A 106 -18.43 -3.25 -9.66
N GLY A 107 -19.55 -3.28 -8.96
CA GLY A 107 -20.29 -4.51 -8.75
C GLY A 107 -21.08 -4.98 -9.95
N GLU A 108 -20.44 -4.95 -11.10
CA GLU A 108 -20.99 -5.45 -12.33
C GLU A 108 -20.75 -6.95 -12.33
N ARG A 109 -19.64 -7.31 -11.73
CA ARG A 109 -19.26 -8.69 -11.56
C ARG A 109 -19.41 -9.00 -10.09
N HIS A 110 -19.28 -10.24 -9.74
CA HIS A 110 -19.30 -10.61 -8.33
C HIS A 110 -17.90 -10.45 -7.76
N PHE A 111 -17.79 -10.51 -6.46
CA PHE A 111 -16.50 -10.38 -5.84
C PHE A 111 -15.81 -11.75 -5.79
N ALA A 112 -16.35 -12.65 -4.98
CA ALA A 112 -15.78 -13.99 -4.84
C ALA A 112 -16.92 -14.99 -4.67
N GLU A 113 -18.07 -14.60 -5.13
CA GLU A 113 -19.28 -15.39 -5.00
C GLU A 113 -19.36 -16.43 -6.12
N SER A 114 -20.40 -17.24 -6.09
CA SER A 114 -20.60 -18.28 -7.08
C SER A 114 -21.16 -17.65 -8.36
N GLU A 115 -21.11 -18.39 -9.45
CA GLU A 115 -21.63 -17.92 -10.72
C GLU A 115 -23.15 -17.94 -10.67
N THR A 116 -23.68 -19.14 -10.56
CA THR A 116 -25.09 -19.35 -10.52
C THR A 116 -25.34 -20.55 -9.61
N LEU A 117 -26.26 -20.43 -8.68
CA LEU A 117 -26.58 -21.52 -7.78
C LEU A 117 -27.43 -22.54 -8.52
N ASP A 118 -27.07 -23.79 -8.41
CA ASP A 118 -27.79 -24.83 -9.12
C ASP A 118 -28.84 -25.42 -8.23
N ALA A 1 4.52 12.86 -15.49
CA ALA A 1 4.11 11.56 -14.99
C ALA A 1 2.63 11.54 -14.73
N ASP A 2 1.86 10.97 -15.66
CA ASP A 2 0.42 10.86 -15.49
C ASP A 2 0.12 9.82 -14.43
N GLU A 3 0.96 8.80 -14.37
CA GLU A 3 0.90 7.83 -13.33
C GLU A 3 2.10 8.00 -12.42
N PRO A 4 1.91 8.55 -11.23
CA PRO A 4 2.97 8.65 -10.25
C PRO A 4 3.19 7.30 -9.55
N ALA A 5 4.26 7.19 -8.80
CA ALA A 5 4.57 5.97 -8.04
C ALA A 5 3.78 5.96 -6.74
N TYR A 6 3.08 7.06 -6.52
CA TYR A 6 2.23 7.30 -5.42
C TYR A 6 1.49 8.56 -5.74
N LEU A 7 0.20 8.50 -5.68
CA LEU A 7 -0.59 9.67 -5.93
C LEU A 7 -0.59 10.58 -4.72
N THR A 8 -1.23 11.70 -4.83
CA THR A 8 -1.17 12.70 -3.78
C THR A 8 -2.55 13.23 -3.41
N VAL A 9 -2.68 13.66 -2.16
CA VAL A 9 -3.90 14.26 -1.65
C VAL A 9 -4.20 15.53 -2.42
N GLY A 10 -5.27 15.48 -3.17
CA GLY A 10 -5.63 16.60 -3.97
C GLY A 10 -6.01 16.17 -5.36
N THR A 11 -5.51 15.02 -5.76
CA THR A 11 -5.81 14.50 -7.05
C THR A 11 -7.26 13.97 -7.07
N ASP A 12 -7.94 14.25 -8.14
CA ASP A 12 -9.30 13.80 -8.34
C ASP A 12 -9.24 12.57 -9.21
N VAL A 13 -9.84 11.50 -8.77
CA VAL A 13 -9.80 10.23 -9.44
C VAL A 13 -11.18 9.61 -9.44
N SER A 14 -11.30 8.44 -9.99
CA SER A 14 -12.53 7.74 -9.92
C SER A 14 -12.23 6.31 -9.47
N ALA A 15 -13.13 5.72 -8.72
CA ALA A 15 -12.97 4.38 -8.18
C ALA A 15 -14.09 3.49 -8.70
N LYS A 16 -13.75 2.36 -9.28
CA LYS A 16 -14.76 1.47 -9.82
C LYS A 16 -15.39 0.60 -8.73
N TYR A 17 -16.67 0.44 -8.81
CA TYR A 17 -17.42 -0.43 -7.96
C TYR A 17 -18.22 -1.36 -8.81
N ARG A 18 -17.73 -2.59 -8.95
CA ARG A 18 -18.49 -3.67 -9.61
C ARG A 18 -18.87 -3.28 -11.06
N GLY A 19 -17.97 -2.59 -11.74
CA GLY A 19 -18.23 -2.18 -13.10
C GLY A 19 -18.81 -0.77 -13.22
N ALA A 20 -19.11 -0.14 -12.12
CA ALA A 20 -19.63 1.22 -12.14
C ALA A 20 -18.69 2.10 -11.35
N PHE A 21 -18.19 3.12 -11.95
CA PHE A 21 -17.20 3.91 -11.26
C PHE A 21 -17.70 5.26 -10.79
N CYS A 22 -17.43 5.54 -9.54
CA CYS A 22 -17.80 6.78 -8.91
C CYS A 22 -16.56 7.64 -8.77
N GLU A 23 -16.71 8.94 -8.92
CA GLU A 23 -15.57 9.81 -8.82
C GLU A 23 -15.31 10.18 -7.37
N ALA A 24 -14.08 10.37 -7.04
CA ALA A 24 -13.68 10.62 -5.70
C ALA A 24 -12.43 11.46 -5.66
N LYS A 25 -12.28 12.16 -4.61
CA LYS A 25 -11.19 13.07 -4.46
C LYS A 25 -10.30 12.54 -3.33
N ILE A 26 -9.02 12.38 -3.58
CA ILE A 26 -8.08 11.81 -2.59
C ILE A 26 -8.01 12.67 -1.31
N LYS A 27 -8.36 12.06 -0.20
CA LYS A 27 -8.34 12.69 1.11
C LYS A 27 -7.03 12.37 1.83
N THR A 28 -6.61 11.13 1.76
CA THR A 28 -5.40 10.68 2.41
C THR A 28 -4.66 9.71 1.51
N VAL A 29 -3.36 9.74 1.57
CA VAL A 29 -2.52 8.86 0.83
C VAL A 29 -1.65 8.07 1.76
N LYS A 30 -1.87 6.82 1.78
CA LYS A 30 -1.05 5.92 2.55
C LYS A 30 -0.26 5.05 1.64
N ARG A 31 0.92 5.48 1.31
CA ARG A 31 1.76 4.66 0.50
C ARG A 31 2.47 3.69 1.43
N LEU A 32 1.83 2.60 1.67
CA LEU A 32 2.32 1.67 2.62
C LEU A 32 3.18 0.68 1.94
N VAL A 33 4.41 0.75 2.22
CA VAL A 33 5.32 -0.14 1.63
C VAL A 33 5.33 -1.35 2.48
N LYS A 34 4.88 -2.45 1.95
CA LYS A 34 4.93 -3.66 2.66
C LYS A 34 6.32 -4.17 2.53
N VAL A 35 7.07 -3.94 3.53
CA VAL A 35 8.42 -4.26 3.56
C VAL A 35 8.57 -5.66 4.10
N LYS A 36 9.28 -6.46 3.38
CA LYS A 36 9.56 -7.78 3.79
C LYS A 36 10.83 -7.71 4.56
N VAL A 37 10.71 -7.78 5.82
CA VAL A 37 11.82 -7.67 6.69
C VAL A 37 12.04 -8.95 7.36
N LEU A 38 13.23 -9.13 7.74
CA LEU A 38 13.62 -10.28 8.41
C LEU A 38 14.35 -9.86 9.65
N LEU A 39 13.81 -10.23 10.77
CA LEU A 39 14.33 -9.87 12.06
C LEU A 39 15.65 -10.58 12.27
N LYS A 40 16.70 -9.82 12.49
CA LYS A 40 18.04 -10.41 12.70
C LYS A 40 18.06 -11.37 13.89
N GLN A 41 17.20 -11.09 14.84
CA GLN A 41 17.10 -11.80 16.09
C GLN A 41 16.77 -13.29 15.91
N ASP A 42 15.69 -13.58 15.23
CA ASP A 42 15.25 -14.98 15.09
C ASP A 42 15.21 -15.41 13.63
N ASN A 43 15.57 -14.48 12.75
CA ASN A 43 15.52 -14.68 11.29
C ASN A 43 14.11 -14.79 10.76
N THR A 44 13.18 -14.25 11.49
CA THR A 44 11.81 -14.31 11.10
C THR A 44 11.52 -13.27 10.04
N THR A 45 10.84 -13.67 9.03
CA THR A 45 10.55 -12.80 7.93
C THR A 45 9.09 -12.43 8.00
N GLN A 46 8.76 -11.26 7.57
CA GLN A 46 7.40 -10.78 7.59
C GLN A 46 7.22 -9.64 6.61
N LEU A 47 5.98 -9.39 6.24
CA LEU A 47 5.61 -8.33 5.35
C LEU A 47 4.75 -7.36 6.11
N VAL A 48 5.32 -6.28 6.50
CA VAL A 48 4.62 -5.29 7.29
C VAL A 48 4.68 -3.97 6.60
N GLN A 49 3.94 -3.01 7.07
CA GLN A 49 3.89 -1.74 6.39
C GLN A 49 4.92 -0.75 6.90
N ASP A 50 5.04 0.34 6.18
CA ASP A 50 5.99 1.46 6.42
C ASP A 50 5.83 2.05 7.83
N ASP A 51 4.69 1.82 8.42
CA ASP A 51 4.40 2.36 9.74
C ASP A 51 5.08 1.53 10.80
N GLN A 52 5.15 0.23 10.54
CA GLN A 52 5.71 -0.74 11.47
C GLN A 52 7.21 -0.77 11.35
N VAL A 53 7.70 -0.19 10.28
CA VAL A 53 9.13 -0.16 10.02
C VAL A 53 9.68 1.25 10.19
N LYS A 54 10.81 1.36 10.85
CA LYS A 54 11.49 2.62 10.92
C LYS A 54 12.92 2.45 10.45
N GLY A 55 13.41 3.42 9.71
CA GLY A 55 14.74 3.34 9.15
C GLY A 55 14.70 3.44 7.63
N PRO A 56 15.80 3.12 6.92
CA PRO A 56 15.85 3.19 5.46
C PRO A 56 15.19 2.00 4.79
N LEU A 57 14.38 2.27 3.84
CA LEU A 57 13.69 1.24 3.12
C LEU A 57 14.54 0.81 1.93
N ARG A 58 15.50 -0.04 2.20
CA ARG A 58 16.40 -0.55 1.19
C ARG A 58 16.67 -2.02 1.42
N VAL A 59 16.64 -2.84 0.37
CA VAL A 59 16.95 -4.25 0.52
C VAL A 59 18.38 -4.41 0.99
N GLY A 60 18.53 -4.96 2.16
CA GLY A 60 19.83 -5.15 2.71
C GLY A 60 20.15 -4.13 3.79
N ALA A 61 19.21 -3.27 4.10
CA ALA A 61 19.43 -2.27 5.13
C ALA A 61 18.87 -2.75 6.43
N ILE A 62 19.46 -2.36 7.52
CA ILE A 62 18.97 -2.72 8.81
C ILE A 62 18.08 -1.62 9.36
N VAL A 63 16.87 -1.97 9.54
CA VAL A 63 15.87 -1.10 10.08
C VAL A 63 15.40 -1.67 11.37
N GLU A 64 14.39 -1.10 11.91
CA GLU A 64 13.79 -1.62 13.08
C GLU A 64 12.31 -1.73 12.83
N THR A 65 11.80 -2.89 13.00
CA THR A 65 10.47 -3.17 12.78
C THR A 65 9.80 -3.49 14.11
N ARG A 66 8.57 -3.10 14.23
CA ARG A 66 7.81 -3.35 15.42
C ARG A 66 7.44 -4.81 15.46
N THR A 67 7.90 -5.49 16.45
CA THR A 67 7.61 -6.87 16.60
C THR A 67 6.31 -7.04 17.41
N SER A 68 5.90 -8.28 17.65
CA SER A 68 4.66 -8.63 18.33
C SER A 68 4.63 -8.06 19.76
N ASP A 69 5.80 -7.94 20.37
CA ASP A 69 5.94 -7.39 21.72
C ASP A 69 5.54 -5.92 21.78
N GLY A 70 5.63 -5.23 20.65
CA GLY A 70 5.26 -3.83 20.61
C GLY A 70 6.47 -2.95 20.38
N SER A 71 7.62 -3.51 20.68
CA SER A 71 8.87 -2.82 20.55
C SER A 71 9.47 -3.01 19.15
N PHE A 72 10.42 -2.18 18.80
CA PHE A 72 11.09 -2.24 17.52
C PHE A 72 12.39 -3.03 17.61
N GLN A 73 12.49 -4.04 16.81
CA GLN A 73 13.67 -4.87 16.77
C GLN A 73 14.33 -4.71 15.44
N GLU A 74 15.63 -4.87 15.41
CA GLU A 74 16.38 -4.71 14.21
C GLU A 74 16.09 -5.80 13.22
N ALA A 75 15.78 -5.37 12.06
CA ALA A 75 15.43 -6.24 10.99
C ALA A 75 16.11 -5.78 9.73
N ILE A 76 16.20 -6.64 8.79
CA ILE A 76 16.84 -6.30 7.53
C ILE A 76 15.79 -6.38 6.42
N ILE A 77 15.81 -5.45 5.49
CA ILE A 77 14.90 -5.52 4.37
C ILE A 77 15.34 -6.62 3.42
N SER A 78 14.44 -7.52 3.15
CA SER A 78 14.68 -8.61 2.24
C SER A 78 13.97 -8.33 0.90
N LYS A 79 12.90 -7.53 0.95
CA LYS A 79 12.09 -7.22 -0.21
C LYS A 79 11.17 -6.07 0.18
N LEU A 80 10.67 -5.35 -0.77
CA LEU A 80 9.67 -4.35 -0.46
C LEU A 80 8.59 -4.49 -1.48
N THR A 81 7.39 -4.33 -1.06
CA THR A 81 6.26 -4.45 -1.91
C THR A 81 5.43 -3.18 -1.72
N ASP A 82 5.49 -2.27 -2.66
CA ASP A 82 4.76 -1.02 -2.51
C ASP A 82 3.28 -1.22 -2.74
N ALA A 83 2.53 -0.66 -1.85
CA ALA A 83 1.11 -0.67 -1.89
C ALA A 83 0.69 0.73 -1.51
N SER A 84 -0.49 1.11 -1.83
CA SER A 84 -0.94 2.42 -1.47
C SER A 84 -2.43 2.51 -1.33
N TRP A 85 -2.85 2.91 -0.17
CA TRP A 85 -4.24 3.10 0.13
C TRP A 85 -4.59 4.54 -0.07
N TYR A 86 -5.51 4.77 -0.92
CA TYR A 86 -5.99 6.08 -1.16
C TYR A 86 -7.36 6.18 -0.59
N THR A 87 -7.48 6.91 0.46
CA THR A 87 -8.74 7.17 1.02
C THR A 87 -9.28 8.34 0.27
N VAL A 88 -10.19 8.05 -0.57
CA VAL A 88 -10.77 9.03 -1.42
C VAL A 88 -12.16 9.32 -0.93
N VAL A 89 -12.52 10.55 -1.00
CA VAL A 89 -13.78 11.00 -0.55
C VAL A 89 -14.64 11.33 -1.73
N PHE A 90 -15.81 10.82 -1.71
CA PHE A 90 -16.72 11.02 -2.78
C PHE A 90 -17.54 12.24 -2.48
N ASP A 91 -18.29 12.74 -3.46
CA ASP A 91 -19.13 13.94 -3.27
C ASP A 91 -20.19 13.65 -2.20
N ASP A 92 -20.41 12.36 -1.99
CA ASP A 92 -21.33 11.83 -0.97
C ASP A 92 -20.83 12.14 0.44
N GLY A 93 -19.59 12.61 0.55
CA GLY A 93 -19.00 12.94 1.84
C GLY A 93 -18.45 11.69 2.50
N ASP A 94 -18.66 10.58 1.86
CA ASP A 94 -18.26 9.29 2.35
C ASP A 94 -16.95 8.96 1.73
N GLU A 95 -16.10 8.36 2.48
CA GLU A 95 -14.77 8.08 2.04
C GLU A 95 -14.51 6.60 1.96
N ARG A 96 -13.75 6.20 0.99
CA ARG A 96 -13.43 4.81 0.79
C ARG A 96 -11.92 4.68 0.65
N THR A 97 -11.38 3.63 1.16
CA THR A 97 -9.97 3.37 1.05
C THR A 97 -9.73 2.28 -0.02
N LEU A 98 -9.10 2.67 -1.12
CA LEU A 98 -8.83 1.78 -2.26
C LEU A 98 -7.39 1.91 -2.77
N ARG A 99 -6.95 0.95 -3.53
CA ARG A 99 -5.64 0.98 -4.17
C ARG A 99 -5.76 1.43 -5.61
N ARG A 100 -4.62 1.55 -6.30
CA ARG A 100 -4.57 2.07 -7.70
C ARG A 100 -5.38 1.19 -8.66
N THR A 101 -5.41 -0.11 -8.38
CA THR A 101 -6.14 -1.08 -9.17
C THR A 101 -7.65 -0.73 -9.26
N SER A 102 -8.16 -0.13 -8.20
CA SER A 102 -9.55 0.20 -8.09
C SER A 102 -9.83 1.61 -8.63
N LEU A 103 -8.83 2.22 -9.22
CA LEU A 103 -8.95 3.57 -9.66
C LEU A 103 -9.11 3.63 -11.16
N CYS A 104 -9.42 4.80 -11.61
CA CYS A 104 -9.55 5.10 -12.99
C CYS A 104 -8.51 6.11 -13.39
N LEU A 105 -7.96 6.83 -12.39
CA LEU A 105 -7.03 7.96 -12.59
C LEU A 105 -7.81 9.06 -13.36
N LYS A 106 -7.88 8.89 -14.67
CA LYS A 106 -8.63 9.71 -15.57
C LYS A 106 -9.09 8.83 -16.70
N GLY A 107 -10.30 9.03 -17.11
CA GLY A 107 -10.84 8.25 -18.17
C GLY A 107 -12.32 8.43 -18.23
N GLU A 108 -12.90 8.17 -19.37
CA GLU A 108 -14.31 8.29 -19.57
C GLU A 108 -14.88 6.88 -19.66
N ARG A 109 -14.32 6.09 -20.57
CA ARG A 109 -14.67 4.68 -20.69
C ARG A 109 -13.43 3.81 -20.45
N HIS A 110 -12.28 4.46 -20.35
CA HIS A 110 -11.03 3.77 -20.07
C HIS A 110 -10.67 3.98 -18.62
N PHE A 111 -9.92 3.06 -18.05
CA PHE A 111 -9.42 3.20 -16.69
C PHE A 111 -7.92 3.30 -16.75
N ALA A 112 -7.40 4.49 -16.46
CA ALA A 112 -5.98 4.83 -16.57
C ALA A 112 -5.54 4.61 -17.99
N GLU A 113 -5.94 5.52 -18.84
CA GLU A 113 -5.75 5.34 -20.24
C GLU A 113 -4.39 5.72 -20.74
N SER A 114 -3.75 4.74 -21.30
CA SER A 114 -2.50 4.87 -21.98
C SER A 114 -2.79 4.54 -23.43
N GLU A 115 -2.25 5.33 -24.35
CA GLU A 115 -2.47 5.15 -25.80
C GLU A 115 -3.91 5.50 -26.21
N THR A 116 -4.19 5.39 -27.48
CA THR A 116 -5.46 5.80 -28.03
C THR A 116 -6.33 4.60 -28.45
N LEU A 117 -6.09 3.44 -27.85
CA LEU A 117 -6.88 2.25 -28.21
C LEU A 117 -8.23 2.25 -27.55
N ASP A 118 -9.26 2.29 -28.36
CA ASP A 118 -10.63 2.19 -27.92
C ASP A 118 -11.42 1.52 -29.00
N ALA A 1 2.94 13.34 -12.88
CA ALA A 1 4.21 12.62 -12.92
C ALA A 1 4.14 11.55 -13.96
N ASP A 2 5.29 11.08 -14.42
CA ASP A 2 5.34 10.01 -15.41
C ASP A 2 4.97 8.71 -14.75
N GLU A 3 5.69 8.40 -13.70
CA GLU A 3 5.48 7.18 -12.96
C GLU A 3 4.23 7.28 -12.11
N PRO A 4 3.29 6.37 -12.30
CA PRO A 4 2.13 6.25 -11.44
C PRO A 4 2.45 5.26 -10.31
N ALA A 5 3.69 5.32 -9.81
CA ALA A 5 4.19 4.47 -8.74
C ALA A 5 3.36 4.68 -7.50
N TYR A 6 3.01 5.92 -7.27
CA TYR A 6 2.13 6.31 -6.25
C TYR A 6 1.49 7.59 -6.71
N LEU A 7 0.30 7.84 -6.28
CA LEU A 7 -0.37 9.06 -6.64
C LEU A 7 -0.26 10.02 -5.48
N THR A 8 -0.74 11.21 -5.66
CA THR A 8 -0.60 12.22 -4.68
C THR A 8 -1.95 12.76 -4.25
N VAL A 9 -1.98 13.40 -3.10
CA VAL A 9 -3.21 13.92 -2.52
C VAL A 9 -3.80 15.07 -3.35
N GLY A 10 -5.11 15.12 -3.42
CA GLY A 10 -5.79 16.18 -4.12
C GLY A 10 -6.25 15.76 -5.49
N THR A 11 -5.57 14.77 -6.05
CA THR A 11 -5.82 14.30 -7.38
C THR A 11 -7.26 13.83 -7.56
N ASP A 12 -7.82 14.28 -8.64
CA ASP A 12 -9.15 13.94 -9.08
C ASP A 12 -9.09 12.63 -9.87
N VAL A 13 -9.72 11.62 -9.32
CA VAL A 13 -9.69 10.27 -9.86
C VAL A 13 -11.09 9.69 -9.89
N SER A 14 -11.18 8.47 -10.31
CA SER A 14 -12.40 7.74 -10.25
C SER A 14 -12.02 6.34 -9.85
N ALA A 15 -12.87 5.67 -9.13
CA ALA A 15 -12.59 4.32 -8.69
C ALA A 15 -13.73 3.43 -9.09
N LYS A 16 -13.40 2.31 -9.68
CA LYS A 16 -14.40 1.38 -10.12
C LYS A 16 -14.90 0.48 -9.00
N TYR A 17 -16.18 0.36 -8.94
CA TYR A 17 -16.87 -0.59 -8.11
C TYR A 17 -17.52 -1.54 -9.06
N ARG A 18 -17.07 -2.80 -9.09
CA ARG A 18 -17.72 -3.85 -9.90
C ARG A 18 -17.68 -3.48 -11.41
N GLY A 19 -16.63 -2.77 -11.81
CA GLY A 19 -16.46 -2.37 -13.19
C GLY A 19 -17.00 -0.98 -13.52
N ALA A 20 -17.71 -0.37 -12.58
CA ALA A 20 -18.27 0.96 -12.81
C ALA A 20 -17.53 2.00 -12.01
N PHE A 21 -17.03 3.00 -12.67
CA PHE A 21 -16.20 4.00 -12.02
C PHE A 21 -17.01 5.13 -11.44
N CYS A 22 -16.88 5.32 -10.15
CA CYS A 22 -17.47 6.45 -9.48
C CYS A 22 -16.37 7.47 -9.27
N GLU A 23 -16.66 8.74 -9.37
CA GLU A 23 -15.61 9.74 -9.25
C GLU A 23 -15.21 9.88 -7.80
N ALA A 24 -13.97 10.20 -7.58
CA ALA A 24 -13.45 10.26 -6.26
C ALA A 24 -12.26 11.19 -6.17
N LYS A 25 -12.17 11.88 -5.10
CA LYS A 25 -11.07 12.82 -4.96
C LYS A 25 -10.19 12.37 -3.80
N ILE A 26 -8.89 12.28 -4.06
CA ILE A 26 -7.97 11.78 -3.03
C ILE A 26 -7.82 12.78 -1.87
N LYS A 27 -8.27 12.37 -0.70
CA LYS A 27 -8.19 13.19 0.51
C LYS A 27 -6.88 12.94 1.18
N THR A 28 -6.49 11.71 1.15
CA THR A 28 -5.29 11.28 1.83
C THR A 28 -4.61 10.17 1.05
N VAL A 29 -3.32 10.22 1.04
CA VAL A 29 -2.49 9.22 0.43
C VAL A 29 -1.58 8.69 1.49
N LYS A 30 -1.49 7.42 1.58
CA LYS A 30 -0.57 6.82 2.48
C LYS A 30 0.28 5.90 1.68
N ARG A 31 1.44 6.39 1.32
CA ARG A 31 2.36 5.63 0.52
C ARG A 31 3.07 4.61 1.42
N LEU A 32 2.45 3.49 1.60
CA LEU A 32 3.01 2.50 2.46
C LEU A 32 3.55 1.38 1.66
N VAL A 33 4.70 0.99 2.02
CA VAL A 33 5.35 -0.09 1.38
C VAL A 33 5.32 -1.25 2.35
N LYS A 34 4.94 -2.41 1.87
CA LYS A 34 4.96 -3.58 2.68
C LYS A 34 6.34 -4.16 2.59
N VAL A 35 7.09 -3.92 3.59
CA VAL A 35 8.46 -4.28 3.64
C VAL A 35 8.57 -5.66 4.28
N LYS A 36 9.24 -6.53 3.60
CA LYS A 36 9.48 -7.85 4.09
C LYS A 36 10.78 -7.79 4.80
N VAL A 37 10.73 -7.83 6.07
CA VAL A 37 11.90 -7.72 6.85
C VAL A 37 12.19 -8.97 7.59
N LEU A 38 13.43 -9.24 7.69
CA LEU A 38 13.94 -10.35 8.42
C LEU A 38 14.66 -9.80 9.60
N LEU A 39 14.19 -10.14 10.76
CA LEU A 39 14.82 -9.73 11.96
C LEU A 39 16.16 -10.40 12.07
N LYS A 40 17.21 -9.65 11.96
CA LYS A 40 18.56 -10.19 11.97
C LYS A 40 18.97 -10.64 13.36
N GLN A 41 18.24 -10.20 14.35
CA GLN A 41 18.49 -10.61 15.71
C GLN A 41 17.71 -11.88 16.02
N ASP A 42 16.43 -11.83 15.72
CA ASP A 42 15.49 -12.87 16.12
C ASP A 42 15.37 -13.98 15.08
N ASN A 43 15.52 -13.61 13.81
CA ASN A 43 15.42 -14.51 12.65
C ASN A 43 14.00 -14.76 12.19
N THR A 44 13.09 -13.94 12.63
CA THR A 44 11.73 -14.02 12.16
C THR A 44 11.52 -13.04 11.03
N THR A 45 10.62 -13.38 10.14
CA THR A 45 10.35 -12.56 9.01
C THR A 45 8.90 -12.10 9.07
N GLN A 46 8.66 -10.92 8.62
CA GLN A 46 7.33 -10.36 8.56
C GLN A 46 7.25 -9.36 7.42
N LEU A 47 6.06 -9.13 6.95
CA LEU A 47 5.81 -8.21 5.86
C LEU A 47 4.91 -7.13 6.42
N VAL A 48 5.49 -6.02 6.73
CA VAL A 48 4.79 -4.97 7.46
C VAL A 48 4.90 -3.66 6.72
N GLN A 49 4.25 -2.64 7.20
CA GLN A 49 4.28 -1.37 6.51
C GLN A 49 5.47 -0.55 6.98
N ASP A 50 5.92 0.34 6.11
CA ASP A 50 7.10 1.20 6.32
C ASP A 50 6.89 2.17 7.47
N ASP A 51 5.66 2.30 7.87
CA ASP A 51 5.26 3.24 8.91
C ASP A 51 5.75 2.76 10.25
N GLN A 52 5.88 1.45 10.38
CA GLN A 52 6.31 0.83 11.61
C GLN A 52 7.72 0.30 11.42
N VAL A 53 8.29 0.66 10.30
CA VAL A 53 9.66 0.32 9.96
C VAL A 53 10.53 1.55 10.04
N LYS A 54 11.37 1.57 11.01
CA LYS A 54 12.26 2.67 11.26
C LYS A 54 13.57 2.46 10.54
N GLY A 55 13.73 3.15 9.46
CA GLY A 55 14.96 3.08 8.71
C GLY A 55 14.72 3.20 7.21
N PRO A 56 15.77 2.97 6.40
CA PRO A 56 15.68 3.11 4.94
C PRO A 56 15.02 1.92 4.26
N LEU A 57 14.29 2.20 3.23
CA LEU A 57 13.64 1.16 2.47
C LEU A 57 14.53 0.77 1.34
N ARG A 58 15.47 -0.07 1.64
CA ARG A 58 16.40 -0.62 0.67
C ARG A 58 16.60 -2.06 0.97
N VAL A 59 16.52 -2.90 -0.02
CA VAL A 59 16.73 -4.31 0.17
C VAL A 59 18.18 -4.53 0.57
N GLY A 60 18.36 -5.05 1.74
CA GLY A 60 19.69 -5.23 2.28
C GLY A 60 20.08 -4.11 3.24
N ALA A 61 19.12 -3.27 3.62
CA ALA A 61 19.40 -2.20 4.57
C ALA A 61 18.99 -2.62 5.96
N ILE A 62 19.50 -1.94 6.96
CA ILE A 62 19.23 -2.25 8.34
C ILE A 62 18.20 -1.29 8.92
N VAL A 63 17.11 -1.82 9.38
CA VAL A 63 16.03 -1.04 9.95
C VAL A 63 15.64 -1.60 11.29
N GLU A 64 14.72 -0.96 11.92
CA GLU A 64 14.13 -1.43 13.15
C GLU A 64 12.65 -1.46 12.93
N THR A 65 12.06 -2.59 13.09
CA THR A 65 10.67 -2.73 12.77
C THR A 65 9.89 -3.20 13.96
N ARG A 66 8.64 -2.88 13.96
CA ARG A 66 7.74 -3.29 14.99
C ARG A 66 7.22 -4.68 14.66
N THR A 67 7.25 -5.53 15.62
CA THR A 67 6.64 -6.82 15.51
C THR A 67 5.25 -6.71 16.15
N SER A 68 4.38 -7.66 15.88
CA SER A 68 2.99 -7.62 16.35
C SER A 68 2.84 -7.50 17.88
N ASP A 69 3.85 -7.92 18.62
CA ASP A 69 3.82 -7.86 20.09
C ASP A 69 4.17 -6.45 20.60
N GLY A 70 4.48 -5.55 19.68
CA GLY A 70 4.73 -4.17 20.07
C GLY A 70 6.19 -3.85 20.28
N SER A 71 7.05 -4.78 19.99
CA SER A 71 8.46 -4.55 20.17
C SER A 71 9.11 -4.14 18.86
N PHE A 72 10.17 -3.40 18.95
CA PHE A 72 10.93 -2.99 17.81
C PHE A 72 12.26 -3.70 17.83
N GLN A 73 12.53 -4.44 16.81
CA GLN A 73 13.76 -5.17 16.71
C GLN A 73 14.43 -4.88 15.39
N GLU A 74 15.73 -5.02 15.38
CA GLU A 74 16.54 -4.71 14.23
C GLU A 74 16.37 -5.78 13.14
N ALA A 75 16.07 -5.31 11.96
CA ALA A 75 15.78 -6.16 10.83
C ALA A 75 16.47 -5.68 9.57
N ILE A 76 16.45 -6.52 8.56
CA ILE A 76 16.97 -6.18 7.24
C ILE A 76 15.82 -6.24 6.25
N ILE A 77 15.83 -5.39 5.26
CA ILE A 77 14.82 -5.45 4.20
C ILE A 77 15.17 -6.57 3.25
N SER A 78 14.35 -7.57 3.20
CA SER A 78 14.55 -8.67 2.29
C SER A 78 13.70 -8.47 1.03
N LYS A 79 12.71 -7.59 1.12
CA LYS A 79 11.84 -7.25 0.00
C LYS A 79 11.01 -6.06 0.39
N LEU A 80 10.55 -5.34 -0.58
CA LEU A 80 9.64 -4.26 -0.38
C LEU A 80 8.58 -4.23 -1.47
N THR A 81 7.38 -4.54 -1.07
CA THR A 81 6.24 -4.61 -1.94
C THR A 81 5.39 -3.36 -1.75
N ASP A 82 5.40 -2.45 -2.72
CA ASP A 82 4.68 -1.18 -2.59
C ASP A 82 3.18 -1.42 -2.58
N ALA A 83 2.50 -0.77 -1.66
CA ALA A 83 1.07 -0.92 -1.57
C ALA A 83 0.38 0.38 -1.94
N SER A 84 0.64 1.41 -1.14
CA SER A 84 0.07 2.76 -1.30
C SER A 84 -1.48 2.80 -1.28
N TRP A 85 -2.00 3.40 -0.24
CA TRP A 85 -3.44 3.55 -0.05
C TRP A 85 -3.87 4.94 -0.40
N TYR A 86 -5.03 5.05 -1.02
CA TYR A 86 -5.59 6.30 -1.43
C TYR A 86 -7.01 6.41 -0.90
N THR A 87 -7.20 7.22 0.10
CA THR A 87 -8.49 7.44 0.62
C THR A 87 -9.14 8.55 -0.17
N VAL A 88 -10.08 8.16 -0.96
CA VAL A 88 -10.73 9.03 -1.89
C VAL A 88 -12.19 9.27 -1.48
N VAL A 89 -12.67 10.44 -1.79
CA VAL A 89 -14.03 10.87 -1.47
C VAL A 89 -14.87 10.86 -2.74
N PHE A 90 -15.95 10.16 -2.70
CA PHE A 90 -16.79 9.98 -3.86
C PHE A 90 -17.90 11.01 -3.94
N ASP A 91 -18.76 10.86 -4.94
CA ASP A 91 -19.89 11.78 -5.24
C ASP A 91 -20.71 12.11 -4.01
N ASP A 92 -20.96 11.10 -3.20
CA ASP A 92 -21.83 11.26 -2.03
C ASP A 92 -21.14 12.04 -0.90
N GLY A 93 -19.82 12.14 -0.97
CA GLY A 93 -19.08 12.80 0.07
C GLY A 93 -18.50 11.82 1.06
N ASP A 94 -18.64 10.56 0.76
CA ASP A 94 -18.15 9.49 1.61
C ASP A 94 -16.79 9.05 1.09
N GLU A 95 -15.93 8.59 1.98
CA GLU A 95 -14.59 8.23 1.62
C GLU A 95 -14.33 6.73 1.79
N ARG A 96 -13.55 6.21 0.89
CA ARG A 96 -13.10 4.83 0.91
C ARG A 96 -11.63 4.79 0.58
N THR A 97 -10.94 3.82 1.08
CA THR A 97 -9.55 3.67 0.84
C THR A 97 -9.32 2.63 -0.26
N LEU A 98 -8.91 3.11 -1.41
CA LEU A 98 -8.73 2.29 -2.59
C LEU A 98 -7.26 2.17 -2.93
N ARG A 99 -6.95 1.15 -3.69
CA ARG A 99 -5.63 0.95 -4.25
C ARG A 99 -5.66 1.43 -5.70
N ARG A 100 -4.50 1.69 -6.29
CA ARG A 100 -4.44 2.25 -7.66
C ARG A 100 -5.08 1.33 -8.70
N THR A 101 -5.14 0.05 -8.39
CA THR A 101 -5.72 -0.95 -9.25
C THR A 101 -7.22 -0.63 -9.56
N SER A 102 -7.85 0.11 -8.65
CA SER A 102 -9.24 0.49 -8.78
C SER A 102 -9.38 1.89 -9.40
N LEU A 103 -8.26 2.57 -9.56
CA LEU A 103 -8.27 3.96 -9.96
C LEU A 103 -8.15 4.17 -11.44
N CYS A 104 -9.01 5.02 -11.90
CA CYS A 104 -9.12 5.46 -13.26
C CYS A 104 -8.02 6.48 -13.57
N LEU A 105 -7.89 7.47 -12.68
CA LEU A 105 -7.02 8.64 -12.86
C LEU A 105 -7.58 9.46 -14.03
N LYS A 106 -8.40 10.46 -13.68
CA LYS A 106 -9.07 11.33 -14.65
C LYS A 106 -10.06 10.57 -15.54
N GLY A 107 -9.62 10.19 -16.71
CA GLY A 107 -10.51 9.55 -17.63
C GLY A 107 -9.88 8.41 -18.34
N GLU A 108 -9.60 7.39 -17.60
CA GLU A 108 -9.04 6.18 -18.12
C GLU A 108 -9.91 5.02 -17.63
N ARG A 109 -11.21 5.12 -17.96
CA ARG A 109 -12.15 4.06 -17.63
C ARG A 109 -11.93 2.94 -18.60
N HIS A 110 -10.95 2.15 -18.27
CA HIS A 110 -10.43 1.16 -19.16
C HIS A 110 -10.35 -0.18 -18.44
N PHE A 111 -10.92 -0.25 -17.27
CA PHE A 111 -10.77 -1.45 -16.48
C PHE A 111 -12.13 -1.97 -16.05
N ALA A 112 -12.54 -3.08 -16.60
CA ALA A 112 -13.73 -3.77 -16.11
C ALA A 112 -13.31 -4.43 -14.81
N GLU A 113 -12.09 -4.93 -14.84
CA GLU A 113 -11.39 -5.44 -13.68
C GLU A 113 -9.98 -4.94 -13.81
N SER A 114 -9.37 -5.38 -14.86
CA SER A 114 -8.04 -5.09 -15.27
C SER A 114 -7.93 -5.90 -16.56
N GLU A 115 -7.16 -5.43 -17.52
CA GLU A 115 -7.07 -6.17 -18.76
C GLU A 115 -6.12 -7.32 -18.63
N THR A 116 -6.35 -8.34 -19.42
CA THR A 116 -5.47 -9.46 -19.51
C THR A 116 -4.09 -8.98 -20.01
N LEU A 117 -3.12 -8.99 -19.12
CA LEU A 117 -1.79 -8.55 -19.46
C LEU A 117 -0.77 -9.62 -19.12
N ASP A 118 0.15 -9.83 -20.03
CA ASP A 118 1.20 -10.83 -19.89
C ASP A 118 2.47 -10.31 -20.50
N ALA A 1 3.64 6.69 2.92
CA ALA A 1 3.11 8.01 2.59
C ALA A 1 1.59 7.96 2.58
N ASP A 2 0.97 8.65 3.50
CA ASP A 2 -0.49 8.69 3.61
C ASP A 2 -1.08 9.82 2.78
N GLU A 3 -0.24 10.47 2.03
CA GLU A 3 -0.63 11.55 1.17
C GLU A 3 -0.66 11.04 -0.28
N PRO A 4 -1.25 11.82 -1.24
CA PRO A 4 -1.27 11.45 -2.67
C PRO A 4 0.14 11.19 -3.21
N ALA A 5 0.48 9.93 -3.29
CA ALA A 5 1.79 9.55 -3.71
C ALA A 5 1.75 8.71 -4.95
N TYR A 6 1.27 7.47 -4.83
CA TYR A 6 1.29 6.60 -5.95
C TYR A 6 0.19 7.02 -6.92
N LEU A 7 -1.04 6.92 -6.47
CA LEU A 7 -2.21 7.39 -7.20
C LEU A 7 -2.80 8.56 -6.42
N THR A 8 -3.94 9.07 -6.87
CA THR A 8 -4.49 10.29 -6.31
C THR A 8 -5.96 10.18 -5.95
N VAL A 9 -6.40 11.09 -5.09
CA VAL A 9 -7.79 11.18 -4.66
C VAL A 9 -8.57 11.88 -5.77
N GLY A 10 -9.81 11.47 -5.96
CA GLY A 10 -10.64 12.10 -6.95
C GLY A 10 -10.59 11.40 -8.28
N THR A 11 -9.72 10.43 -8.40
CA THR A 11 -9.57 9.70 -9.60
C THR A 11 -10.53 8.49 -9.61
N ASP A 12 -11.20 8.31 -10.71
CA ASP A 12 -12.15 7.22 -10.89
C ASP A 12 -11.50 6.10 -11.60
N VAL A 13 -11.53 4.96 -11.01
CA VAL A 13 -10.94 3.80 -11.60
C VAL A 13 -11.91 2.66 -11.54
N SER A 14 -11.67 1.69 -12.35
CA SER A 14 -12.45 0.50 -12.34
C SER A 14 -11.73 -0.52 -11.47
N ALA A 15 -12.38 -0.89 -10.42
CA ALA A 15 -11.82 -1.74 -9.42
C ALA A 15 -12.42 -3.10 -9.53
N LYS A 16 -11.59 -4.11 -9.61
CA LYS A 16 -12.06 -5.46 -9.72
C LYS A 16 -12.37 -6.08 -8.36
N TYR A 17 -13.49 -6.73 -8.30
CA TYR A 17 -13.99 -7.47 -7.16
C TYR A 17 -14.44 -8.79 -7.70
N ARG A 18 -14.11 -9.86 -7.01
CA ARG A 18 -14.41 -11.27 -7.45
C ARG A 18 -14.10 -11.55 -8.95
N GLY A 19 -13.17 -10.79 -9.54
CA GLY A 19 -12.79 -11.00 -10.93
C GLY A 19 -13.55 -10.11 -11.93
N ALA A 20 -14.39 -9.23 -11.42
CA ALA A 20 -15.18 -8.33 -12.27
C ALA A 20 -15.00 -6.91 -11.76
N PHE A 21 -15.01 -5.93 -12.62
CA PHE A 21 -14.73 -4.57 -12.17
C PHE A 21 -15.94 -3.64 -12.12
N CYS A 22 -15.88 -2.76 -11.15
CA CYS A 22 -16.85 -1.71 -10.92
C CYS A 22 -16.09 -0.41 -10.72
N GLU A 23 -16.58 0.67 -11.31
CA GLU A 23 -15.92 1.91 -11.21
C GLU A 23 -16.22 2.59 -9.89
N ALA A 24 -15.20 3.15 -9.32
CA ALA A 24 -15.28 3.82 -8.04
C ALA A 24 -14.28 4.97 -8.04
N LYS A 25 -14.49 5.93 -7.18
CA LYS A 25 -13.62 7.07 -7.12
C LYS A 25 -12.75 7.00 -5.89
N ILE A 26 -11.47 7.16 -6.08
CA ILE A 26 -10.50 7.12 -4.99
C ILE A 26 -10.81 8.23 -3.99
N LYS A 27 -11.12 7.84 -2.79
CA LYS A 27 -11.42 8.74 -1.71
C LYS A 27 -10.20 8.89 -0.81
N THR A 28 -9.51 7.81 -0.57
CA THR A 28 -8.39 7.83 0.33
C THR A 28 -7.17 7.22 -0.38
N VAL A 29 -6.01 7.79 -0.14
CA VAL A 29 -4.76 7.33 -0.71
C VAL A 29 -3.81 6.95 0.38
N LYS A 30 -3.34 5.74 0.32
CA LYS A 30 -2.43 5.28 1.29
C LYS A 30 -1.29 4.63 0.54
N ARG A 31 -0.26 5.37 0.23
CA ARG A 31 0.83 4.74 -0.43
C ARG A 31 1.71 4.10 0.62
N LEU A 32 1.46 2.87 0.90
CA LEU A 32 2.23 2.17 1.88
C LEU A 32 3.05 1.11 1.24
N VAL A 33 4.28 1.07 1.60
CA VAL A 33 5.16 0.06 1.14
C VAL A 33 5.18 -1.01 2.21
N LYS A 34 4.85 -2.21 1.84
CA LYS A 34 4.92 -3.28 2.77
C LYS A 34 6.22 -3.99 2.61
N VAL A 35 7.03 -3.82 3.58
CA VAL A 35 8.36 -4.28 3.56
C VAL A 35 8.46 -5.64 4.22
N LYS A 36 9.09 -6.56 3.53
CA LYS A 36 9.35 -7.86 4.03
C LYS A 36 10.68 -7.76 4.72
N VAL A 37 10.64 -7.77 5.98
CA VAL A 37 11.80 -7.65 6.77
C VAL A 37 12.07 -8.90 7.51
N LEU A 38 13.29 -9.20 7.65
CA LEU A 38 13.67 -10.35 8.37
C LEU A 38 14.27 -9.83 9.63
N LEU A 39 13.64 -10.12 10.72
CA LEU A 39 14.01 -9.61 12.00
C LEU A 39 15.38 -10.20 12.37
N LYS A 40 16.36 -9.35 12.52
CA LYS A 40 17.73 -9.70 12.71
C LYS A 40 17.99 -10.46 14.00
N GLN A 41 17.39 -10.01 15.08
CA GLN A 41 17.66 -10.59 16.39
C GLN A 41 16.73 -11.77 16.69
N ASP A 42 15.60 -11.76 16.06
CA ASP A 42 14.58 -12.78 16.33
C ASP A 42 14.61 -13.89 15.29
N ASN A 43 14.98 -13.54 14.06
CA ASN A 43 15.10 -14.46 12.91
C ASN A 43 13.78 -14.86 12.29
N THR A 44 12.77 -14.06 12.49
CA THR A 44 11.51 -14.27 11.84
C THR A 44 11.36 -13.31 10.70
N THR A 45 10.65 -13.71 9.69
CA THR A 45 10.42 -12.81 8.62
C THR A 45 9.02 -12.26 8.78
N GLN A 46 8.87 -11.02 8.54
CA GLN A 46 7.63 -10.36 8.75
C GLN A 46 7.45 -9.39 7.61
N LEU A 47 6.26 -9.20 7.17
CA LEU A 47 6.00 -8.26 6.12
C LEU A 47 4.95 -7.28 6.60
N VAL A 48 5.40 -6.08 6.88
CA VAL A 48 4.59 -5.04 7.50
C VAL A 48 4.82 -3.72 6.80
N GLN A 49 4.17 -2.69 7.30
CA GLN A 49 4.29 -1.36 6.75
C GLN A 49 5.68 -0.80 6.90
N ASP A 50 6.01 0.06 5.97
CA ASP A 50 7.23 0.84 5.99
C ASP A 50 7.09 1.88 7.10
N ASP A 51 5.87 2.11 7.50
CA ASP A 51 5.54 3.00 8.61
C ASP A 51 5.96 2.33 9.93
N GLN A 52 6.04 1.01 9.91
CA GLN A 52 6.50 0.25 11.07
C GLN A 52 8.00 0.18 11.01
N VAL A 53 8.52 0.42 9.84
CA VAL A 53 9.93 0.36 9.57
C VAL A 53 10.59 1.70 9.77
N LYS A 54 11.40 1.76 10.75
CA LYS A 54 12.17 2.92 11.01
C LYS A 54 13.55 2.73 10.43
N GLY A 55 13.74 3.28 9.26
CA GLY A 55 15.01 3.20 8.61
C GLY A 55 14.85 3.23 7.10
N PRO A 56 15.96 3.19 6.34
CA PRO A 56 15.94 3.24 4.88
C PRO A 56 15.26 2.06 4.21
N LEU A 57 14.53 2.34 3.16
CA LEU A 57 13.91 1.31 2.37
C LEU A 57 14.89 0.88 1.33
N ARG A 58 15.77 0.00 1.74
CA ARG A 58 16.81 -0.55 0.90
C ARG A 58 16.95 -2.00 1.20
N VAL A 59 17.00 -2.81 0.17
CA VAL A 59 17.07 -4.24 0.35
C VAL A 59 18.44 -4.62 0.86
N GLY A 60 18.47 -5.04 2.09
CA GLY A 60 19.71 -5.36 2.71
C GLY A 60 20.10 -4.37 3.78
N ALA A 61 19.20 -3.43 4.10
CA ALA A 61 19.55 -2.44 5.11
C ALA A 61 19.07 -2.87 6.49
N ILE A 62 19.82 -2.48 7.52
CA ILE A 62 19.46 -2.76 8.89
C ILE A 62 18.54 -1.65 9.36
N VAL A 63 17.34 -1.99 9.68
CA VAL A 63 16.34 -1.05 10.14
C VAL A 63 15.71 -1.58 11.39
N GLU A 64 14.81 -0.83 11.93
CA GLU A 64 14.06 -1.25 13.08
C GLU A 64 12.61 -1.26 12.76
N THR A 65 11.99 -2.36 12.97
CA THR A 65 10.62 -2.50 12.63
C THR A 65 9.88 -3.13 13.79
N ARG A 66 8.61 -2.95 13.81
CA ARG A 66 7.81 -3.49 14.88
C ARG A 66 7.64 -4.99 14.70
N THR A 67 8.19 -5.74 15.62
CA THR A 67 8.15 -7.18 15.56
C THR A 67 6.84 -7.70 16.20
N SER A 68 6.70 -9.01 16.22
CA SER A 68 5.52 -9.70 16.74
C SER A 68 5.37 -9.47 18.26
N ASP A 69 6.45 -9.05 18.88
CA ASP A 69 6.47 -8.74 20.30
C ASP A 69 5.80 -7.39 20.55
N GLY A 70 5.73 -6.58 19.52
CA GLY A 70 5.14 -5.27 19.65
C GLY A 70 6.18 -4.20 19.77
N SER A 71 7.38 -4.62 20.04
CA SER A 71 8.49 -3.73 20.18
C SER A 71 9.18 -3.55 18.83
N PHE A 72 9.93 -2.49 18.68
CA PHE A 72 10.68 -2.26 17.47
C PHE A 72 12.05 -2.84 17.65
N GLN A 73 12.47 -3.66 16.73
CA GLN A 73 13.71 -4.38 16.84
C GLN A 73 14.39 -4.39 15.48
N GLU A 74 15.68 -4.74 15.43
CA GLU A 74 16.45 -4.71 14.18
C GLU A 74 15.98 -5.75 13.21
N ALA A 75 15.87 -5.36 11.98
CA ALA A 75 15.48 -6.22 10.90
C ALA A 75 16.20 -5.82 9.64
N ILE A 76 16.20 -6.68 8.67
CA ILE A 76 16.82 -6.38 7.38
C ILE A 76 15.74 -6.43 6.30
N ILE A 77 15.76 -5.46 5.39
CA ILE A 77 14.82 -5.46 4.27
C ILE A 77 15.17 -6.58 3.30
N SER A 78 14.25 -7.47 3.06
CA SER A 78 14.45 -8.55 2.12
C SER A 78 13.57 -8.36 0.86
N LYS A 79 12.58 -7.50 1.00
CA LYS A 79 11.66 -7.16 -0.08
C LYS A 79 10.89 -5.94 0.32
N LEU A 80 10.61 -5.09 -0.60
CA LEU A 80 9.75 -3.96 -0.35
C LEU A 80 8.65 -3.91 -1.39
N THR A 81 7.47 -4.17 -0.94
CA THR A 81 6.35 -4.38 -1.81
C THR A 81 5.45 -3.14 -1.85
N ASP A 82 5.15 -2.67 -3.03
CA ASP A 82 4.22 -1.56 -3.15
C ASP A 82 2.82 -2.07 -3.02
N ALA A 83 2.24 -1.84 -1.87
CA ALA A 83 0.89 -2.26 -1.65
C ALA A 83 -0.03 -1.19 -2.16
N SER A 84 0.06 -0.02 -1.52
CA SER A 84 -0.74 1.15 -1.81
C SER A 84 -2.27 0.87 -1.75
N TRP A 85 -2.86 1.28 -0.64
CA TRP A 85 -4.27 1.10 -0.43
C TRP A 85 -5.02 2.29 -0.94
N TYR A 86 -6.05 2.03 -1.68
CA TYR A 86 -6.90 3.05 -2.18
C TYR A 86 -8.31 2.72 -1.85
N THR A 87 -8.86 3.53 -1.01
CA THR A 87 -10.19 3.42 -0.61
C THR A 87 -11.01 4.14 -1.64
N VAL A 88 -11.69 3.39 -2.43
CA VAL A 88 -12.47 3.92 -3.49
C VAL A 88 -13.92 3.83 -3.11
N VAL A 89 -14.65 4.83 -3.47
CA VAL A 89 -16.03 4.95 -3.14
C VAL A 89 -16.87 4.88 -4.39
N PHE A 90 -17.88 4.08 -4.35
CA PHE A 90 -18.77 3.95 -5.48
C PHE A 90 -19.83 5.02 -5.37
N ASP A 91 -20.55 5.21 -6.46
CA ASP A 91 -21.71 6.14 -6.50
C ASP A 91 -22.78 5.60 -5.56
N ASP A 92 -22.67 4.30 -5.31
CA ASP A 92 -23.52 3.57 -4.38
C ASP A 92 -23.29 4.04 -2.93
N GLY A 93 -22.18 4.73 -2.71
CA GLY A 93 -21.90 5.28 -1.40
C GLY A 93 -21.02 4.39 -0.55
N ASP A 94 -20.65 3.26 -1.09
CA ASP A 94 -19.83 2.32 -0.36
C ASP A 94 -18.39 2.51 -0.73
N GLU A 95 -17.51 2.33 0.21
CA GLU A 95 -16.10 2.50 -0.01
C GLU A 95 -15.32 1.23 0.31
N ARG A 96 -14.44 0.84 -0.57
CA ARG A 96 -13.64 -0.36 -0.40
C ARG A 96 -12.20 -0.01 -0.63
N THR A 97 -11.33 -0.60 0.14
CA THR A 97 -9.94 -0.31 0.05
C THR A 97 -9.19 -1.46 -0.64
N LEU A 98 -8.70 -1.18 -1.83
CA LEU A 98 -7.98 -2.18 -2.62
C LEU A 98 -6.56 -1.71 -2.85
N ARG A 99 -5.74 -2.58 -3.40
CA ARG A 99 -4.38 -2.21 -3.79
C ARG A 99 -4.47 -1.50 -5.12
N ARG A 100 -3.41 -0.77 -5.48
CA ARG A 100 -3.35 -0.07 -6.78
C ARG A 100 -3.55 -1.06 -7.96
N THR A 101 -3.13 -2.30 -7.75
CA THR A 101 -3.16 -3.33 -8.77
C THR A 101 -4.53 -3.97 -8.92
N SER A 102 -5.47 -3.56 -8.11
CA SER A 102 -6.80 -4.07 -8.21
C SER A 102 -7.68 -2.97 -8.78
N LEU A 103 -7.02 -1.93 -9.24
CA LEU A 103 -7.64 -0.76 -9.76
C LEU A 103 -7.13 -0.59 -11.16
N CYS A 104 -7.99 -0.32 -12.08
CA CYS A 104 -7.59 -0.24 -13.43
C CYS A 104 -7.06 1.11 -13.88
N LEU A 105 -5.82 1.31 -13.60
CA LEU A 105 -5.04 2.34 -14.24
C LEU A 105 -3.97 1.66 -15.04
N LYS A 106 -3.08 1.00 -14.33
CA LYS A 106 -2.02 0.22 -14.92
C LYS A 106 -2.18 -1.24 -14.52
N GLY A 107 -1.97 -2.13 -15.45
CA GLY A 107 -2.11 -3.55 -15.19
C GLY A 107 -2.29 -4.29 -16.48
N GLU A 108 -3.10 -3.70 -17.35
CA GLU A 108 -3.38 -4.16 -18.71
C GLU A 108 -4.14 -5.50 -18.80
N ARG A 109 -3.48 -6.57 -18.42
CA ARG A 109 -3.99 -7.95 -18.54
C ARG A 109 -5.38 -8.16 -17.93
N HIS A 110 -6.38 -8.09 -18.80
CA HIS A 110 -7.81 -8.30 -18.46
C HIS A 110 -8.38 -7.10 -17.67
N PHE A 111 -7.70 -5.99 -17.77
CA PHE A 111 -8.14 -4.74 -17.16
C PHE A 111 -8.67 -3.83 -18.26
N ALA A 112 -9.39 -2.80 -17.84
CA ALA A 112 -9.95 -1.74 -18.68
C ALA A 112 -11.09 -2.18 -19.57
N GLU A 113 -10.78 -2.95 -20.56
CA GLU A 113 -11.75 -3.32 -21.53
C GLU A 113 -11.62 -4.78 -21.87
N SER A 114 -12.72 -5.37 -22.31
CA SER A 114 -12.84 -6.77 -22.67
C SER A 114 -12.86 -7.65 -21.41
N GLU A 115 -14.04 -8.08 -21.07
CA GLU A 115 -14.33 -8.89 -19.92
C GLU A 115 -15.64 -9.55 -20.30
N THR A 116 -16.20 -10.36 -19.45
CA THR A 116 -17.48 -10.99 -19.67
C THR A 116 -18.55 -9.90 -19.91
N LEU A 117 -19.09 -9.85 -21.12
CA LEU A 117 -20.09 -8.84 -21.46
C LEU A 117 -21.37 -9.08 -20.68
N ASP A 118 -21.92 -10.26 -20.84
CA ASP A 118 -23.14 -10.66 -20.16
C ASP A 118 -23.33 -12.13 -20.38
N ALA A 1 15.86 7.14 -9.53
CA ALA A 1 15.88 7.52 -8.11
C ALA A 1 14.64 8.36 -7.78
N ASP A 2 14.12 9.07 -8.76
CA ASP A 2 12.94 9.94 -8.59
C ASP A 2 11.68 9.10 -8.92
N GLU A 3 11.76 7.83 -8.56
CA GLU A 3 10.78 6.79 -8.85
C GLU A 3 9.36 7.19 -8.45
N PRO A 4 8.44 7.35 -9.43
CA PRO A 4 7.03 7.72 -9.19
C PRO A 4 6.17 6.55 -8.68
N ALA A 5 6.80 5.63 -7.99
CA ALA A 5 6.12 4.49 -7.40
C ALA A 5 5.31 4.98 -6.20
N TYR A 6 5.84 5.98 -5.55
CA TYR A 6 5.23 6.59 -4.45
C TYR A 6 5.08 8.06 -4.76
N LEU A 7 3.86 8.46 -4.89
CA LEU A 7 3.54 9.83 -5.24
C LEU A 7 3.18 10.60 -3.98
N THR A 8 2.89 11.87 -4.13
CA THR A 8 2.60 12.72 -3.02
C THR A 8 1.36 13.59 -3.33
N VAL A 9 0.85 14.28 -2.33
CA VAL A 9 -0.36 15.09 -2.45
C VAL A 9 -0.13 16.26 -3.41
N GLY A 10 -0.95 16.35 -4.44
CA GLY A 10 -0.83 17.41 -5.39
C GLY A 10 -0.78 16.93 -6.81
N THR A 11 -0.17 15.76 -7.00
CA THR A 11 0.01 15.17 -8.31
C THR A 11 -1.35 14.93 -9.00
N ASP A 12 -1.39 15.21 -10.27
CA ASP A 12 -2.58 15.06 -11.07
C ASP A 12 -2.44 13.77 -11.86
N VAL A 13 -3.31 12.84 -11.61
CA VAL A 13 -3.25 11.52 -12.21
C VAL A 13 -4.58 11.16 -12.83
N SER A 14 -4.67 10.00 -13.39
CA SER A 14 -5.90 9.56 -13.96
C SER A 14 -6.20 8.18 -13.44
N ALA A 15 -7.42 7.96 -13.10
CA ALA A 15 -7.90 6.74 -12.53
C ALA A 15 -8.72 6.03 -13.60
N LYS A 16 -8.41 4.77 -13.84
CA LYS A 16 -9.12 4.02 -14.85
C LYS A 16 -10.40 3.39 -14.29
N TYR A 17 -11.53 3.76 -14.86
CA TYR A 17 -12.81 3.20 -14.49
C TYR A 17 -13.49 2.67 -15.72
N ARG A 18 -13.59 1.35 -15.81
CA ARG A 18 -14.37 0.66 -16.86
C ARG A 18 -13.84 0.95 -18.27
N GLY A 19 -12.57 1.25 -18.36
CA GLY A 19 -11.98 1.59 -19.63
C GLY A 19 -12.18 3.05 -19.98
N ALA A 20 -12.33 3.85 -18.97
CA ALA A 20 -12.42 5.29 -19.13
C ALA A 20 -11.49 5.90 -18.12
N PHE A 21 -10.88 6.98 -18.47
CA PHE A 21 -9.96 7.61 -17.56
C PHE A 21 -10.55 8.87 -16.99
N CYS A 22 -10.67 8.89 -15.71
CA CYS A 22 -11.12 10.06 -15.01
C CYS A 22 -9.91 10.69 -14.37
N GLU A 23 -9.69 11.97 -14.57
CA GLU A 23 -8.50 12.56 -14.01
C GLU A 23 -8.83 13.15 -12.67
N ALA A 24 -7.93 12.98 -11.78
CA ALA A 24 -8.11 13.36 -10.43
C ALA A 24 -6.83 13.84 -9.87
N LYS A 25 -6.91 14.62 -8.88
CA LYS A 25 -5.77 15.20 -8.29
C LYS A 25 -5.62 14.60 -6.92
N ILE A 26 -4.43 14.18 -6.57
CA ILE A 26 -4.20 13.52 -5.29
C ILE A 26 -4.56 14.43 -4.11
N LYS A 27 -5.47 13.93 -3.31
CA LYS A 27 -6.01 14.61 -2.15
C LYS A 27 -5.27 14.14 -0.89
N THR A 28 -5.13 12.85 -0.76
CA THR A 28 -4.48 12.25 0.39
C THR A 28 -3.55 11.14 -0.10
N VAL A 29 -2.45 10.96 0.57
CA VAL A 29 -1.54 9.89 0.27
C VAL A 29 -1.18 9.18 1.52
N LYS A 30 -1.40 7.92 1.52
CA LYS A 30 -0.97 7.11 2.60
C LYS A 30 0.15 6.23 2.10
N ARG A 31 1.36 6.72 2.24
CA ARG A 31 2.49 5.96 1.80
C ARG A 31 2.85 4.89 2.75
N LEU A 32 2.85 3.72 2.24
CA LEU A 32 3.25 2.59 2.96
C LEU A 32 3.69 1.59 1.95
N VAL A 33 4.59 0.82 2.30
CA VAL A 33 5.10 -0.19 1.48
C VAL A 33 5.20 -1.39 2.38
N LYS A 34 4.93 -2.55 1.87
CA LYS A 34 5.01 -3.71 2.69
C LYS A 34 6.45 -4.18 2.70
N VAL A 35 7.10 -3.86 3.75
CA VAL A 35 8.47 -4.14 3.91
C VAL A 35 8.61 -5.52 4.48
N LYS A 36 9.24 -6.37 3.74
CA LYS A 36 9.52 -7.68 4.16
C LYS A 36 10.80 -7.60 4.91
N VAL A 37 10.72 -7.74 6.17
CA VAL A 37 11.86 -7.69 6.99
C VAL A 37 12.10 -9.01 7.58
N LEU A 38 13.30 -9.30 7.82
CA LEU A 38 13.66 -10.49 8.46
C LEU A 38 14.49 -10.12 9.64
N LEU A 39 13.99 -10.45 10.78
CA LEU A 39 14.65 -10.12 12.01
C LEU A 39 15.85 -11.02 12.13
N LYS A 40 17.04 -10.50 11.93
CA LYS A 40 18.25 -11.34 11.92
C LYS A 40 18.46 -12.12 13.22
N GLN A 41 18.09 -11.54 14.35
CA GLN A 41 18.27 -12.19 15.61
C GLN A 41 17.30 -13.36 15.80
N ASP A 42 16.05 -13.12 15.47
CA ASP A 42 14.99 -14.12 15.69
C ASP A 42 14.80 -15.01 14.49
N ASN A 43 15.46 -14.63 13.40
CA ASN A 43 15.40 -15.28 12.07
C ASN A 43 13.98 -15.44 11.53
N THR A 44 13.10 -14.56 11.95
CA THR A 44 11.74 -14.57 11.51
C THR A 44 11.48 -13.49 10.49
N THR A 45 10.62 -13.77 9.55
CA THR A 45 10.29 -12.80 8.55
C THR A 45 8.99 -12.11 8.96
N GLN A 46 8.79 -10.92 8.48
CA GLN A 46 7.63 -10.15 8.79
C GLN A 46 7.36 -9.21 7.61
N LEU A 47 6.13 -9.05 7.23
CA LEU A 47 5.75 -8.11 6.20
C LEU A 47 4.99 -7.01 6.87
N VAL A 48 5.66 -5.92 7.07
CA VAL A 48 5.11 -4.82 7.80
C VAL A 48 4.97 -3.63 6.91
N GLN A 49 4.43 -2.58 7.43
CA GLN A 49 4.25 -1.40 6.63
C GLN A 49 5.32 -0.38 6.97
N ASP A 50 5.52 0.55 6.04
CA ASP A 50 6.53 1.66 6.08
C ASP A 50 6.52 2.39 7.43
N ASP A 51 5.35 2.48 8.00
CA ASP A 51 5.07 3.22 9.21
C ASP A 51 5.64 2.54 10.43
N GLN A 52 5.73 1.24 10.35
CA GLN A 52 6.22 0.46 11.46
C GLN A 52 7.71 0.25 11.29
N VAL A 53 8.22 0.74 10.19
CA VAL A 53 9.64 0.64 9.93
C VAL A 53 10.35 1.95 10.26
N LYS A 54 11.31 1.85 11.12
CA LYS A 54 12.15 2.97 11.47
C LYS A 54 13.48 2.81 10.77
N GLY A 55 13.59 3.47 9.64
CA GLY A 55 14.79 3.41 8.86
C GLY A 55 14.48 3.54 7.38
N PRO A 56 15.49 3.38 6.50
CA PRO A 56 15.32 3.50 5.06
C PRO A 56 14.60 2.32 4.44
N LEU A 57 13.87 2.59 3.38
CA LEU A 57 13.22 1.54 2.62
C LEU A 57 14.21 1.13 1.57
N ARG A 58 15.11 0.27 1.97
CA ARG A 58 16.21 -0.15 1.14
C ARG A 58 16.41 -1.62 1.32
N VAL A 59 16.28 -2.38 0.25
CA VAL A 59 16.43 -3.82 0.33
C VAL A 59 17.87 -4.17 0.64
N GLY A 60 18.06 -4.76 1.77
CA GLY A 60 19.36 -5.11 2.23
C GLY A 60 19.85 -4.18 3.30
N ALA A 61 19.01 -3.27 3.76
CA ALA A 61 19.41 -2.35 4.81
C ALA A 61 18.92 -2.83 6.16
N ILE A 62 19.59 -2.42 7.22
CA ILE A 62 19.17 -2.76 8.56
C ILE A 62 18.36 -1.63 9.13
N VAL A 63 17.18 -1.93 9.58
CA VAL A 63 16.28 -0.96 10.15
C VAL A 63 15.73 -1.51 11.43
N GLU A 64 14.91 -0.74 12.07
CA GLU A 64 14.22 -1.21 13.24
C GLU A 64 12.77 -1.26 12.90
N THR A 65 12.18 -2.36 13.08
CA THR A 65 10.84 -2.55 12.69
C THR A 65 10.02 -3.08 13.83
N ARG A 66 8.78 -2.78 13.80
CA ARG A 66 7.89 -3.18 14.84
C ARG A 66 7.44 -4.58 14.58
N THR A 67 7.65 -5.42 15.53
CA THR A 67 7.26 -6.78 15.41
C THR A 67 5.80 -6.91 15.83
N SER A 68 5.25 -8.10 15.73
CA SER A 68 3.89 -8.33 16.10
C SER A 68 3.75 -8.27 17.62
N ASP A 69 4.87 -8.45 18.31
CA ASP A 69 4.96 -8.33 19.77
C ASP A 69 4.69 -6.89 20.19
N GLY A 70 4.94 -5.97 19.28
CA GLY A 70 4.67 -4.57 19.55
C GLY A 70 5.93 -3.77 19.68
N SER A 71 7.01 -4.45 19.95
CA SER A 71 8.28 -3.83 20.15
C SER A 71 9.07 -3.77 18.85
N PHE A 72 10.02 -2.89 18.79
CA PHE A 72 10.85 -2.74 17.62
C PHE A 72 12.10 -3.60 17.75
N GLN A 73 12.45 -4.22 16.66
CA GLN A 73 13.60 -5.08 16.58
C GLN A 73 14.38 -4.70 15.34
N GLU A 74 15.68 -4.87 15.37
CA GLU A 74 16.47 -4.56 14.20
C GLU A 74 16.40 -5.70 13.21
N ALA A 75 16.10 -5.35 12.02
CA ALA A 75 15.87 -6.31 10.96
C ALA A 75 16.42 -5.82 9.65
N ILE A 76 16.39 -6.68 8.66
CA ILE A 76 16.89 -6.31 7.33
C ILE A 76 15.71 -6.22 6.38
N ILE A 77 15.73 -5.29 5.43
CA ILE A 77 14.70 -5.26 4.41
C ILE A 77 15.03 -6.31 3.37
N SER A 78 14.26 -7.33 3.29
CA SER A 78 14.47 -8.38 2.33
C SER A 78 13.69 -8.07 1.06
N LYS A 79 12.63 -7.28 1.18
CA LYS A 79 11.81 -6.92 0.05
C LYS A 79 10.93 -5.75 0.42
N LEU A 80 10.65 -4.90 -0.52
CA LEU A 80 9.66 -3.90 -0.36
C LEU A 80 8.58 -4.08 -1.43
N THR A 81 7.43 -4.49 -0.97
CA THR A 81 6.34 -4.84 -1.82
C THR A 81 5.43 -3.63 -1.95
N ASP A 82 5.16 -3.27 -3.18
CA ASP A 82 4.47 -2.02 -3.53
C ASP A 82 3.11 -1.90 -2.86
N ALA A 83 2.80 -0.71 -2.45
CA ALA A 83 1.56 -0.37 -1.83
C ALA A 83 1.41 1.14 -1.98
N SER A 84 0.84 1.80 -0.97
CA SER A 84 0.57 3.24 -0.94
C SER A 84 -0.77 3.58 -1.55
N TRP A 85 -1.58 4.20 -0.76
CA TRP A 85 -2.92 4.51 -1.13
C TRP A 85 -2.98 5.93 -1.57
N TYR A 86 -3.64 6.17 -2.67
CA TYR A 86 -3.77 7.47 -3.21
C TYR A 86 -5.22 7.82 -3.31
N THR A 87 -5.64 8.69 -2.47
CA THR A 87 -6.95 9.18 -2.49
C THR A 87 -6.94 10.40 -3.38
N VAL A 88 -7.49 10.24 -4.53
CA VAL A 88 -7.52 11.27 -5.51
C VAL A 88 -8.89 11.87 -5.60
N VAL A 89 -8.92 13.15 -5.79
CA VAL A 89 -10.14 13.90 -5.79
C VAL A 89 -10.43 14.43 -7.18
N PHE A 90 -11.65 14.35 -7.55
CA PHE A 90 -12.11 14.85 -8.81
C PHE A 90 -12.63 16.26 -8.58
N ASP A 91 -12.78 17.02 -9.65
CA ASP A 91 -13.26 18.42 -9.56
C ASP A 91 -14.64 18.50 -8.91
N ASP A 92 -15.40 17.41 -9.04
CA ASP A 92 -16.74 17.28 -8.47
C ASP A 92 -16.68 17.28 -6.93
N GLY A 93 -15.50 17.04 -6.39
CA GLY A 93 -15.32 17.00 -4.96
C GLY A 93 -15.34 15.60 -4.42
N ASP A 94 -15.48 14.64 -5.32
CA ASP A 94 -15.49 13.25 -4.94
C ASP A 94 -14.09 12.75 -4.91
N GLU A 95 -13.77 11.97 -3.93
CA GLU A 95 -12.45 11.44 -3.80
C GLU A 95 -12.48 9.93 -3.68
N ARG A 96 -11.63 9.30 -4.42
CA ARG A 96 -11.55 7.87 -4.50
C ARG A 96 -10.17 7.42 -4.08
N THR A 97 -10.07 6.32 -3.37
CA THR A 97 -8.81 5.81 -2.94
C THR A 97 -8.40 4.59 -3.78
N LEU A 98 -7.39 4.77 -4.60
CA LEU A 98 -6.90 3.71 -5.45
C LEU A 98 -5.38 3.61 -5.39
N ARG A 99 -4.85 2.57 -5.97
CA ARG A 99 -3.42 2.32 -5.95
C ARG A 99 -2.82 2.79 -7.27
N ARG A 100 -1.49 2.83 -7.35
CA ARG A 100 -0.75 3.29 -8.53
C ARG A 100 -1.11 2.49 -9.78
N THR A 101 -1.44 1.23 -9.60
CA THR A 101 -1.77 0.34 -10.69
C THR A 101 -3.14 0.70 -11.33
N SER A 102 -3.86 1.60 -10.69
CA SER A 102 -5.10 2.04 -11.22
C SER A 102 -4.95 3.49 -11.71
N LEU A 103 -3.73 4.02 -11.57
CA LEU A 103 -3.41 5.39 -11.93
C LEU A 103 -2.59 5.40 -13.20
N CYS A 104 -3.01 6.19 -14.14
CA CYS A 104 -2.36 6.27 -15.43
C CYS A 104 -1.00 6.97 -15.29
N LEU A 105 -1.02 8.20 -14.74
CA LEU A 105 0.19 9.00 -14.44
C LEU A 105 0.90 9.47 -15.75
N LYS A 106 1.94 10.31 -15.58
CA LYS A 106 2.84 10.79 -16.65
C LYS A 106 2.18 11.89 -17.54
N GLY A 107 0.87 11.93 -17.53
CA GLY A 107 0.14 12.84 -18.38
C GLY A 107 -0.30 12.12 -19.63
N GLU A 108 0.01 10.85 -19.65
CA GLU A 108 -0.32 9.97 -20.74
C GLU A 108 -1.73 9.47 -20.40
N ARG A 109 -2.48 9.09 -21.39
CA ARG A 109 -3.81 8.62 -21.16
C ARG A 109 -4.10 7.36 -21.95
N HIS A 110 -3.75 6.24 -21.34
CA HIS A 110 -4.05 4.89 -21.80
C HIS A 110 -3.36 3.92 -20.86
N PHE A 111 -2.24 4.40 -20.29
CA PHE A 111 -1.47 3.71 -19.24
C PHE A 111 -0.70 2.55 -19.87
N ALA A 112 -1.40 1.50 -20.19
CA ALA A 112 -0.83 0.34 -20.80
C ALA A 112 -1.92 -0.39 -21.52
N GLU A 113 -2.89 -0.83 -20.78
CA GLU A 113 -4.00 -1.55 -21.34
C GLU A 113 -5.19 -0.64 -21.41
N SER A 114 -5.78 -0.59 -22.56
CA SER A 114 -6.97 0.19 -22.76
C SER A 114 -7.99 -0.67 -23.51
N GLU A 115 -7.55 -1.23 -24.60
CA GLU A 115 -8.33 -2.10 -25.45
C GLU A 115 -7.58 -3.40 -25.57
N THR A 116 -8.02 -4.27 -26.46
CA THR A 116 -7.31 -5.48 -26.71
C THR A 116 -6.10 -5.16 -27.61
N LEU A 117 -4.91 -5.14 -26.99
CA LEU A 117 -3.66 -4.74 -27.65
C LEU A 117 -3.72 -3.25 -28.02
N ASP A 118 -2.74 -2.75 -28.72
CA ASP A 118 -2.73 -1.34 -29.09
C ASP A 118 -2.57 -1.22 -30.56
N ALA A 1 6.91 9.28 -8.95
CA ALA A 1 7.33 10.69 -8.96
C ALA A 1 7.11 11.30 -10.34
N ASP A 2 7.86 10.84 -11.34
CA ASP A 2 7.68 11.31 -12.71
C ASP A 2 6.45 10.67 -13.28
N GLU A 3 6.27 9.44 -12.91
CA GLU A 3 5.09 8.70 -13.24
C GLU A 3 4.38 8.44 -11.92
N PRO A 4 3.04 8.48 -11.90
CA PRO A 4 2.26 8.19 -10.68
C PRO A 4 2.53 6.79 -10.15
N ALA A 5 3.27 6.69 -9.08
CA ALA A 5 3.58 5.39 -8.48
C ALA A 5 2.51 5.02 -7.48
N TYR A 6 1.65 5.97 -7.24
CA TYR A 6 0.57 5.90 -6.36
C TYR A 6 -0.39 6.90 -6.90
N LEU A 7 -1.63 6.76 -6.61
CA LEU A 7 -2.62 7.69 -7.10
C LEU A 7 -2.74 8.82 -6.13
N THR A 8 -3.49 9.83 -6.45
CA THR A 8 -3.52 10.99 -5.64
C THR A 8 -4.93 11.34 -5.16
N VAL A 9 -4.96 12.16 -4.13
CA VAL A 9 -6.19 12.65 -3.54
C VAL A 9 -6.92 13.54 -4.53
N GLY A 10 -8.20 13.32 -4.68
CA GLY A 10 -8.98 14.14 -5.55
C GLY A 10 -9.34 13.45 -6.83
N THR A 11 -8.67 12.36 -7.14
CA THR A 11 -8.90 11.62 -8.34
C THR A 11 -10.29 10.97 -8.30
N ASP A 12 -11.02 11.11 -9.36
CA ASP A 12 -12.34 10.55 -9.49
C ASP A 12 -12.23 9.27 -10.23
N VAL A 13 -12.56 8.20 -9.57
CA VAL A 13 -12.40 6.90 -10.12
C VAL A 13 -13.69 6.11 -9.99
N SER A 14 -13.68 4.92 -10.44
CA SER A 14 -14.78 4.05 -10.28
C SER A 14 -14.25 2.73 -9.80
N ALA A 15 -14.89 2.14 -8.85
CA ALA A 15 -14.46 0.90 -8.31
C ALA A 15 -15.40 -0.18 -8.77
N LYS A 16 -14.85 -1.32 -9.12
CA LYS A 16 -15.68 -2.40 -9.57
C LYS A 16 -16.11 -3.27 -8.44
N TYR A 17 -17.38 -3.51 -8.40
CA TYR A 17 -17.96 -4.40 -7.44
C TYR A 17 -18.81 -5.39 -8.19
N ARG A 18 -18.34 -6.62 -8.25
CA ARG A 18 -19.07 -7.75 -8.85
C ARG A 18 -19.38 -7.48 -10.34
N GLY A 19 -18.48 -6.77 -10.99
CA GLY A 19 -18.61 -6.49 -12.41
C GLY A 19 -19.27 -5.16 -12.70
N ALA A 20 -19.69 -4.46 -11.68
CA ALA A 20 -20.37 -3.19 -11.87
C ALA A 20 -19.51 -2.07 -11.33
N PHE A 21 -19.60 -0.92 -11.94
CA PHE A 21 -18.82 0.23 -11.50
C PHE A 21 -19.61 1.07 -10.52
N CYS A 22 -18.94 1.52 -9.52
CA CYS A 22 -19.47 2.50 -8.61
C CYS A 22 -18.47 3.63 -8.58
N GLU A 23 -18.88 4.87 -8.81
CA GLU A 23 -17.90 5.92 -8.90
C GLU A 23 -17.62 6.52 -7.56
N ALA A 24 -16.36 6.78 -7.31
CA ALA A 24 -15.93 7.24 -6.06
C ALA A 24 -14.74 8.13 -6.22
N LYS A 25 -14.57 9.05 -5.34
CA LYS A 25 -13.51 10.01 -5.43
C LYS A 25 -12.47 9.72 -4.34
N ILE A 26 -11.22 9.63 -4.71
CA ILE A 26 -10.16 9.31 -3.74
C ILE A 26 -9.99 10.45 -2.72
N LYS A 27 -10.20 10.14 -1.47
CA LYS A 27 -10.03 11.10 -0.41
C LYS A 27 -8.68 10.94 0.23
N THR A 28 -8.33 9.74 0.53
CA THR A 28 -7.12 9.47 1.21
C THR A 28 -6.32 8.44 0.44
N VAL A 29 -5.04 8.67 0.37
CA VAL A 29 -4.14 7.81 -0.31
C VAL A 29 -3.10 7.34 0.65
N LYS A 30 -3.21 6.13 1.00
CA LYS A 30 -2.27 5.56 1.89
C LYS A 30 -1.26 4.79 1.10
N ARG A 31 -0.19 5.45 0.72
CA ARG A 31 0.88 4.76 0.07
C ARG A 31 1.78 4.21 1.17
N LEU A 32 1.75 2.94 1.36
CA LEU A 32 2.50 2.34 2.42
C LEU A 32 3.25 1.15 1.90
N VAL A 33 4.49 1.10 2.18
CA VAL A 33 5.27 0.03 1.67
C VAL A 33 5.42 -1.04 2.72
N LYS A 34 4.88 -2.21 2.45
CA LYS A 34 5.00 -3.28 3.37
C LYS A 34 6.26 -4.02 3.07
N VAL A 35 7.22 -3.73 3.83
CA VAL A 35 8.54 -4.21 3.68
C VAL A 35 8.66 -5.57 4.34
N LYS A 36 9.33 -6.46 3.66
CA LYS A 36 9.63 -7.75 4.18
C LYS A 36 10.95 -7.67 4.86
N VAL A 37 10.92 -7.66 6.14
CA VAL A 37 12.11 -7.59 6.90
C VAL A 37 12.36 -8.85 7.66
N LEU A 38 13.60 -9.20 7.74
CA LEU A 38 14.06 -10.38 8.41
C LEU A 38 14.87 -9.92 9.59
N LEU A 39 14.43 -10.28 10.75
CA LEU A 39 15.09 -9.89 11.97
C LEU A 39 16.42 -10.58 12.12
N LYS A 40 17.47 -9.80 12.25
CA LYS A 40 18.81 -10.36 12.42
C LYS A 40 18.93 -11.11 13.76
N GLN A 41 18.20 -10.67 14.75
CA GLN A 41 18.27 -11.26 16.08
C GLN A 41 17.27 -12.39 16.21
N ASP A 42 16.02 -12.06 16.01
CA ASP A 42 14.91 -13.00 16.23
C ASP A 42 14.68 -13.92 15.06
N ASN A 43 15.22 -13.56 13.89
CA ASN A 43 15.20 -14.43 12.70
C ASN A 43 13.78 -14.56 12.06
N THR A 44 12.85 -13.78 12.55
CA THR A 44 11.52 -13.79 12.01
C THR A 44 11.40 -12.85 10.85
N THR A 45 10.41 -13.05 10.04
CA THR A 45 10.20 -12.21 8.91
C THR A 45 8.84 -11.56 9.04
N GLN A 46 8.78 -10.33 8.69
CA GLN A 46 7.56 -9.54 8.75
C GLN A 46 7.36 -8.77 7.48
N LEU A 47 6.13 -8.66 7.06
CA LEU A 47 5.75 -7.75 6.02
C LEU A 47 4.99 -6.64 6.68
N VAL A 48 5.64 -5.54 6.88
CA VAL A 48 5.07 -4.41 7.59
C VAL A 48 5.34 -3.13 6.90
N GLN A 49 4.43 -2.23 7.06
CA GLN A 49 4.46 -0.94 6.41
C GLN A 49 5.59 -0.06 6.98
N ASP A 50 5.96 0.96 6.21
CA ASP A 50 7.06 1.89 6.58
C ASP A 50 6.75 2.69 7.86
N ASP A 51 5.54 2.57 8.35
CA ASP A 51 5.16 3.18 9.63
C ASP A 51 5.79 2.41 10.76
N GLN A 52 5.91 1.12 10.55
CA GLN A 52 6.44 0.21 11.53
C GLN A 52 7.95 0.15 11.40
N VAL A 53 8.40 0.39 10.19
CA VAL A 53 9.82 0.32 9.87
C VAL A 53 10.50 1.65 10.04
N LYS A 54 11.48 1.67 10.88
CA LYS A 54 12.25 2.85 11.13
C LYS A 54 13.60 2.66 10.44
N GLY A 55 13.81 3.39 9.38
CA GLY A 55 15.07 3.33 8.70
C GLY A 55 14.89 3.38 7.20
N PRO A 56 15.98 3.19 6.43
CA PRO A 56 15.94 3.20 4.95
C PRO A 56 15.19 2.00 4.38
N LEU A 57 14.41 2.24 3.37
CA LEU A 57 13.67 1.16 2.79
C LEU A 57 14.43 0.63 1.57
N ARG A 58 15.40 -0.21 1.83
CA ARG A 58 16.22 -0.77 0.78
C ARG A 58 16.51 -2.22 1.10
N VAL A 59 16.47 -3.10 0.11
CA VAL A 59 16.79 -4.50 0.34
C VAL A 59 18.24 -4.60 0.76
N GLY A 60 18.46 -5.21 1.88
CA GLY A 60 19.78 -5.33 2.41
C GLY A 60 20.14 -4.19 3.33
N ALA A 61 19.17 -3.34 3.68
CA ALA A 61 19.47 -2.25 4.58
C ALA A 61 19.10 -2.61 6.00
N ILE A 62 19.78 -1.99 6.94
CA ILE A 62 19.56 -2.26 8.35
C ILE A 62 18.46 -1.32 8.88
N VAL A 63 17.37 -1.86 9.36
CA VAL A 63 16.29 -1.06 9.91
C VAL A 63 15.81 -1.62 11.21
N GLU A 64 14.91 -0.93 11.83
CA GLU A 64 14.28 -1.37 13.03
C GLU A 64 12.82 -1.32 12.83
N THR A 65 12.15 -2.38 13.10
CA THR A 65 10.76 -2.41 12.80
C THR A 65 9.98 -2.91 13.96
N ARG A 66 8.74 -2.56 13.96
CA ARG A 66 7.83 -3.12 14.90
C ARG A 66 7.43 -4.45 14.32
N THR A 67 7.53 -5.46 15.08
CA THR A 67 7.14 -6.75 14.62
C THR A 67 5.67 -6.94 14.83
N SER A 68 5.15 -8.08 14.38
CA SER A 68 3.76 -8.41 14.57
C SER A 68 3.47 -8.61 16.06
N ASP A 69 4.54 -8.86 16.83
CA ASP A 69 4.42 -9.07 18.26
C ASP A 69 4.19 -7.73 18.96
N GLY A 70 4.63 -6.66 18.32
CA GLY A 70 4.40 -5.34 18.86
C GLY A 70 5.66 -4.62 19.26
N SER A 71 6.73 -5.35 19.42
CA SER A 71 7.98 -4.77 19.84
C SER A 71 8.83 -4.33 18.64
N PHE A 72 9.66 -3.33 18.86
CA PHE A 72 10.60 -2.89 17.86
C PHE A 72 11.88 -3.69 17.97
N GLN A 73 12.28 -4.25 16.87
CA GLN A 73 13.42 -5.12 16.77
C GLN A 73 14.15 -4.83 15.45
N GLU A 74 15.47 -4.94 15.46
CA GLU A 74 16.30 -4.64 14.31
C GLU A 74 16.22 -5.77 13.27
N ALA A 75 16.00 -5.39 12.05
CA ALA A 75 15.81 -6.30 10.96
C ALA A 75 16.44 -5.77 9.68
N ILE A 76 16.51 -6.61 8.66
CA ILE A 76 17.07 -6.25 7.37
C ILE A 76 15.99 -6.41 6.32
N ILE A 77 15.95 -5.53 5.34
CA ILE A 77 14.96 -5.64 4.28
C ILE A 77 15.35 -6.77 3.32
N SER A 78 14.41 -7.66 3.06
CA SER A 78 14.63 -8.75 2.14
C SER A 78 13.74 -8.62 0.88
N LYS A 79 12.71 -7.78 0.98
CA LYS A 79 11.77 -7.50 -0.13
C LYS A 79 10.94 -6.32 0.29
N LEU A 80 10.39 -5.60 -0.64
CA LEU A 80 9.42 -4.60 -0.31
C LEU A 80 8.17 -4.91 -1.11
N THR A 81 7.05 -4.85 -0.48
CA THR A 81 5.81 -5.12 -1.10
C THR A 81 4.98 -3.84 -1.12
N ASP A 82 4.78 -3.31 -2.30
CA ASP A 82 4.02 -2.10 -2.48
C ASP A 82 2.58 -2.30 -2.09
N ALA A 83 2.12 -1.49 -1.16
CA ALA A 83 0.76 -1.49 -0.77
C ALA A 83 0.23 -0.08 -0.89
N SER A 84 -1.03 0.05 -1.09
CA SER A 84 -1.65 1.32 -1.22
C SER A 84 -3.12 1.20 -1.00
N TRP A 85 -3.61 1.92 -0.05
CA TRP A 85 -5.01 1.92 0.25
C TRP A 85 -5.62 3.22 -0.20
N TYR A 86 -6.47 3.14 -1.16
CA TYR A 86 -7.12 4.30 -1.70
C TYR A 86 -8.51 4.38 -1.12
N THR A 87 -8.72 5.34 -0.29
CA THR A 87 -9.95 5.54 0.37
C THR A 87 -10.82 6.43 -0.50
N VAL A 88 -11.76 5.85 -1.16
CA VAL A 88 -12.59 6.56 -2.11
C VAL A 88 -14.00 6.79 -1.56
N VAL A 89 -14.52 7.94 -1.84
CA VAL A 89 -15.79 8.42 -1.31
C VAL A 89 -16.86 8.29 -2.35
N PHE A 90 -17.96 7.68 -1.99
CA PHE A 90 -19.08 7.59 -2.89
C PHE A 90 -19.95 8.83 -2.71
N ASP A 91 -20.97 8.97 -3.53
CA ASP A 91 -21.88 10.14 -3.48
C ASP A 91 -22.61 10.24 -2.15
N ASP A 92 -22.64 9.14 -1.41
CA ASP A 92 -23.28 9.08 -0.10
C ASP A 92 -22.45 9.85 0.93
N GLY A 93 -21.21 10.11 0.60
CA GLY A 93 -20.33 10.76 1.55
C GLY A 93 -19.54 9.75 2.35
N ASP A 94 -19.80 8.49 2.08
CA ASP A 94 -19.13 7.37 2.72
C ASP A 94 -17.97 6.93 1.89
N GLU A 95 -16.85 6.77 2.51
CA GLU A 95 -15.67 6.37 1.84
C GLU A 95 -15.23 4.96 2.25
N ARG A 96 -14.84 4.18 1.27
CA ARG A 96 -14.34 2.84 1.49
C ARG A 96 -12.95 2.74 0.94
N THR A 97 -12.22 1.78 1.41
CA THR A 97 -10.84 1.64 1.07
C THR A 97 -10.66 0.52 0.02
N LEU A 98 -10.13 0.89 -1.13
CA LEU A 98 -9.93 -0.02 -2.24
C LEU A 98 -8.47 -0.08 -2.65
N ARG A 99 -8.21 -0.97 -3.58
CA ARG A 99 -6.92 -1.11 -4.22
C ARG A 99 -6.99 -0.39 -5.55
N ARG A 100 -5.86 -0.14 -6.20
CA ARG A 100 -5.91 0.48 -7.54
C ARG A 100 -6.47 -0.51 -8.53
N THR A 101 -6.39 -1.77 -8.19
CA THR A 101 -6.87 -2.86 -9.01
C THR A 101 -8.42 -2.92 -8.98
N SER A 102 -9.03 -2.15 -8.10
CA SER A 102 -10.44 -2.09 -8.01
C SER A 102 -10.92 -0.86 -8.76
N LEU A 103 -9.99 0.00 -9.12
CA LEU A 103 -10.31 1.28 -9.67
C LEU A 103 -10.14 1.29 -11.17
N CYS A 104 -11.18 1.73 -11.85
CA CYS A 104 -11.25 1.80 -13.30
C CYS A 104 -10.17 2.73 -13.85
N LEU A 105 -9.98 3.87 -13.17
CA LEU A 105 -8.94 4.87 -13.49
C LEU A 105 -9.15 5.64 -14.79
N LYS A 106 -9.10 6.97 -14.66
CA LYS A 106 -9.16 7.94 -15.77
C LYS A 106 -10.56 8.03 -16.42
N GLY A 107 -11.32 6.96 -16.38
CA GLY A 107 -12.68 6.97 -16.92
C GLY A 107 -12.69 6.49 -18.33
N GLU A 108 -11.67 6.90 -19.06
CA GLU A 108 -11.43 6.48 -20.42
C GLU A 108 -11.12 5.00 -20.44
N ARG A 109 -10.29 4.59 -19.52
CA ARG A 109 -9.89 3.21 -19.40
C ARG A 109 -10.90 2.51 -18.53
N HIS A 110 -11.29 1.34 -18.93
CA HIS A 110 -12.22 0.54 -18.17
C HIS A 110 -11.57 -0.73 -17.70
N PHE A 111 -11.85 -1.07 -16.48
CA PHE A 111 -11.34 -2.27 -15.88
C PHE A 111 -12.23 -3.43 -16.18
N ALA A 112 -11.64 -4.48 -16.64
CA ALA A 112 -12.36 -5.66 -16.95
C ALA A 112 -11.64 -6.84 -16.36
N GLU A 113 -12.38 -7.71 -15.72
CA GLU A 113 -11.84 -8.93 -15.17
C GLU A 113 -11.77 -10.01 -16.23
N SER A 114 -12.20 -9.64 -17.41
CA SER A 114 -12.10 -10.43 -18.58
C SER A 114 -12.09 -9.47 -19.77
N GLU A 115 -10.92 -8.97 -20.11
CA GLU A 115 -10.78 -8.01 -21.20
C GLU A 115 -10.93 -8.69 -22.56
N THR A 116 -10.64 -9.95 -22.61
CA THR A 116 -10.80 -10.74 -23.79
C THR A 116 -12.27 -11.18 -23.85
N LEU A 117 -12.96 -10.78 -24.89
CA LEU A 117 -14.38 -11.08 -25.03
C LEU A 117 -14.57 -12.47 -25.60
N ASP A 118 -13.64 -12.89 -26.41
CA ASP A 118 -13.67 -14.20 -27.02
C ASP A 118 -12.28 -14.58 -27.41
N ALA A 1 12.12 13.13 -12.74
CA ALA A 1 11.76 12.38 -11.55
C ALA A 1 11.47 13.33 -10.40
N ASP A 2 10.21 13.49 -10.09
CA ASP A 2 9.75 14.37 -9.00
C ASP A 2 8.72 13.65 -8.17
N GLU A 3 7.93 12.83 -8.85
CA GLU A 3 6.86 12.05 -8.25
C GLU A 3 7.45 10.92 -7.40
N PRO A 4 7.25 10.94 -6.08
CA PRO A 4 7.80 9.93 -5.20
C PRO A 4 6.86 8.73 -5.03
N ALA A 5 7.26 7.81 -4.16
CA ALA A 5 6.49 6.62 -3.87
C ALA A 5 5.21 6.94 -3.12
N TYR A 6 5.19 8.09 -2.46
CA TYR A 6 4.04 8.51 -1.73
C TYR A 6 3.70 9.94 -2.08
N LEU A 7 2.44 10.15 -2.40
CA LEU A 7 1.91 11.46 -2.73
C LEU A 7 1.30 12.07 -1.47
N THR A 8 0.65 13.21 -1.59
CA THR A 8 0.21 13.93 -0.41
C THR A 8 -1.28 14.30 -0.46
N VAL A 9 -1.89 14.54 0.70
CA VAL A 9 -3.29 14.94 0.76
C VAL A 9 -3.48 16.36 0.34
N GLY A 10 -4.62 16.62 -0.23
CA GLY A 10 -4.95 17.95 -0.67
C GLY A 10 -4.52 18.20 -2.09
N THR A 11 -3.72 17.31 -2.62
CA THR A 11 -3.24 17.43 -3.93
C THR A 11 -4.30 16.96 -4.91
N ASP A 12 -4.47 17.71 -5.95
CA ASP A 12 -5.46 17.42 -6.96
C ASP A 12 -4.74 16.76 -8.11
N VAL A 13 -5.14 15.56 -8.45
CA VAL A 13 -4.46 14.75 -9.44
C VAL A 13 -5.44 14.11 -10.38
N SER A 14 -4.96 13.34 -11.27
CA SER A 14 -5.82 12.63 -12.15
C SER A 14 -5.55 11.13 -12.04
N ALA A 15 -6.58 10.34 -12.10
CA ALA A 15 -6.48 8.91 -12.05
C ALA A 15 -6.78 8.39 -13.43
N LYS A 16 -6.06 7.40 -13.88
CA LYS A 16 -6.27 6.90 -15.21
C LYS A 16 -7.11 5.66 -15.31
N TYR A 17 -7.99 5.69 -16.27
CA TYR A 17 -8.89 4.63 -16.60
C TYR A 17 -8.81 4.43 -18.09
N ARG A 18 -8.46 3.21 -18.49
CA ARG A 18 -8.39 2.81 -19.91
C ARG A 18 -7.34 3.65 -20.66
N GLY A 19 -6.30 4.06 -19.94
CA GLY A 19 -5.28 4.91 -20.51
C GLY A 19 -5.77 6.34 -20.76
N ALA A 20 -6.73 6.77 -19.96
CA ALA A 20 -7.31 8.09 -20.07
C ALA A 20 -7.44 8.62 -18.67
N PHE A 21 -7.41 9.91 -18.51
CA PHE A 21 -7.41 10.47 -17.17
C PHE A 21 -8.77 11.00 -16.75
N CYS A 22 -9.06 10.86 -15.49
CA CYS A 22 -10.21 11.43 -14.84
C CYS A 22 -9.66 12.16 -13.62
N GLU A 23 -10.15 13.34 -13.28
CA GLU A 23 -9.55 14.06 -12.17
C GLU A 23 -10.08 13.57 -10.84
N ALA A 24 -9.27 13.69 -9.82
CA ALA A 24 -9.64 13.28 -8.48
C ALA A 24 -8.72 13.94 -7.50
N LYS A 25 -9.22 14.26 -6.37
CA LYS A 25 -8.45 14.97 -5.40
C LYS A 25 -8.07 14.03 -4.26
N ILE A 26 -6.80 13.98 -3.93
CA ILE A 26 -6.33 13.08 -2.88
C ILE A 26 -6.93 13.45 -1.52
N LYS A 27 -7.73 12.55 -1.00
CA LYS A 27 -8.43 12.73 0.24
C LYS A 27 -7.73 12.00 1.37
N THR A 28 -7.28 10.79 1.11
CA THR A 28 -6.56 10.03 2.10
C THR A 28 -5.28 9.50 1.47
N VAL A 29 -4.22 9.58 2.21
CA VAL A 29 -2.93 9.09 1.77
C VAL A 29 -2.49 7.97 2.65
N LYS A 30 -2.37 6.84 2.07
CA LYS A 30 -1.86 5.72 2.75
C LYS A 30 -0.49 5.37 2.23
N ARG A 31 0.51 5.93 2.86
CA ARG A 31 1.88 5.68 2.50
C ARG A 31 2.34 4.42 3.18
N LEU A 32 2.13 3.31 2.52
CA LEU A 32 2.54 2.09 3.10
C LEU A 32 3.22 1.23 2.09
N VAL A 33 4.44 0.97 2.36
CA VAL A 33 5.20 0.04 1.60
C VAL A 33 5.38 -1.13 2.51
N LYS A 34 4.83 -2.26 2.16
CA LYS A 34 5.00 -3.41 2.99
C LYS A 34 6.30 -4.07 2.70
N VAL A 35 7.17 -3.92 3.63
CA VAL A 35 8.51 -4.38 3.53
C VAL A 35 8.62 -5.75 4.19
N LYS A 36 9.27 -6.66 3.52
CA LYS A 36 9.53 -7.96 4.05
C LYS A 36 10.82 -7.86 4.78
N VAL A 37 10.72 -7.90 6.04
CA VAL A 37 11.85 -7.75 6.88
C VAL A 37 12.14 -9.01 7.61
N LEU A 38 13.38 -9.20 7.85
CA LEU A 38 13.89 -10.31 8.58
C LEU A 38 14.53 -9.74 9.80
N LEU A 39 14.03 -10.10 10.95
CA LEU A 39 14.57 -9.61 12.19
C LEU A 39 15.88 -10.31 12.46
N LYS A 40 16.98 -9.61 12.30
CA LYS A 40 18.32 -10.20 12.47
C LYS A 40 18.54 -10.76 13.89
N GLN A 41 17.86 -10.17 14.84
CA GLN A 41 17.99 -10.53 16.22
C GLN A 41 17.04 -11.68 16.60
N ASP A 42 15.95 -11.82 15.87
CA ASP A 42 14.90 -12.78 16.26
C ASP A 42 14.74 -13.92 15.23
N ASN A 43 15.32 -13.71 14.05
CA ASN A 43 15.34 -14.66 12.91
C ASN A 43 13.98 -14.86 12.29
N THR A 44 13.05 -13.99 12.57
CA THR A 44 11.72 -14.08 12.04
C THR A 44 11.54 -13.15 10.85
N THR A 45 10.56 -13.45 10.03
CA THR A 45 10.32 -12.63 8.86
C THR A 45 8.87 -12.18 8.87
N GLN A 46 8.64 -10.98 8.49
CA GLN A 46 7.32 -10.44 8.39
C GLN A 46 7.25 -9.42 7.29
N LEU A 47 6.06 -9.14 6.83
CA LEU A 47 5.84 -8.18 5.78
C LEU A 47 4.93 -7.12 6.37
N VAL A 48 5.50 -6.01 6.75
CA VAL A 48 4.77 -4.96 7.41
C VAL A 48 5.00 -3.66 6.74
N GLN A 49 4.18 -2.72 7.02
CA GLN A 49 4.20 -1.46 6.35
C GLN A 49 5.27 -0.52 6.86
N ASP A 50 5.58 0.44 6.00
CA ASP A 50 6.53 1.56 6.22
C ASP A 50 6.28 2.31 7.53
N ASP A 51 5.07 2.23 8.00
CA ASP A 51 4.64 2.90 9.23
C ASP A 51 5.30 2.27 10.44
N GLN A 52 5.60 0.99 10.34
CA GLN A 52 6.25 0.27 11.42
C GLN A 52 7.73 0.15 11.13
N VAL A 53 8.09 0.41 9.88
CA VAL A 53 9.47 0.31 9.47
C VAL A 53 10.20 1.63 9.62
N LYS A 54 11.09 1.63 10.54
CA LYS A 54 11.91 2.75 10.87
C LYS A 54 13.26 2.55 10.19
N GLY A 55 13.52 3.28 9.15
CA GLY A 55 14.81 3.18 8.50
C GLY A 55 14.69 3.23 6.98
N PRO A 56 15.78 2.94 6.23
CA PRO A 56 15.77 2.96 4.77
C PRO A 56 15.14 1.71 4.18
N LEU A 57 14.32 1.89 3.22
CA LEU A 57 13.65 0.79 2.59
C LEU A 57 14.51 0.29 1.45
N ARG A 58 15.48 -0.52 1.80
CA ARG A 58 16.45 -1.06 0.86
C ARG A 58 16.71 -2.49 1.16
N VAL A 59 16.69 -3.33 0.16
CA VAL A 59 16.92 -4.74 0.36
C VAL A 59 18.34 -4.96 0.85
N GLY A 60 18.44 -5.54 2.02
CA GLY A 60 19.71 -5.77 2.64
C GLY A 60 20.12 -4.68 3.60
N ALA A 61 19.23 -3.73 3.84
CA ALA A 61 19.58 -2.61 4.70
C ALA A 61 19.11 -2.85 6.10
N ILE A 62 19.56 -2.02 7.00
CA ILE A 62 19.24 -2.14 8.40
C ILE A 62 18.12 -1.17 8.76
N VAL A 63 17.01 -1.71 9.15
CA VAL A 63 15.90 -0.94 9.64
C VAL A 63 15.55 -1.43 11.01
N GLU A 64 14.49 -0.93 11.52
CA GLU A 64 13.96 -1.35 12.72
C GLU A 64 12.47 -1.38 12.49
N THR A 65 11.84 -2.38 12.92
CA THR A 65 10.44 -2.52 12.65
C THR A 65 9.73 -3.07 13.84
N ARG A 66 8.46 -2.85 13.89
CA ARG A 66 7.66 -3.35 14.95
C ARG A 66 7.35 -4.81 14.67
N THR A 67 7.65 -5.63 15.61
CA THR A 67 7.41 -7.04 15.46
C THR A 67 6.10 -7.43 16.17
N SER A 68 5.75 -8.70 16.11
CA SER A 68 4.54 -9.24 16.69
C SER A 68 4.59 -9.15 18.22
N ASP A 69 5.81 -9.04 18.74
CA ASP A 69 6.04 -8.90 20.18
C ASP A 69 5.58 -7.51 20.66
N GLY A 70 5.45 -6.58 19.72
CA GLY A 70 5.02 -5.23 20.05
C GLY A 70 6.18 -4.27 20.13
N SER A 71 7.34 -4.83 20.16
CA SER A 71 8.55 -4.08 20.25
C SER A 71 9.10 -3.78 18.85
N PHE A 72 10.02 -2.87 18.80
CA PHE A 72 10.72 -2.58 17.58
C PHE A 72 12.05 -3.31 17.64
N GLN A 73 12.29 -4.10 16.64
CA GLN A 73 13.46 -4.91 16.56
C GLN A 73 14.23 -4.51 15.32
N GLU A 74 15.54 -4.58 15.37
CA GLU A 74 16.37 -4.23 14.24
C GLU A 74 16.23 -5.32 13.19
N ALA A 75 15.92 -4.93 11.99
CA ALA A 75 15.65 -5.88 10.93
C ALA A 75 16.37 -5.56 9.64
N ILE A 76 16.36 -6.52 8.74
CA ILE A 76 16.96 -6.38 7.41
C ILE A 76 15.82 -6.44 6.41
N ILE A 77 15.95 -5.78 5.30
CA ILE A 77 14.94 -5.86 4.27
C ILE A 77 15.27 -6.99 3.30
N SER A 78 14.31 -7.83 3.04
CA SER A 78 14.47 -8.89 2.08
C SER A 78 13.66 -8.58 0.80
N LYS A 79 12.74 -7.64 0.91
CA LYS A 79 11.85 -7.25 -0.19
C LYS A 79 11.04 -6.04 0.25
N LEU A 80 10.70 -5.16 -0.64
CA LEU A 80 9.78 -4.09 -0.32
C LEU A 80 8.69 -4.01 -1.36
N THR A 81 7.49 -4.25 -0.93
CA THR A 81 6.37 -4.27 -1.80
C THR A 81 5.46 -3.10 -1.47
N ASP A 82 5.51 -2.09 -2.30
CA ASP A 82 4.76 -0.90 -2.06
C ASP A 82 3.31 -1.11 -2.37
N ALA A 83 2.49 -0.53 -1.56
CA ALA A 83 1.09 -0.56 -1.77
C ALA A 83 0.67 0.81 -2.22
N SER A 84 0.94 1.80 -1.35
CA SER A 84 0.63 3.20 -1.54
C SER A 84 -0.78 3.43 -2.08
N TRP A 85 -1.68 3.58 -1.16
CA TRP A 85 -3.06 3.76 -1.48
C TRP A 85 -3.45 5.21 -1.38
N TYR A 86 -4.10 5.70 -2.40
CA TYR A 86 -4.54 7.06 -2.44
C TYR A 86 -6.01 7.07 -2.66
N THR A 87 -6.71 7.43 -1.65
CA THR A 87 -8.08 7.56 -1.71
C THR A 87 -8.37 8.92 -2.26
N VAL A 88 -8.74 8.97 -3.47
CA VAL A 88 -8.99 10.19 -4.15
C VAL A 88 -10.47 10.39 -4.33
N VAL A 89 -10.89 11.59 -4.17
CA VAL A 89 -12.27 11.96 -4.24
C VAL A 89 -12.56 12.63 -5.55
N PHE A 90 -13.49 12.07 -6.26
CA PHE A 90 -13.87 12.54 -7.55
C PHE A 90 -14.94 13.59 -7.43
N ASP A 91 -15.27 14.18 -8.55
CA ASP A 91 -16.25 15.28 -8.65
C ASP A 91 -17.60 14.88 -8.05
N ASP A 92 -17.95 13.60 -8.19
CA ASP A 92 -19.24 13.09 -7.69
C ASP A 92 -19.26 13.05 -6.16
N GLY A 93 -18.10 13.09 -5.55
CA GLY A 93 -18.02 12.98 -4.11
C GLY A 93 -17.65 11.58 -3.70
N ASP A 94 -17.35 10.76 -4.68
CA ASP A 94 -16.96 9.37 -4.45
C ASP A 94 -15.50 9.33 -4.30
N GLU A 95 -15.05 8.64 -3.34
CA GLU A 95 -13.66 8.48 -3.15
C GLU A 95 -13.25 7.07 -3.44
N ARG A 96 -12.27 6.93 -4.26
CA ARG A 96 -11.82 5.65 -4.68
C ARG A 96 -10.34 5.55 -4.35
N THR A 97 -9.92 4.41 -3.90
CA THR A 97 -8.57 4.24 -3.47
C THR A 97 -7.75 3.49 -4.52
N LEU A 98 -6.85 4.20 -5.19
CA LEU A 98 -6.01 3.57 -6.21
C LEU A 98 -4.55 3.68 -5.78
N ARG A 99 -3.64 3.14 -6.57
CA ARG A 99 -2.22 3.26 -6.30
C ARG A 99 -1.67 4.38 -7.18
N ARG A 100 -0.47 4.85 -6.87
CA ARG A 100 0.16 5.96 -7.64
C ARG A 100 0.36 5.57 -9.11
N THR A 101 0.48 4.29 -9.35
CA THR A 101 0.70 3.72 -10.65
C THR A 101 -0.56 3.79 -11.53
N SER A 102 -1.61 4.36 -11.00
CA SER A 102 -2.82 4.58 -11.72
C SER A 102 -3.21 6.05 -11.58
N LEU A 103 -2.29 6.84 -11.05
CA LEU A 103 -2.50 8.27 -10.79
C LEU A 103 -1.47 9.12 -11.51
N CYS A 104 -1.80 10.35 -11.66
CA CYS A 104 -1.00 11.32 -12.32
C CYS A 104 -1.00 12.58 -11.44
N LEU A 105 -0.99 13.73 -12.05
CA LEU A 105 -0.96 15.01 -11.38
C LEU A 105 -1.87 15.96 -12.13
N LYS A 106 -2.23 17.06 -11.51
CA LYS A 106 -3.09 18.05 -12.14
C LYS A 106 -2.33 18.69 -13.31
N GLY A 107 -2.97 18.79 -14.43
CA GLY A 107 -2.38 19.40 -15.58
C GLY A 107 -2.38 18.44 -16.73
N GLU A 108 -2.62 17.15 -16.38
CA GLU A 108 -2.64 16.04 -17.32
C GLU A 108 -1.26 15.83 -17.93
N ARG A 109 -0.52 14.92 -17.36
CA ARG A 109 0.82 14.67 -17.81
C ARG A 109 0.82 13.39 -18.60
N HIS A 110 1.90 13.11 -19.29
CA HIS A 110 1.96 11.93 -20.11
C HIS A 110 2.27 10.70 -19.26
N PHE A 111 1.26 10.21 -18.62
CA PHE A 111 1.33 8.99 -17.84
C PHE A 111 0.51 7.93 -18.58
N ALA A 112 0.19 8.26 -19.81
CA ALA A 112 -0.57 7.42 -20.71
C ALA A 112 0.35 6.36 -21.32
N GLU A 113 -0.18 5.62 -22.30
CA GLU A 113 0.50 4.48 -22.90
C GLU A 113 0.88 3.43 -21.88
N SER A 114 -0.12 2.70 -21.51
CA SER A 114 -0.05 1.63 -20.55
C SER A 114 -1.24 0.74 -20.84
N GLU A 115 -1.45 -0.27 -20.01
CA GLU A 115 -2.49 -1.28 -20.21
C GLU A 115 -2.13 -2.16 -21.39
N THR A 116 -1.55 -3.29 -21.05
CA THR A 116 -1.03 -4.27 -21.97
C THR A 116 -2.05 -4.62 -23.06
N LEU A 117 -3.27 -4.92 -22.66
CA LEU A 117 -4.32 -5.16 -23.60
C LEU A 117 -5.01 -3.85 -23.89
N ASP A 118 -4.67 -3.28 -25.00
CA ASP A 118 -5.23 -2.02 -25.42
C ASP A 118 -6.46 -2.26 -26.27
N ALA A 1 9.06 3.37 -15.10
CA ALA A 1 8.38 3.58 -16.40
C ALA A 1 7.00 4.17 -16.18
N ASP A 2 6.18 3.46 -15.46
CA ASP A 2 4.81 3.88 -15.19
C ASP A 2 4.64 4.16 -13.72
N GLU A 3 5.29 3.32 -12.92
CA GLU A 3 5.20 3.22 -11.45
C GLU A 3 5.01 4.56 -10.70
N PRO A 4 3.76 4.90 -10.37
CA PRO A 4 3.41 6.05 -9.54
C PRO A 4 2.87 5.49 -8.22
N ALA A 5 3.55 4.44 -7.79
CA ALA A 5 3.15 3.49 -6.74
C ALA A 5 2.88 4.02 -5.32
N TYR A 6 2.72 5.31 -5.15
CA TYR A 6 2.46 5.89 -3.84
C TYR A 6 1.85 7.29 -3.93
N LEU A 7 1.25 7.63 -5.05
CA LEU A 7 0.72 8.98 -5.21
C LEU A 7 -0.48 9.05 -6.16
N THR A 8 -1.15 10.21 -6.10
CA THR A 8 -2.31 10.67 -6.91
C THR A 8 -3.61 10.89 -6.13
N VAL A 9 -3.64 11.94 -5.33
CA VAL A 9 -4.85 12.31 -4.63
C VAL A 9 -5.62 13.32 -5.48
N GLY A 10 -6.92 13.19 -5.53
CA GLY A 10 -7.74 14.14 -6.26
C GLY A 10 -7.89 13.75 -7.71
N THR A 11 -7.07 12.84 -8.14
CA THR A 11 -7.03 12.39 -9.48
C THR A 11 -8.31 11.61 -9.81
N ASP A 12 -8.88 11.92 -10.93
CA ASP A 12 -10.12 11.32 -11.39
C ASP A 12 -9.75 10.24 -12.39
N VAL A 13 -9.94 9.00 -12.02
CA VAL A 13 -9.54 7.87 -12.84
C VAL A 13 -10.61 6.81 -12.85
N SER A 14 -10.43 5.81 -13.65
CA SER A 14 -11.31 4.70 -13.61
C SER A 14 -10.69 3.60 -12.73
N ALA A 15 -11.48 3.07 -11.84
CA ALA A 15 -11.07 2.07 -10.89
C ALA A 15 -11.87 0.80 -11.09
N LYS A 16 -11.18 -0.26 -11.38
CA LYS A 16 -11.76 -1.54 -11.66
C LYS A 16 -12.09 -2.28 -10.38
N TYR A 17 -13.34 -2.35 -10.07
CA TYR A 17 -13.81 -3.06 -8.93
C TYR A 17 -15.06 -3.78 -9.38
N ARG A 18 -15.32 -4.98 -8.84
CA ARG A 18 -16.51 -5.77 -9.25
C ARG A 18 -16.40 -6.13 -10.77
N GLY A 19 -15.16 -6.17 -11.23
CA GLY A 19 -14.84 -6.49 -12.62
C GLY A 19 -15.24 -5.39 -13.59
N ALA A 20 -15.47 -4.20 -13.08
CA ALA A 20 -15.84 -3.08 -13.91
C ALA A 20 -15.09 -1.86 -13.45
N PHE A 21 -14.68 -1.03 -14.35
CA PHE A 21 -14.02 0.17 -13.94
C PHE A 21 -14.95 1.35 -13.95
N CYS A 22 -15.19 1.84 -12.77
CA CYS A 22 -16.04 2.98 -12.59
C CYS A 22 -15.16 4.18 -12.40
N GLU A 23 -15.57 5.31 -12.93
CA GLU A 23 -14.85 6.48 -12.78
C GLU A 23 -15.00 6.92 -11.34
N ALA A 24 -13.91 7.25 -10.77
CA ALA A 24 -13.83 7.56 -9.40
C ALA A 24 -12.80 8.62 -9.18
N LYS A 25 -12.85 9.19 -8.03
CA LYS A 25 -11.89 10.20 -7.68
C LYS A 25 -11.12 9.69 -6.49
N ILE A 26 -9.83 9.70 -6.59
CA ILE A 26 -8.96 9.24 -5.52
C ILE A 26 -9.03 10.24 -4.37
N LYS A 27 -9.65 9.84 -3.29
CA LYS A 27 -9.82 10.68 -2.13
C LYS A 27 -8.63 10.56 -1.21
N THR A 28 -8.16 9.37 -1.05
CA THR A 28 -7.08 9.10 -0.16
C THR A 28 -6.13 8.13 -0.78
N VAL A 29 -4.89 8.36 -0.56
CA VAL A 29 -3.86 7.51 -0.99
C VAL A 29 -3.14 7.02 0.22
N LYS A 30 -3.33 5.80 0.50
CA LYS A 30 -2.66 5.18 1.60
C LYS A 30 -1.30 4.79 1.10
N ARG A 31 -0.30 5.56 1.43
CA ARG A 31 1.02 5.29 0.94
C ARG A 31 1.66 4.27 1.83
N LEU A 32 1.66 3.04 1.43
CA LEU A 32 2.26 2.03 2.24
C LEU A 32 3.02 1.05 1.38
N VAL A 33 4.24 0.89 1.73
CA VAL A 33 5.09 -0.07 1.10
C VAL A 33 5.21 -1.23 2.06
N LYS A 34 4.88 -2.42 1.59
CA LYS A 34 5.02 -3.59 2.40
C LYS A 34 6.42 -4.08 2.31
N VAL A 35 7.14 -3.84 3.33
CA VAL A 35 8.50 -4.19 3.42
C VAL A 35 8.61 -5.55 4.08
N LYS A 36 9.29 -6.44 3.44
CA LYS A 36 9.50 -7.75 3.94
C LYS A 36 10.83 -7.73 4.63
N VAL A 37 10.79 -7.82 5.89
CA VAL A 37 11.96 -7.74 6.70
C VAL A 37 12.16 -9.01 7.43
N LEU A 38 13.36 -9.26 7.75
CA LEU A 38 13.68 -10.41 8.52
C LEU A 38 14.36 -9.92 9.76
N LEU A 39 13.72 -10.10 10.88
CA LEU A 39 14.25 -9.70 12.16
C LEU A 39 15.49 -10.50 12.46
N LYS A 40 16.62 -9.84 12.59
CA LYS A 40 17.85 -10.58 12.81
C LYS A 40 17.94 -11.10 14.23
N GLN A 41 17.22 -10.47 15.13
CA GLN A 41 17.25 -10.84 16.51
C GLN A 41 16.25 -11.98 16.79
N ASP A 42 15.07 -11.88 16.23
CA ASP A 42 14.00 -12.87 16.46
C ASP A 42 14.04 -13.99 15.41
N ASN A 43 14.65 -13.67 14.27
CA ASN A 43 14.87 -14.60 13.14
C ASN A 43 13.61 -14.92 12.35
N THR A 44 12.65 -14.05 12.44
CA THR A 44 11.42 -14.21 11.72
C THR A 44 11.34 -13.26 10.54
N THR A 45 10.64 -13.66 9.52
CA THR A 45 10.41 -12.81 8.43
C THR A 45 9.03 -12.18 8.61
N GLN A 46 8.89 -10.97 8.22
CA GLN A 46 7.68 -10.24 8.43
C GLN A 46 7.45 -9.37 7.20
N LEU A 47 6.22 -9.22 6.81
CA LEU A 47 5.87 -8.36 5.69
C LEU A 47 4.91 -7.31 6.22
N VAL A 48 5.41 -6.14 6.45
CA VAL A 48 4.63 -5.08 7.06
C VAL A 48 4.87 -3.78 6.37
N GLN A 49 4.03 -2.83 6.62
CA GLN A 49 4.14 -1.58 5.90
C GLN A 49 5.12 -0.59 6.50
N ASP A 50 5.37 0.43 5.69
CA ASP A 50 6.26 1.60 5.93
C ASP A 50 6.09 2.27 7.32
N ASP A 51 4.95 2.05 7.93
CA ASP A 51 4.62 2.65 9.23
C ASP A 51 5.11 1.76 10.39
N GLN A 52 5.29 0.49 10.07
CA GLN A 52 5.70 -0.53 11.02
C GLN A 52 7.23 -0.65 11.02
N VAL A 53 7.80 -0.17 9.96
CA VAL A 53 9.23 -0.22 9.73
C VAL A 53 9.87 1.16 9.92
N LYS A 54 10.88 1.21 10.75
CA LYS A 54 11.59 2.43 11.01
C LYS A 54 13.00 2.33 10.41
N GLY A 55 13.25 3.09 9.38
CA GLY A 55 14.55 3.12 8.78
C GLY A 55 14.51 3.21 7.27
N PRO A 56 15.63 2.92 6.59
CA PRO A 56 15.70 3.00 5.14
C PRO A 56 15.05 1.81 4.45
N LEU A 57 14.31 2.10 3.43
CA LEU A 57 13.65 1.07 2.67
C LEU A 57 14.53 0.70 1.51
N ARG A 58 15.46 -0.16 1.81
CA ARG A 58 16.38 -0.64 0.82
C ARG A 58 16.59 -2.11 1.06
N VAL A 59 16.49 -2.93 0.03
CA VAL A 59 16.72 -4.35 0.20
C VAL A 59 18.17 -4.57 0.61
N GLY A 60 18.34 -5.15 1.77
CA GLY A 60 19.64 -5.36 2.32
C GLY A 60 20.00 -4.33 3.35
N ALA A 61 19.08 -3.44 3.67
CA ALA A 61 19.37 -2.38 4.65
C ALA A 61 18.86 -2.78 6.02
N ILE A 62 19.26 -2.03 7.01
CA ILE A 62 18.93 -2.31 8.38
C ILE A 62 17.88 -1.34 8.89
N VAL A 63 16.83 -1.88 9.44
CA VAL A 63 15.74 -1.11 10.00
C VAL A 63 15.31 -1.70 11.29
N GLU A 64 14.44 -1.02 11.96
CA GLU A 64 13.82 -1.53 13.14
C GLU A 64 12.35 -1.64 12.86
N THR A 65 11.77 -2.75 13.13
CA THR A 65 10.37 -2.91 12.89
C THR A 65 9.69 -3.42 14.13
N ARG A 66 8.41 -3.20 14.20
CA ARG A 66 7.66 -3.63 15.36
C ARG A 66 7.54 -5.16 15.41
N THR A 67 7.97 -5.73 16.49
CA THR A 67 7.89 -7.14 16.67
C THR A 67 6.60 -7.44 17.46
N SER A 68 6.25 -8.71 17.54
CA SER A 68 5.02 -9.16 18.20
C SER A 68 5.02 -8.85 19.70
N ASP A 69 6.19 -8.64 20.26
CA ASP A 69 6.35 -8.33 21.68
C ASP A 69 5.81 -6.93 21.98
N GLY A 70 5.81 -6.08 20.96
CA GLY A 70 5.34 -4.71 21.12
C GLY A 70 6.45 -3.71 20.91
N SER A 71 7.66 -4.16 21.07
CA SER A 71 8.83 -3.33 20.88
C SER A 71 9.26 -3.34 19.41
N PHE A 72 10.17 -2.47 19.07
CA PHE A 72 10.75 -2.45 17.76
C PHE A 72 12.12 -3.12 17.83
N GLN A 73 12.42 -3.93 16.86
CA GLN A 73 13.68 -4.67 16.85
C GLN A 73 14.34 -4.58 15.49
N GLU A 74 15.65 -4.76 15.49
CA GLU A 74 16.47 -4.66 14.30
C GLU A 74 16.20 -5.81 13.31
N ALA A 75 15.96 -5.44 12.08
CA ALA A 75 15.65 -6.33 11.00
C ALA A 75 16.35 -5.89 9.73
N ILE A 76 16.30 -6.73 8.71
CA ILE A 76 16.89 -6.40 7.39
C ILE A 76 15.80 -6.44 6.35
N ILE A 77 15.82 -5.53 5.39
CA ILE A 77 14.84 -5.56 4.29
C ILE A 77 15.23 -6.65 3.32
N SER A 78 14.35 -7.57 3.10
CA SER A 78 14.58 -8.65 2.19
C SER A 78 13.76 -8.41 0.90
N LYS A 79 12.74 -7.56 1.00
CA LYS A 79 11.85 -7.23 -0.12
C LYS A 79 11.08 -5.97 0.21
N LEU A 80 10.73 -5.20 -0.78
CA LEU A 80 9.85 -4.06 -0.61
C LEU A 80 8.81 -4.01 -1.71
N THR A 81 7.59 -4.14 -1.31
CA THR A 81 6.46 -4.21 -2.18
C THR A 81 5.57 -2.97 -2.06
N ASP A 82 5.63 -2.09 -3.04
CA ASP A 82 4.83 -0.86 -3.05
C ASP A 82 3.38 -1.24 -3.22
N ALA A 83 2.60 -1.07 -2.18
CA ALA A 83 1.21 -1.45 -2.22
C ALA A 83 0.35 -0.26 -2.62
N SER A 84 0.20 0.66 -1.67
CA SER A 84 -0.61 1.86 -1.81
C SER A 84 -2.08 1.61 -2.14
N TRP A 85 -2.91 1.99 -1.22
CA TRP A 85 -4.32 1.83 -1.35
C TRP A 85 -4.97 3.13 -1.69
N TYR A 86 -5.41 3.23 -2.90
CA TYR A 86 -6.05 4.41 -3.37
C TYR A 86 -7.53 4.26 -3.12
N THR A 87 -8.03 5.05 -2.20
CA THR A 87 -9.39 5.02 -1.85
C THR A 87 -10.09 5.95 -2.79
N VAL A 88 -10.77 5.40 -3.71
CA VAL A 88 -11.43 6.17 -4.70
C VAL A 88 -12.91 6.20 -4.43
N VAL A 89 -13.48 7.33 -4.65
CA VAL A 89 -14.88 7.54 -4.45
C VAL A 89 -15.58 7.58 -5.79
N PHE A 90 -16.56 6.75 -5.94
CA PHE A 90 -17.28 6.61 -7.18
C PHE A 90 -18.39 7.63 -7.24
N ASP A 91 -19.02 7.78 -8.40
CA ASP A 91 -20.12 8.75 -8.60
C ASP A 91 -21.28 8.52 -7.62
N ASP A 92 -21.40 7.30 -7.13
CA ASP A 92 -22.43 6.93 -6.16
C ASP A 92 -22.15 7.51 -4.76
N GLY A 93 -20.92 7.94 -4.54
CA GLY A 93 -20.54 8.49 -3.25
C GLY A 93 -19.91 7.47 -2.36
N ASP A 94 -19.83 6.27 -2.86
CA ASP A 94 -19.25 5.15 -2.15
C ASP A 94 -17.79 5.07 -2.52
N GLU A 95 -16.95 4.58 -1.64
CA GLU A 95 -15.53 4.57 -1.89
C GLU A 95 -14.93 3.21 -1.56
N ARG A 96 -13.83 2.90 -2.21
CA ARG A 96 -13.14 1.64 -2.00
C ARG A 96 -11.65 1.81 -2.21
N THR A 97 -10.89 1.04 -1.48
CA THR A 97 -9.46 0.99 -1.62
C THR A 97 -9.07 -0.05 -2.65
N LEU A 98 -8.51 0.40 -3.75
CA LEU A 98 -7.98 -0.49 -4.74
C LEU A 98 -6.59 -0.12 -5.13
N ARG A 99 -5.81 -1.15 -5.43
CA ARG A 99 -4.42 -1.00 -5.80
C ARG A 99 -4.28 -0.32 -7.16
N ARG A 100 -3.11 0.27 -7.39
CA ARG A 100 -2.77 1.04 -8.59
C ARG A 100 -3.11 0.26 -9.85
N THR A 101 -2.86 -1.03 -9.81
CA THR A 101 -3.10 -1.94 -10.93
C THR A 101 -4.61 -2.03 -11.34
N SER A 102 -5.51 -1.47 -10.53
CA SER A 102 -6.90 -1.44 -10.90
C SER A 102 -7.36 -0.02 -11.21
N LEU A 103 -6.43 0.90 -11.21
CA LEU A 103 -6.71 2.28 -11.53
C LEU A 103 -6.11 2.56 -12.87
N CYS A 104 -6.79 3.30 -13.70
CA CYS A 104 -6.31 3.54 -15.03
C CYS A 104 -5.17 4.55 -15.08
N LEU A 105 -5.37 5.68 -14.40
CA LEU A 105 -4.40 6.79 -14.32
C LEU A 105 -4.24 7.52 -15.65
N LYS A 106 -3.62 6.88 -16.62
CA LYS A 106 -3.38 7.50 -17.91
C LYS A 106 -4.30 6.93 -18.95
N GLY A 107 -5.26 7.72 -19.35
CA GLY A 107 -6.24 7.31 -20.29
C GLY A 107 -7.48 6.87 -19.58
N GLU A 108 -8.48 6.41 -20.29
CA GLU A 108 -9.71 5.97 -19.65
C GLU A 108 -9.98 4.52 -20.00
N ARG A 109 -9.72 4.17 -21.23
CA ARG A 109 -10.05 2.87 -21.74
C ARG A 109 -8.88 1.91 -21.55
N HIS A 110 -8.74 1.42 -20.34
CA HIS A 110 -7.69 0.47 -20.01
C HIS A 110 -8.26 -0.60 -19.12
N PHE A 111 -7.59 -1.75 -19.08
CA PHE A 111 -7.97 -2.93 -18.25
C PHE A 111 -9.16 -3.70 -18.81
N ALA A 112 -9.58 -3.30 -19.98
CA ALA A 112 -10.62 -3.95 -20.75
C ALA A 112 -10.39 -3.60 -22.19
N GLU A 113 -10.88 -4.43 -23.10
CA GLU A 113 -10.77 -4.23 -24.55
C GLU A 113 -9.30 -4.43 -25.02
N SER A 114 -8.52 -5.01 -24.12
CA SER A 114 -7.13 -5.34 -24.31
C SER A 114 -6.67 -6.00 -23.03
N GLU A 115 -6.51 -7.31 -23.08
CA GLU A 115 -6.02 -8.12 -21.97
C GLU A 115 -6.97 -8.16 -20.78
N THR A 116 -6.56 -8.90 -19.82
CA THR A 116 -7.18 -9.05 -18.57
C THR A 116 -6.01 -8.97 -17.58
N LEU A 117 -6.25 -8.83 -16.30
CA LEU A 117 -5.13 -8.72 -15.39
C LEU A 117 -5.13 -9.78 -14.31
N ASP A 118 -3.95 -10.30 -14.05
CA ASP A 118 -3.75 -11.30 -13.03
C ASP A 118 -3.73 -10.66 -11.66
N ALA A 1 5.58 -1.10 -12.73
CA ALA A 1 5.70 -0.32 -11.49
C ALA A 1 6.06 -1.26 -10.35
N ASP A 2 7.33 -1.29 -10.00
CA ASP A 2 7.80 -2.19 -8.94
C ASP A 2 8.25 -1.39 -7.74
N GLU A 3 8.27 -0.10 -7.89
CA GLU A 3 8.68 0.79 -6.83
C GLU A 3 7.48 1.50 -6.22
N PRO A 4 7.55 1.86 -4.93
CA PRO A 4 6.50 2.65 -4.30
C PRO A 4 6.72 4.15 -4.61
N ALA A 5 6.36 4.54 -5.81
CA ALA A 5 6.51 5.92 -6.26
C ALA A 5 5.55 6.82 -5.53
N TYR A 6 4.33 6.33 -5.37
CA TYR A 6 3.20 6.96 -4.67
C TYR A 6 2.74 8.29 -5.25
N LEU A 7 1.45 8.41 -5.38
CA LEU A 7 0.84 9.65 -5.78
C LEU A 7 0.53 10.44 -4.50
N THR A 8 0.09 11.66 -4.65
CA THR A 8 -0.07 12.53 -3.50
C THR A 8 -1.46 13.15 -3.41
N VAL A 9 -1.72 13.77 -2.27
CA VAL A 9 -3.00 14.39 -1.96
C VAL A 9 -3.17 15.67 -2.76
N GLY A 10 -4.33 15.85 -3.35
CA GLY A 10 -4.60 17.07 -4.04
C GLY A 10 -4.77 16.89 -5.51
N THR A 11 -4.25 15.82 -6.06
CA THR A 11 -4.36 15.63 -7.47
C THR A 11 -5.60 14.78 -7.75
N ASP A 12 -6.00 14.71 -8.98
CA ASP A 12 -7.16 13.97 -9.35
C ASP A 12 -6.75 12.87 -10.28
N VAL A 13 -7.32 11.74 -10.10
CA VAL A 13 -6.98 10.58 -10.88
C VAL A 13 -8.23 9.93 -11.37
N SER A 14 -8.07 9.12 -12.34
CA SER A 14 -9.16 8.37 -12.81
C SER A 14 -9.05 6.96 -12.25
N ALA A 15 -10.11 6.52 -11.65
CA ALA A 15 -10.26 5.24 -11.05
C ALA A 15 -11.16 4.46 -11.96
N LYS A 16 -10.71 3.37 -12.48
CA LYS A 16 -11.54 2.64 -13.39
C LYS A 16 -12.36 1.57 -12.71
N TYR A 17 -13.59 1.49 -13.13
CA TYR A 17 -14.54 0.53 -12.67
C TYR A 17 -15.23 -0.02 -13.87
N ARG A 18 -15.31 -1.32 -13.94
CA ARG A 18 -16.00 -2.07 -15.02
C ARG A 18 -15.35 -1.77 -16.38
N GLY A 19 -14.08 -1.38 -16.36
CA GLY A 19 -13.37 -1.07 -17.58
C GLY A 19 -13.54 0.38 -18.02
N ALA A 20 -14.24 1.17 -17.23
CA ALA A 20 -14.52 2.55 -17.56
C ALA A 20 -13.93 3.43 -16.48
N PHE A 21 -13.46 4.59 -16.85
CA PHE A 21 -12.79 5.42 -15.87
C PHE A 21 -13.73 6.45 -15.25
N CYS A 22 -13.68 6.55 -13.95
CA CYS A 22 -14.40 7.53 -13.18
C CYS A 22 -13.39 8.43 -12.50
N GLU A 23 -13.56 9.73 -12.56
CA GLU A 23 -12.55 10.61 -12.00
C GLU A 23 -12.81 10.82 -10.53
N ALA A 24 -11.77 10.95 -9.79
CA ALA A 24 -11.85 11.17 -8.37
C ALA A 24 -10.65 11.95 -7.91
N LYS A 25 -10.80 12.67 -6.85
CA LYS A 25 -9.75 13.53 -6.39
C LYS A 25 -9.13 12.95 -5.11
N ILE A 26 -7.82 12.78 -5.10
CA ILE A 26 -7.12 12.15 -3.99
C ILE A 26 -7.22 12.99 -2.73
N LYS A 27 -7.90 12.46 -1.73
CA LYS A 27 -8.04 13.12 -0.45
C LYS A 27 -7.01 12.59 0.53
N THR A 28 -6.86 11.29 0.57
CA THR A 28 -5.98 10.68 1.54
C THR A 28 -5.01 9.77 0.83
N VAL A 29 -3.79 9.79 1.26
CA VAL A 29 -2.76 8.93 0.73
C VAL A 29 -2.13 8.17 1.85
N LYS A 30 -2.17 6.89 1.74
CA LYS A 30 -1.48 6.04 2.65
C LYS A 30 -0.36 5.41 1.88
N ARG A 31 0.78 6.01 1.90
CA ARG A 31 1.87 5.40 1.21
C ARG A 31 2.58 4.40 2.07
N LEU A 32 2.08 3.21 2.04
CA LEU A 32 2.59 2.19 2.88
C LEU A 32 3.17 1.08 2.05
N VAL A 33 4.45 1.03 2.02
CA VAL A 33 5.13 -0.01 1.35
C VAL A 33 5.39 -1.13 2.35
N LYS A 34 4.98 -2.31 2.00
CA LYS A 34 5.17 -3.47 2.83
C LYS A 34 6.59 -3.98 2.68
N VAL A 35 7.35 -3.73 3.65
CA VAL A 35 8.71 -4.14 3.71
C VAL A 35 8.79 -5.53 4.36
N LYS A 36 9.37 -6.43 3.63
CA LYS A 36 9.54 -7.81 4.00
C LYS A 36 10.86 -7.86 4.73
N VAL A 37 10.81 -8.03 6.00
CA VAL A 37 12.01 -7.98 6.81
C VAL A 37 12.28 -9.28 7.48
N LEU A 38 13.52 -9.47 7.74
CA LEU A 38 14.02 -10.60 8.43
C LEU A 38 14.78 -10.08 9.62
N LEU A 39 14.34 -10.47 10.79
CA LEU A 39 14.95 -10.03 12.02
C LEU A 39 16.29 -10.68 12.22
N LYS A 40 17.30 -9.88 12.46
CA LYS A 40 18.66 -10.38 12.60
C LYS A 40 18.83 -11.29 13.84
N GLN A 41 18.11 -11.00 14.92
CA GLN A 41 18.23 -11.72 16.15
C GLN A 41 17.42 -13.03 16.11
N ASP A 42 16.14 -12.90 15.89
CA ASP A 42 15.22 -14.04 16.00
C ASP A 42 15.01 -14.76 14.70
N ASN A 43 15.61 -14.23 13.62
CA ASN A 43 15.53 -14.80 12.25
C ASN A 43 14.09 -15.05 11.80
N THR A 44 13.19 -14.26 12.32
CA THR A 44 11.82 -14.32 11.96
C THR A 44 11.55 -13.36 10.83
N THR A 45 10.65 -13.72 9.96
CA THR A 45 10.36 -12.89 8.83
C THR A 45 8.97 -12.37 8.95
N GLN A 46 8.76 -11.19 8.45
CA GLN A 46 7.47 -10.56 8.48
C GLN A 46 7.40 -9.49 7.41
N LEU A 47 6.23 -9.05 7.10
CA LEU A 47 6.00 -8.09 6.05
C LEU A 47 5.13 -6.98 6.64
N VAL A 48 5.75 -5.89 6.95
CA VAL A 48 5.08 -4.77 7.61
C VAL A 48 5.32 -3.53 6.81
N GLN A 49 4.55 -2.52 7.02
CA GLN A 49 4.66 -1.38 6.18
C GLN A 49 5.62 -0.33 6.72
N ASP A 50 5.95 0.61 5.83
CA ASP A 50 6.87 1.77 6.05
C ASP A 50 6.67 2.46 7.40
N ASP A 51 5.45 2.45 7.85
CA ASP A 51 5.05 3.10 9.09
C ASP A 51 5.65 2.40 10.30
N GLN A 52 5.77 1.11 10.21
CA GLN A 52 6.29 0.28 11.29
C GLN A 52 7.80 0.15 11.14
N VAL A 53 8.27 0.55 9.99
CA VAL A 53 9.66 0.47 9.62
C VAL A 53 10.40 1.75 9.94
N LYS A 54 11.33 1.66 10.82
CA LYS A 54 12.17 2.79 11.14
C LYS A 54 13.56 2.57 10.60
N GLY A 55 14.02 3.47 9.81
CA GLY A 55 15.34 3.35 9.22
C GLY A 55 15.31 3.54 7.70
N PRO A 56 16.34 3.09 6.97
CA PRO A 56 16.39 3.19 5.51
C PRO A 56 15.70 2.03 4.81
N LEU A 57 14.90 2.33 3.86
CA LEU A 57 14.16 1.33 3.15
C LEU A 57 14.88 0.93 1.87
N ARG A 58 15.83 0.05 2.05
CA ARG A 58 16.63 -0.53 0.99
C ARG A 58 16.84 -1.98 1.25
N VAL A 59 16.81 -2.80 0.21
CA VAL A 59 17.05 -4.22 0.40
C VAL A 59 18.49 -4.41 0.88
N GLY A 60 18.62 -5.11 1.97
CA GLY A 60 19.92 -5.31 2.57
C GLY A 60 20.25 -4.26 3.61
N ALA A 61 19.31 -3.36 3.89
CA ALA A 61 19.55 -2.33 4.87
C ALA A 61 18.96 -2.75 6.20
N ILE A 62 19.45 -2.18 7.28
CA ILE A 62 18.96 -2.53 8.58
C ILE A 62 18.02 -1.45 9.10
N VAL A 63 16.85 -1.88 9.44
CA VAL A 63 15.83 -1.04 10.00
C VAL A 63 15.37 -1.62 11.29
N GLU A 64 14.43 -1.00 11.90
CA GLU A 64 13.82 -1.49 13.09
C GLU A 64 12.34 -1.52 12.86
N THR A 65 11.77 -2.68 12.97
CA THR A 65 10.40 -2.88 12.68
C THR A 65 9.62 -3.29 13.88
N ARG A 66 8.35 -2.92 13.92
CA ARG A 66 7.50 -3.33 15.00
C ARG A 66 7.11 -4.77 14.82
N THR A 67 7.27 -5.54 15.84
CA THR A 67 6.87 -6.91 15.83
C THR A 67 5.39 -7.02 16.26
N SER A 68 4.87 -8.23 16.36
CA SER A 68 3.51 -8.44 16.78
C SER A 68 3.39 -8.30 18.31
N ASP A 69 4.52 -8.04 18.96
CA ASP A 69 4.52 -7.78 20.39
C ASP A 69 4.46 -6.29 20.64
N GLY A 70 4.70 -5.54 19.59
CA GLY A 70 4.69 -4.09 19.69
C GLY A 70 6.06 -3.52 19.94
N SER A 71 7.06 -4.36 19.90
CA SER A 71 8.42 -3.94 20.14
C SER A 71 9.14 -3.70 18.81
N PHE A 72 10.23 -2.96 18.83
CA PHE A 72 10.98 -2.67 17.61
C PHE A 72 12.34 -3.36 17.61
N GLN A 73 12.55 -4.21 16.65
CA GLN A 73 13.78 -4.97 16.54
C GLN A 73 14.48 -4.67 15.24
N GLU A 74 15.80 -4.84 15.26
CA GLU A 74 16.62 -4.64 14.09
C GLU A 74 16.33 -5.74 13.09
N ALA A 75 15.96 -5.35 11.94
CA ALA A 75 15.68 -6.29 10.89
C ALA A 75 16.25 -5.80 9.57
N ILE A 76 16.39 -6.70 8.62
CA ILE A 76 16.98 -6.36 7.32
C ILE A 76 15.87 -6.33 6.27
N ILE A 77 15.89 -5.35 5.39
CA ILE A 77 14.93 -5.32 4.30
C ILE A 77 15.27 -6.42 3.31
N SER A 78 14.36 -7.30 3.12
CA SER A 78 14.55 -8.42 2.25
C SER A 78 13.68 -8.29 0.96
N LYS A 79 12.68 -7.38 0.99
CA LYS A 79 11.79 -7.11 -0.16
C LYS A 79 10.92 -5.91 0.20
N LEU A 80 10.51 -5.13 -0.77
CA LEU A 80 9.54 -4.07 -0.51
C LEU A 80 8.40 -4.19 -1.53
N THR A 81 7.19 -4.30 -1.04
CA THR A 81 6.00 -4.47 -1.86
C THR A 81 5.05 -3.29 -1.63
N ASP A 82 4.82 -2.50 -2.65
CA ASP A 82 3.93 -1.35 -2.55
C ASP A 82 2.50 -1.75 -2.24
N ALA A 83 1.90 -1.04 -1.35
CA ALA A 83 0.54 -1.29 -0.96
C ALA A 83 -0.21 0.01 -0.79
N SER A 84 0.40 1.11 -1.29
CA SER A 84 -0.14 2.45 -1.13
C SER A 84 -1.61 2.58 -1.51
N TRP A 85 -2.38 3.06 -0.56
CA TRP A 85 -3.80 3.26 -0.70
C TRP A 85 -4.08 4.72 -0.95
N TYR A 86 -4.96 4.98 -1.89
CA TYR A 86 -5.35 6.33 -2.22
C TYR A 86 -6.84 6.45 -2.05
N THR A 87 -7.23 7.23 -1.11
CA THR A 87 -8.59 7.46 -0.86
C THR A 87 -8.99 8.67 -1.66
N VAL A 88 -9.70 8.40 -2.70
CA VAL A 88 -10.10 9.41 -3.61
C VAL A 88 -11.57 9.72 -3.43
N VAL A 89 -11.90 10.96 -3.54
CA VAL A 89 -13.23 11.43 -3.34
C VAL A 89 -13.88 11.76 -4.68
N PHE A 90 -15.09 11.34 -4.82
CA PHE A 90 -15.84 11.55 -6.02
C PHE A 90 -16.75 12.76 -5.86
N ASP A 91 -17.38 13.14 -6.95
CA ASP A 91 -18.22 14.34 -7.05
C ASP A 91 -19.30 14.35 -5.98
N ASP A 92 -19.91 13.20 -5.77
CA ASP A 92 -21.02 13.01 -4.80
C ASP A 92 -20.56 13.15 -3.34
N GLY A 93 -19.26 13.14 -3.12
CA GLY A 93 -18.76 13.25 -1.77
C GLY A 93 -18.43 11.90 -1.17
N ASP A 94 -18.47 10.90 -2.00
CA ASP A 94 -18.12 9.55 -1.59
C ASP A 94 -16.66 9.37 -1.81
N GLU A 95 -16.00 8.71 -0.92
CA GLU A 95 -14.61 8.49 -1.05
C GLU A 95 -14.31 7.02 -0.99
N ARG A 96 -13.43 6.58 -1.82
CA ARG A 96 -13.13 5.19 -1.92
C ARG A 96 -11.64 5.04 -1.95
N THR A 97 -11.16 4.02 -1.32
CA THR A 97 -9.76 3.78 -1.26
C THR A 97 -9.35 2.71 -2.29
N LEU A 98 -8.50 3.09 -3.21
CA LEU A 98 -7.99 2.19 -4.21
C LEU A 98 -6.50 2.38 -4.41
N ARG A 99 -5.89 1.40 -5.02
CA ARG A 99 -4.44 1.37 -5.25
C ARG A 99 -4.11 1.81 -6.68
N ARG A 100 -2.81 2.10 -6.94
CA ARG A 100 -2.34 2.57 -8.26
C ARG A 100 -2.69 1.62 -9.39
N THR A 101 -2.86 0.37 -9.05
CA THR A 101 -3.20 -0.70 -9.98
C THR A 101 -4.53 -0.40 -10.74
N SER A 102 -5.37 0.45 -10.18
CA SER A 102 -6.64 0.79 -10.80
C SER A 102 -6.73 2.30 -11.12
N LEU A 103 -5.59 2.98 -11.04
CA LEU A 103 -5.51 4.41 -11.30
C LEU A 103 -4.90 4.70 -12.65
N CYS A 104 -5.38 5.74 -13.26
CA CYS A 104 -4.96 6.17 -14.57
C CYS A 104 -3.64 6.94 -14.57
N LEU A 105 -3.58 8.00 -13.77
CA LEU A 105 -2.50 8.99 -13.83
C LEU A 105 -1.12 8.44 -13.47
N LYS A 106 -0.35 8.17 -14.52
CA LYS A 106 1.10 7.85 -14.52
C LYS A 106 1.48 7.80 -15.98
N GLY A 107 0.68 7.05 -16.71
CA GLY A 107 0.90 6.82 -18.10
C GLY A 107 1.31 5.38 -18.33
N GLU A 108 0.38 4.45 -18.14
CA GLU A 108 0.71 3.02 -18.25
C GLU A 108 -0.29 2.25 -19.08
N ARG A 109 0.23 1.36 -19.90
CA ARG A 109 -0.52 0.30 -20.58
C ARG A 109 -1.79 0.77 -21.29
N HIS A 110 -2.94 0.57 -20.66
CA HIS A 110 -4.22 1.01 -21.20
C HIS A 110 -4.99 1.76 -20.15
N PHE A 111 -4.27 2.21 -19.15
CA PHE A 111 -4.83 3.06 -18.10
C PHE A 111 -4.72 4.47 -18.63
N ALA A 112 -3.81 4.61 -19.53
CA ALA A 112 -3.53 5.79 -20.26
C ALA A 112 -3.12 5.31 -21.62
N GLU A 113 -2.98 6.23 -22.57
CA GLU A 113 -2.63 5.91 -23.95
C GLU A 113 -3.80 5.19 -24.62
N SER A 114 -4.66 5.97 -25.18
CA SER A 114 -5.87 5.48 -25.72
C SER A 114 -5.68 4.82 -27.07
N GLU A 115 -5.38 3.55 -27.03
CA GLU A 115 -5.41 2.75 -28.23
C GLU A 115 -6.85 2.37 -28.45
N THR A 116 -7.48 2.01 -27.38
CA THR A 116 -8.85 1.69 -27.34
C THR A 116 -9.56 2.67 -26.42
N LEU A 117 -10.84 2.61 -26.36
CA LEU A 117 -11.62 3.46 -25.50
C LEU A 117 -12.16 2.59 -24.38
N ASP A 118 -13.03 1.70 -24.73
CA ASP A 118 -13.57 0.73 -23.83
C ASP A 118 -13.99 -0.45 -24.65
N ALA A 1 1.91 13.49 -14.65
CA ALA A 1 1.53 12.52 -13.64
C ALA A 1 0.16 12.84 -13.07
N ASP A 2 -0.80 12.05 -13.46
CA ASP A 2 -2.16 12.10 -12.90
C ASP A 2 -2.36 10.83 -12.14
N GLU A 3 -1.24 10.22 -11.82
CA GLU A 3 -1.13 8.92 -11.22
C GLU A 3 -1.79 8.86 -9.85
N PRO A 4 -2.79 8.01 -9.70
CA PRO A 4 -3.30 7.67 -8.40
C PRO A 4 -2.19 6.92 -7.66
N ALA A 5 -2.06 7.15 -6.36
CA ALA A 5 -0.95 6.56 -5.59
C ALA A 5 -0.84 5.07 -5.73
N TYR A 6 -1.96 4.39 -5.69
CA TYR A 6 -1.96 2.96 -5.82
C TYR A 6 -3.27 2.59 -6.43
N LEU A 7 -4.32 3.07 -5.82
CA LEU A 7 -5.64 2.91 -6.34
C LEU A 7 -6.33 4.25 -6.43
N THR A 8 -7.60 4.23 -6.58
CA THR A 8 -8.35 5.33 -7.06
C THR A 8 -8.83 6.31 -6.00
N VAL A 9 -8.63 7.58 -6.30
CA VAL A 9 -9.09 8.66 -5.47
C VAL A 9 -10.48 9.08 -5.96
N GLY A 10 -11.40 9.29 -5.04
CA GLY A 10 -12.74 9.71 -5.43
C GLY A 10 -13.76 8.59 -5.36
N THR A 11 -13.28 7.38 -5.20
CA THR A 11 -14.10 6.23 -5.11
C THR A 11 -14.79 6.15 -3.74
N ASP A 12 -16.01 5.69 -3.73
CA ASP A 12 -16.76 5.48 -2.51
C ASP A 12 -16.63 4.03 -2.12
N VAL A 13 -16.32 3.82 -0.89
CA VAL A 13 -16.09 2.51 -0.34
C VAL A 13 -16.67 2.43 1.03
N SER A 14 -16.53 1.31 1.65
CA SER A 14 -16.87 1.19 2.99
C SER A 14 -15.65 0.81 3.80
N ALA A 15 -15.51 1.45 4.92
CA ALA A 15 -14.41 1.32 5.82
C ALA A 15 -14.89 0.55 7.01
N LYS A 16 -14.22 -0.52 7.34
CA LYS A 16 -14.64 -1.30 8.48
C LYS A 16 -13.98 -0.79 9.74
N TYR A 17 -14.73 -0.82 10.80
CA TYR A 17 -14.25 -0.50 12.10
C TYR A 17 -14.74 -1.54 13.04
N ARG A 18 -13.85 -2.48 13.36
CA ARG A 18 -14.11 -3.55 14.34
C ARG A 18 -15.32 -4.39 13.91
N GLY A 19 -15.42 -4.66 12.61
CA GLY A 19 -16.50 -5.45 12.06
C GLY A 19 -17.69 -4.63 11.55
N ALA A 20 -17.70 -3.36 11.85
CA ALA A 20 -18.82 -2.51 11.43
C ALA A 20 -18.34 -1.62 10.32
N PHE A 21 -19.07 -1.55 9.24
CA PHE A 21 -18.57 -0.79 8.10
C PHE A 21 -19.32 0.52 7.95
N CYS A 22 -18.58 1.58 7.78
CA CYS A 22 -19.11 2.90 7.54
C CYS A 22 -18.79 3.27 6.10
N GLU A 23 -19.62 4.06 5.44
CA GLU A 23 -19.31 4.43 4.08
C GLU A 23 -18.37 5.61 4.10
N ALA A 24 -17.46 5.63 3.19
CA ALA A 24 -16.49 6.66 3.12
C ALA A 24 -15.97 6.81 1.71
N LYS A 25 -15.59 8.00 1.36
CA LYS A 25 -15.14 8.30 0.03
C LYS A 25 -13.64 8.66 0.09
N ILE A 26 -12.86 8.03 -0.76
CA ILE A 26 -11.40 8.18 -0.79
C ILE A 26 -10.96 9.61 -1.17
N LYS A 27 -10.24 10.26 -0.26
CA LYS A 27 -9.65 11.59 -0.47
C LYS A 27 -8.28 11.44 -1.03
N THR A 28 -7.53 10.60 -0.38
CA THR A 28 -6.14 10.41 -0.73
C THR A 28 -5.75 8.96 -0.58
N VAL A 29 -4.84 8.55 -1.42
CA VAL A 29 -4.20 7.28 -1.34
C VAL A 29 -2.75 7.58 -1.03
N LYS A 30 -2.23 6.89 -0.11
CA LYS A 30 -0.86 7.11 0.35
C LYS A 30 -0.10 5.81 0.16
N ARG A 31 0.97 5.80 -0.61
CA ARG A 31 1.70 4.56 -0.79
C ARG A 31 2.42 4.18 0.47
N LEU A 32 2.44 2.94 0.68
CA LEU A 32 3.14 2.35 1.75
C LEU A 32 4.07 1.37 1.19
N VAL A 33 5.06 1.06 1.90
CA VAL A 33 5.93 0.04 1.51
C VAL A 33 5.89 -1.01 2.57
N LYS A 34 5.33 -2.14 2.24
CA LYS A 34 5.34 -3.25 3.14
C LYS A 34 6.59 -3.99 2.93
N VAL A 35 7.42 -3.86 3.87
CA VAL A 35 8.71 -4.37 3.83
C VAL A 35 8.72 -5.75 4.41
N LYS A 36 9.35 -6.65 3.72
CA LYS A 36 9.55 -7.94 4.24
C LYS A 36 10.86 -7.85 4.94
N VAL A 37 10.83 -7.94 6.20
CA VAL A 37 11.99 -7.82 6.99
C VAL A 37 12.31 -9.10 7.64
N LEU A 38 13.55 -9.34 7.75
CA LEU A 38 14.07 -10.46 8.45
C LEU A 38 14.76 -9.89 9.64
N LEU A 39 14.24 -10.20 10.77
CA LEU A 39 14.75 -9.72 12.01
C LEU A 39 16.10 -10.33 12.28
N LYS A 40 17.08 -9.50 12.43
CA LYS A 40 18.42 -9.87 12.49
C LYS A 40 18.78 -10.70 13.74
N GLN A 41 18.22 -10.35 14.88
CA GLN A 41 18.52 -11.07 16.09
C GLN A 41 17.64 -12.30 16.28
N ASP A 42 16.36 -12.12 16.05
CA ASP A 42 15.36 -13.16 16.33
C ASP A 42 15.20 -14.13 15.16
N ASN A 43 15.52 -13.65 13.95
CA ASN A 43 15.44 -14.44 12.71
C ASN A 43 14.02 -14.67 12.22
N THR A 44 13.11 -13.87 12.67
CA THR A 44 11.75 -13.93 12.22
C THR A 44 11.59 -13.08 10.95
N THR A 45 10.67 -13.45 10.11
CA THR A 45 10.42 -12.66 8.94
C THR A 45 9.03 -12.06 9.11
N GLN A 46 8.84 -10.88 8.64
CA GLN A 46 7.60 -10.17 8.84
C GLN A 46 7.40 -9.23 7.68
N LEU A 47 6.17 -9.00 7.31
CA LEU A 47 5.86 -8.11 6.22
C LEU A 47 4.91 -7.05 6.76
N VAL A 48 5.45 -5.89 7.04
CA VAL A 48 4.70 -4.79 7.62
C VAL A 48 5.01 -3.50 6.89
N GLN A 49 4.19 -2.50 7.10
CA GLN A 49 4.34 -1.27 6.36
C GLN A 49 5.34 -0.31 6.97
N ASP A 50 5.78 0.62 6.13
CA ASP A 50 6.74 1.73 6.42
C ASP A 50 6.47 2.45 7.75
N ASP A 51 5.24 2.46 8.17
CA ASP A 51 4.85 3.09 9.42
C ASP A 51 5.48 2.40 10.60
N GLN A 52 5.57 1.10 10.52
CA GLN A 52 6.10 0.31 11.59
C GLN A 52 7.55 -0.08 11.31
N VAL A 53 8.00 0.24 10.13
CA VAL A 53 9.38 -0.01 9.76
C VAL A 53 10.18 1.27 9.85
N LYS A 54 11.09 1.29 10.76
CA LYS A 54 11.86 2.48 11.01
C LYS A 54 13.21 2.39 10.33
N GLY A 55 13.33 3.05 9.19
CA GLY A 55 14.57 3.12 8.49
C GLY A 55 14.38 3.30 6.98
N PRO A 56 15.44 3.04 6.17
CA PRO A 56 15.40 3.20 4.71
C PRO A 56 14.76 2.02 3.96
N LEU A 57 14.09 2.31 2.88
CA LEU A 57 13.51 1.27 2.05
C LEU A 57 14.53 0.85 1.01
N ARG A 58 15.43 -0.01 1.43
CA ARG A 58 16.45 -0.58 0.57
C ARG A 58 16.63 -2.04 0.89
N VAL A 59 16.48 -2.90 -0.10
CA VAL A 59 16.72 -4.32 0.12
C VAL A 59 18.16 -4.54 0.54
N GLY A 60 18.32 -5.06 1.73
CA GLY A 60 19.62 -5.26 2.29
C GLY A 60 20.04 -4.14 3.23
N ALA A 61 19.10 -3.29 3.59
CA ALA A 61 19.42 -2.21 4.52
C ALA A 61 19.03 -2.59 5.93
N ILE A 62 19.46 -1.82 6.88
CA ILE A 62 19.23 -2.09 8.27
C ILE A 62 18.09 -1.19 8.75
N VAL A 63 17.02 -1.77 9.23
CA VAL A 63 15.90 -1.01 9.76
C VAL A 63 15.50 -1.57 11.10
N GLU A 64 14.55 -0.96 11.71
CA GLU A 64 13.95 -1.49 12.91
C GLU A 64 12.50 -1.64 12.68
N THR A 65 12.02 -2.79 12.84
CA THR A 65 10.65 -3.06 12.54
C THR A 65 9.89 -3.41 13.78
N ARG A 66 8.63 -3.18 13.74
CA ARG A 66 7.75 -3.54 14.79
C ARG A 66 7.32 -4.96 14.54
N THR A 67 7.08 -5.68 15.59
CA THR A 67 6.55 -6.99 15.47
C THR A 67 5.05 -6.92 15.75
N SER A 68 4.35 -8.03 15.54
CA SER A 68 2.92 -8.11 15.87
C SER A 68 2.73 -8.05 17.42
N ASP A 69 3.85 -8.08 18.12
CA ASP A 69 3.86 -7.99 19.57
C ASP A 69 3.84 -6.53 20.02
N GLY A 70 4.32 -5.65 19.16
CA GLY A 70 4.37 -4.25 19.48
C GLY A 70 5.79 -3.76 19.71
N SER A 71 6.70 -4.68 19.83
CA SER A 71 8.09 -4.36 20.08
C SER A 71 8.84 -4.13 18.77
N PHE A 72 9.94 -3.42 18.84
CA PHE A 72 10.77 -3.14 17.68
C PHE A 72 12.09 -3.88 17.78
N GLN A 73 12.59 -4.31 16.66
CA GLN A 73 13.86 -5.01 16.59
C GLN A 73 14.54 -4.69 15.26
N GLU A 74 15.86 -4.74 15.26
CA GLU A 74 16.67 -4.48 14.10
C GLU A 74 16.47 -5.62 13.09
N ALA A 75 16.14 -5.24 11.90
CA ALA A 75 15.86 -6.19 10.85
C ALA A 75 16.44 -5.72 9.53
N ILE A 76 16.46 -6.61 8.57
CA ILE A 76 17.00 -6.29 7.24
C ILE A 76 15.87 -6.37 6.24
N ILE A 77 15.89 -5.53 5.24
CA ILE A 77 14.90 -5.58 4.18
C ILE A 77 15.26 -6.71 3.24
N SER A 78 14.36 -7.62 3.04
CA SER A 78 14.56 -8.70 2.10
C SER A 78 13.64 -8.58 0.89
N LYS A 79 12.61 -7.78 1.03
CA LYS A 79 11.66 -7.47 -0.01
C LYS A 79 10.95 -6.21 0.39
N LEU A 80 10.52 -5.43 -0.56
CA LEU A 80 9.75 -4.26 -0.25
C LEU A 80 8.62 -4.06 -1.27
N THR A 81 7.41 -4.24 -0.78
CA THR A 81 6.21 -4.30 -1.60
C THR A 81 5.38 -3.00 -1.49
N ASP A 82 4.81 -2.54 -2.59
CA ASP A 82 3.97 -1.36 -2.57
C ASP A 82 2.61 -1.67 -1.96
N ALA A 83 2.25 -0.90 -0.98
CA ALA A 83 0.97 -0.99 -0.33
C ALA A 83 0.39 0.40 -0.28
N SER A 84 -0.70 0.61 0.45
CA SER A 84 -1.30 1.92 0.50
C SER A 84 -2.33 2.13 1.62
N TRP A 85 -2.31 3.32 2.18
CA TRP A 85 -3.35 3.81 3.06
C TRP A 85 -4.33 4.59 2.20
N TYR A 86 -5.55 4.61 2.61
CA TYR A 86 -6.56 5.38 1.95
C TYR A 86 -7.23 6.24 2.98
N THR A 87 -7.12 7.51 2.83
CA THR A 87 -7.77 8.42 3.68
C THR A 87 -9.15 8.62 3.11
N VAL A 88 -10.10 8.05 3.77
CA VAL A 88 -11.45 8.08 3.33
C VAL A 88 -12.27 8.98 4.24
N VAL A 89 -13.17 9.70 3.64
CA VAL A 89 -13.98 10.66 4.34
C VAL A 89 -15.42 10.15 4.45
N PHE A 90 -15.98 10.27 5.60
CA PHE A 90 -17.35 9.87 5.81
C PHE A 90 -18.26 10.95 5.30
N ASP A 91 -19.54 10.64 5.23
CA ASP A 91 -20.57 11.62 4.86
C ASP A 91 -20.62 12.73 5.90
N ASP A 92 -20.10 12.42 7.09
CA ASP A 92 -19.97 13.37 8.20
C ASP A 92 -18.92 14.44 7.89
N GLY A 93 -18.07 14.18 6.92
CA GLY A 93 -17.03 15.13 6.55
C GLY A 93 -15.73 14.87 7.27
N ASP A 94 -15.71 13.87 8.10
CA ASP A 94 -14.52 13.48 8.84
C ASP A 94 -13.82 12.38 8.10
N GLU A 95 -12.53 12.40 8.09
CA GLU A 95 -11.76 11.43 7.37
C GLU A 95 -10.88 10.57 8.27
N ARG A 96 -10.83 9.30 7.97
CA ARG A 96 -10.00 8.33 8.67
C ARG A 96 -9.11 7.63 7.65
N THR A 97 -7.90 7.34 8.04
CA THR A 97 -6.97 6.70 7.16
C THR A 97 -6.82 5.20 7.50
N LEU A 98 -7.18 4.34 6.57
CA LEU A 98 -7.10 2.90 6.72
C LEU A 98 -6.60 2.26 5.43
N ARG A 99 -6.33 0.96 5.43
CA ARG A 99 -5.71 0.32 4.25
C ARG A 99 -6.75 -0.31 3.31
N ARG A 100 -6.29 -0.80 2.15
CA ARG A 100 -7.19 -1.35 1.10
C ARG A 100 -8.03 -2.50 1.63
N THR A 101 -7.42 -3.34 2.42
CA THR A 101 -8.08 -4.51 2.96
C THR A 101 -8.88 -4.21 4.24
N SER A 102 -9.07 -2.95 4.52
CA SER A 102 -9.98 -2.55 5.55
C SER A 102 -11.12 -1.77 4.92
N LEU A 103 -11.07 -1.75 3.60
CA LEU A 103 -12.06 -1.18 2.74
C LEU A 103 -12.69 -2.33 2.02
N CYS A 104 -13.90 -2.16 1.61
CA CYS A 104 -14.55 -3.23 0.90
C CYS A 104 -14.32 -3.12 -0.60
N LEU A 105 -14.15 -1.86 -1.07
CA LEU A 105 -14.02 -1.53 -2.51
C LEU A 105 -15.30 -1.88 -3.27
N LYS A 106 -15.54 -3.18 -3.44
CA LYS A 106 -16.74 -3.71 -4.07
C LYS A 106 -16.60 -5.22 -4.21
N GLY A 107 -15.52 -5.65 -4.81
CA GLY A 107 -15.32 -7.06 -5.07
C GLY A 107 -14.35 -7.71 -4.12
N GLU A 108 -13.76 -6.94 -3.25
CA GLU A 108 -12.87 -7.50 -2.26
C GLU A 108 -13.71 -7.88 -1.07
N ARG A 109 -13.51 -9.02 -0.52
CA ARG A 109 -14.23 -9.38 0.65
C ARG A 109 -13.32 -10.10 1.59
N HIS A 110 -12.40 -9.35 2.09
CA HIS A 110 -11.45 -9.80 3.07
C HIS A 110 -11.33 -8.73 4.09
N PHE A 111 -11.64 -9.05 5.28
CA PHE A 111 -11.56 -8.12 6.34
C PHE A 111 -10.50 -8.58 7.31
N ALA A 112 -10.41 -7.97 8.47
CA ALA A 112 -9.33 -8.26 9.40
C ALA A 112 -9.69 -7.72 10.75
N GLU A 113 -10.44 -8.49 11.45
CA GLU A 113 -10.91 -8.12 12.75
C GLU A 113 -10.13 -8.81 13.81
N SER A 114 -9.34 -8.06 14.47
CA SER A 114 -8.56 -8.52 15.57
C SER A 114 -9.27 -8.10 16.85
N GLU A 115 -8.64 -8.29 17.98
CA GLU A 115 -9.25 -7.87 19.21
C GLU A 115 -9.00 -6.39 19.36
N THR A 116 -7.75 -6.02 19.35
CA THR A 116 -7.39 -4.63 19.37
C THR A 116 -7.12 -4.21 17.94
N LEU A 117 -7.71 -3.12 17.51
CA LEU A 117 -7.49 -2.65 16.17
C LEU A 117 -6.29 -1.72 16.23
N ASP A 118 -5.17 -2.19 15.77
CA ASP A 118 -3.95 -1.43 15.84
C ASP A 118 -3.45 -1.12 14.45
N ALA A 1 6.13 -3.08 -17.91
CA ALA A 1 5.07 -2.61 -17.04
C ALA A 1 4.96 -1.10 -17.15
N ASP A 2 3.83 -0.62 -17.59
CA ASP A 2 3.62 0.81 -17.78
C ASP A 2 2.42 1.26 -16.99
N GLU A 3 1.75 0.29 -16.40
CA GLU A 3 0.59 0.54 -15.60
C GLU A 3 0.97 1.33 -14.35
N PRO A 4 0.26 2.43 -14.07
CA PRO A 4 0.49 3.23 -12.87
C PRO A 4 0.12 2.44 -11.61
N ALA A 5 1.04 2.35 -10.71
CA ALA A 5 0.82 1.61 -9.50
C ALA A 5 0.79 2.53 -8.31
N TYR A 6 1.67 3.49 -8.28
CA TYR A 6 1.75 4.36 -7.14
C TYR A 6 1.05 5.69 -7.35
N LEU A 7 0.32 5.81 -8.42
CA LEU A 7 -0.47 7.00 -8.65
C LEU A 7 -1.74 6.59 -9.34
N THR A 8 -2.86 7.14 -8.88
CA THR A 8 -4.16 6.92 -9.53
C THR A 8 -5.30 7.60 -8.73
N VAL A 9 -4.98 8.63 -7.96
CA VAL A 9 -6.04 9.31 -7.22
C VAL A 9 -6.85 10.20 -8.18
N GLY A 10 -8.15 10.11 -8.09
CA GLY A 10 -9.01 10.87 -8.97
C GLY A 10 -9.37 10.08 -10.20
N THR A 11 -8.82 8.90 -10.32
CA THR A 11 -9.06 8.06 -11.43
C THR A 11 -10.26 7.12 -11.14
N ASP A 12 -10.91 6.70 -12.19
CA ASP A 12 -12.07 5.85 -12.12
C ASP A 12 -11.65 4.44 -12.51
N VAL A 13 -11.66 3.56 -11.56
CA VAL A 13 -11.19 2.22 -11.79
C VAL A 13 -12.30 1.24 -11.54
N SER A 14 -12.05 0.01 -11.84
CA SER A 14 -13.01 -1.00 -11.56
C SER A 14 -12.67 -1.62 -10.22
N ALA A 15 -13.66 -1.80 -9.41
CA ALA A 15 -13.49 -2.34 -8.09
C ALA A 15 -14.47 -3.47 -7.91
N LYS A 16 -13.99 -4.60 -7.53
CA LYS A 16 -14.88 -5.69 -7.30
C LYS A 16 -15.37 -5.67 -5.89
N TYR A 17 -16.64 -5.51 -5.75
CA TYR A 17 -17.26 -5.51 -4.48
C TYR A 17 -18.46 -6.39 -4.56
N ARG A 18 -18.67 -7.20 -3.53
CA ARG A 18 -19.76 -8.18 -3.48
C ARG A 18 -19.52 -9.24 -4.61
N GLY A 19 -18.26 -9.41 -4.98
CA GLY A 19 -17.89 -10.32 -6.04
C GLY A 19 -18.30 -9.82 -7.42
N ALA A 20 -18.57 -8.54 -7.52
CA ALA A 20 -19.00 -7.95 -8.77
C ALA A 20 -18.13 -6.75 -9.07
N PHE A 21 -17.62 -6.68 -10.26
CA PHE A 21 -16.73 -5.60 -10.61
C PHE A 21 -17.53 -4.43 -11.08
N CYS A 22 -17.55 -3.39 -10.30
CA CYS A 22 -18.25 -2.20 -10.70
C CYS A 22 -17.27 -1.07 -10.59
N GLU A 23 -17.47 0.00 -11.32
CA GLU A 23 -16.50 1.04 -11.26
C GLU A 23 -16.65 1.89 -10.02
N ALA A 24 -15.56 2.39 -9.58
CA ALA A 24 -15.48 3.22 -8.43
C ALA A 24 -14.41 4.26 -8.66
N LYS A 25 -14.58 5.39 -8.08
CA LYS A 25 -13.63 6.44 -8.32
C LYS A 25 -12.72 6.58 -7.11
N ILE A 26 -11.44 6.53 -7.36
CA ILE A 26 -10.44 6.65 -6.34
C ILE A 26 -10.42 8.07 -5.80
N LYS A 27 -10.63 8.18 -4.53
CA LYS A 27 -10.70 9.46 -3.90
C LYS A 27 -9.51 9.68 -2.97
N THR A 28 -9.07 8.65 -2.29
CA THR A 28 -7.91 8.78 -1.43
C THR A 28 -6.92 7.66 -1.77
N VAL A 29 -5.64 7.96 -1.67
CA VAL A 29 -4.58 7.01 -1.91
C VAL A 29 -3.54 7.15 -0.81
N LYS A 30 -3.13 6.05 -0.28
CA LYS A 30 -2.07 6.00 0.71
C LYS A 30 -0.98 5.10 0.22
N ARG A 31 0.15 5.67 -0.10
CA ARG A 31 1.27 4.89 -0.54
C ARG A 31 2.06 4.42 0.64
N LEU A 32 1.96 3.17 0.93
CA LEU A 32 2.67 2.59 2.02
C LEU A 32 3.47 1.45 1.48
N VAL A 33 4.66 1.32 1.89
CA VAL A 33 5.46 0.26 1.36
C VAL A 33 5.32 -0.94 2.26
N LYS A 34 5.02 -2.08 1.67
CA LYS A 34 4.90 -3.29 2.45
C LYS A 34 6.25 -3.93 2.47
N VAL A 35 6.88 -3.75 3.53
CA VAL A 35 8.24 -4.11 3.70
C VAL A 35 8.35 -5.49 4.31
N LYS A 36 9.17 -6.31 3.70
CA LYS A 36 9.47 -7.61 4.18
C LYS A 36 10.77 -7.50 4.91
N VAL A 37 10.70 -7.54 6.18
CA VAL A 37 11.89 -7.46 6.98
C VAL A 37 12.15 -8.75 7.68
N LEU A 38 13.39 -9.06 7.77
CA LEU A 38 13.86 -10.24 8.42
C LEU A 38 14.56 -9.83 9.67
N LEU A 39 14.08 -10.31 10.79
CA LEU A 39 14.71 -10.00 12.04
C LEU A 39 16.02 -10.75 12.15
N LYS A 40 17.10 -10.04 12.20
CA LYS A 40 18.42 -10.68 12.34
C LYS A 40 18.54 -11.31 13.72
N GLN A 41 17.80 -10.73 14.65
CA GLN A 41 17.77 -11.16 16.01
C GLN A 41 17.05 -12.51 16.19
N ASP A 42 16.01 -12.73 15.41
CA ASP A 42 15.17 -13.90 15.65
C ASP A 42 14.95 -14.78 14.41
N ASN A 43 15.16 -14.21 13.23
CA ASN A 43 14.98 -14.88 11.92
C ASN A 43 13.52 -14.96 11.51
N THR A 44 12.69 -14.18 12.16
CA THR A 44 11.33 -14.10 11.79
C THR A 44 11.17 -13.04 10.72
N THR A 45 10.32 -13.29 9.77
CA THR A 45 10.17 -12.38 8.68
C THR A 45 8.78 -11.78 8.72
N GLN A 46 8.73 -10.52 8.58
CA GLN A 46 7.52 -9.76 8.69
C GLN A 46 7.25 -9.02 7.43
N LEU A 47 5.99 -8.87 7.14
CA LEU A 47 5.52 -8.07 6.07
C LEU A 47 4.58 -7.05 6.67
N VAL A 48 5.09 -5.87 6.82
CA VAL A 48 4.39 -4.76 7.45
C VAL A 48 4.54 -3.54 6.60
N GLN A 49 4.02 -2.42 7.01
CA GLN A 49 4.20 -1.23 6.21
C GLN A 49 5.37 -0.42 6.73
N ASP A 50 5.83 0.54 5.92
CA ASP A 50 7.00 1.39 6.22
C ASP A 50 6.79 2.29 7.46
N ASP A 51 5.61 2.25 8.01
CA ASP A 51 5.29 2.99 9.22
C ASP A 51 5.82 2.23 10.43
N GLN A 52 5.86 0.91 10.29
CA GLN A 52 6.33 0.03 11.35
C GLN A 52 7.84 -0.03 11.30
N VAL A 53 8.36 0.26 10.13
CA VAL A 53 9.78 0.23 9.89
C VAL A 53 10.39 1.58 10.19
N LYS A 54 11.46 1.54 10.94
CA LYS A 54 12.20 2.71 11.29
C LYS A 54 13.55 2.62 10.62
N GLY A 55 13.72 3.40 9.58
CA GLY A 55 14.97 3.41 8.87
C GLY A 55 14.75 3.46 7.37
N PRO A 56 15.84 3.39 6.58
CA PRO A 56 15.77 3.39 5.09
C PRO A 56 14.97 2.21 4.53
N LEU A 57 14.26 2.45 3.45
CA LEU A 57 13.54 1.39 2.80
C LEU A 57 14.34 0.92 1.63
N ARG A 58 15.27 0.08 1.92
CA ARG A 58 16.17 -0.45 0.93
C ARG A 58 16.40 -1.91 1.18
N VAL A 59 16.33 -2.71 0.15
CA VAL A 59 16.57 -4.13 0.30
C VAL A 59 18.02 -4.34 0.66
N GLY A 60 18.23 -4.92 1.79
CA GLY A 60 19.55 -5.14 2.27
C GLY A 60 19.94 -4.12 3.32
N ALA A 61 19.02 -3.24 3.70
CA ALA A 61 19.33 -2.24 4.69
C ALA A 61 18.88 -2.70 6.04
N ILE A 62 19.65 -2.37 7.04
CA ILE A 62 19.35 -2.72 8.40
C ILE A 62 18.59 -1.58 9.06
N VAL A 63 17.45 -1.91 9.56
CA VAL A 63 16.53 -0.98 10.15
C VAL A 63 15.98 -1.58 11.41
N GLU A 64 15.03 -0.91 11.98
CA GLU A 64 14.30 -1.47 13.09
C GLU A 64 12.86 -1.53 12.69
N THR A 65 12.16 -2.47 13.18
CA THR A 65 10.79 -2.60 12.82
C THR A 65 10.01 -3.11 13.98
N ARG A 66 8.78 -2.77 14.02
CA ARG A 66 7.90 -3.30 15.00
C ARG A 66 7.51 -4.68 14.58
N THR A 67 7.70 -5.60 15.46
CA THR A 67 7.26 -6.94 15.25
C THR A 67 5.93 -7.09 15.98
N SER A 68 5.12 -8.07 15.62
CA SER A 68 3.79 -8.25 16.23
C SER A 68 3.87 -8.65 17.72
N ASP A 69 5.10 -8.81 18.20
CA ASP A 69 5.37 -9.04 19.62
C ASP A 69 5.12 -7.71 20.37
N GLY A 70 5.19 -6.62 19.60
CA GLY A 70 4.89 -5.30 20.12
C GLY A 70 6.09 -4.39 20.18
N SER A 71 7.25 -4.97 20.23
CA SER A 71 8.47 -4.20 20.34
C SER A 71 9.16 -4.01 18.99
N PHE A 72 10.04 -3.03 18.92
CA PHE A 72 10.83 -2.77 17.74
C PHE A 72 12.15 -3.49 17.83
N GLN A 73 12.45 -4.30 16.85
CA GLN A 73 13.68 -5.07 16.83
C GLN A 73 14.46 -4.73 15.58
N GLU A 74 15.74 -5.05 15.58
CA GLU A 74 16.63 -4.78 14.49
C GLU A 74 16.41 -5.82 13.38
N ALA A 75 16.21 -5.33 12.19
CA ALA A 75 15.89 -6.19 11.06
C ALA A 75 16.53 -5.70 9.79
N ILE A 76 16.44 -6.49 8.75
CA ILE A 76 16.96 -6.12 7.42
C ILE A 76 15.83 -6.21 6.40
N ILE A 77 15.74 -5.25 5.49
CA ILE A 77 14.74 -5.33 4.42
C ILE A 77 15.13 -6.44 3.45
N SER A 78 14.26 -7.38 3.28
CA SER A 78 14.50 -8.49 2.39
C SER A 78 13.73 -8.28 1.08
N LYS A 79 12.69 -7.49 1.14
CA LYS A 79 11.85 -7.18 0.01
C LYS A 79 11.04 -5.95 0.34
N LEU A 80 10.79 -5.11 -0.60
CA LEU A 80 9.82 -4.09 -0.40
C LEU A 80 8.75 -4.26 -1.46
N THR A 81 7.59 -4.54 -1.00
CA THR A 81 6.51 -5.00 -1.80
C THR A 81 5.56 -3.86 -2.04
N ASP A 82 5.01 -3.86 -3.22
CA ASP A 82 4.06 -2.85 -3.63
C ASP A 82 2.82 -2.88 -2.77
N ALA A 83 2.51 -1.78 -2.14
CA ALA A 83 1.30 -1.63 -1.41
C ALA A 83 0.82 -0.21 -1.52
N SER A 84 -0.46 -0.04 -1.51
CA SER A 84 -1.12 1.24 -1.49
C SER A 84 -2.56 0.99 -1.12
N TRP A 85 -3.10 1.84 -0.30
CA TRP A 85 -4.50 1.76 0.04
C TRP A 85 -5.24 2.76 -0.80
N TYR A 86 -6.32 2.34 -1.41
CA TYR A 86 -7.11 3.22 -2.25
C TYR A 86 -8.51 3.26 -1.74
N THR A 87 -8.95 4.41 -1.37
CA THR A 87 -10.27 4.57 -0.93
C THR A 87 -11.08 5.07 -2.09
N VAL A 88 -11.91 4.22 -2.57
CA VAL A 88 -12.72 4.49 -3.72
C VAL A 88 -14.15 4.72 -3.30
N VAL A 89 -14.82 5.54 -4.04
CA VAL A 89 -16.18 5.86 -3.79
C VAL A 89 -17.07 5.08 -4.76
N PHE A 90 -17.98 4.32 -4.20
CA PHE A 90 -18.88 3.49 -4.98
C PHE A 90 -20.17 4.22 -5.29
N ASP A 91 -21.08 3.48 -5.92
CA ASP A 91 -22.43 3.91 -6.33
C ASP A 91 -23.20 4.60 -5.19
N ASP A 92 -22.96 4.15 -3.98
CA ASP A 92 -23.66 4.65 -2.80
C ASP A 92 -23.11 5.99 -2.34
N GLY A 93 -21.93 6.33 -2.81
CA GLY A 93 -21.25 7.50 -2.30
C GLY A 93 -20.44 7.10 -1.10
N ASP A 94 -20.25 5.80 -0.98
CA ASP A 94 -19.56 5.20 0.11
C ASP A 94 -18.15 4.96 -0.29
N GLU A 95 -17.28 5.27 0.58
CA GLU A 95 -15.88 5.13 0.36
C GLU A 95 -15.35 3.92 1.07
N ARG A 96 -14.65 3.08 0.37
CA ARG A 96 -14.08 1.89 0.96
C ARG A 96 -12.66 1.74 0.47
N THR A 97 -11.78 1.34 1.34
CA THR A 97 -10.39 1.20 1.03
C THR A 97 -10.09 -0.22 0.50
N LEU A 98 -9.76 -0.34 -0.77
CA LEU A 98 -9.48 -1.64 -1.37
C LEU A 98 -7.99 -1.79 -1.70
N ARG A 99 -7.62 -2.99 -2.09
CA ARG A 99 -6.26 -3.37 -2.46
C ARG A 99 -6.13 -3.35 -3.97
N ARG A 100 -4.91 -3.43 -4.50
CA ARG A 100 -4.70 -3.45 -5.96
C ARG A 100 -5.25 -4.73 -6.56
N THR A 101 -5.32 -5.76 -5.75
CA THR A 101 -5.81 -7.05 -6.16
C THR A 101 -7.35 -7.07 -6.07
N SER A 102 -7.93 -5.94 -5.75
CA SER A 102 -9.36 -5.80 -5.65
C SER A 102 -9.83 -4.72 -6.64
N LEU A 103 -8.86 -4.15 -7.35
CA LEU A 103 -9.11 -3.04 -8.24
C LEU A 103 -8.50 -3.33 -9.61
N CYS A 104 -8.93 -2.60 -10.59
CA CYS A 104 -8.37 -2.70 -11.88
C CYS A 104 -8.20 -1.34 -12.49
N LEU A 105 -6.98 -0.88 -12.52
CA LEU A 105 -6.62 0.30 -13.24
C LEU A 105 -6.04 -0.15 -14.55
N LYS A 106 -4.75 -0.49 -14.51
CA LYS A 106 -3.93 -0.98 -15.63
C LYS A 106 -4.10 -0.16 -16.92
N GLY A 107 -5.13 -0.47 -17.67
CA GLY A 107 -5.43 0.19 -18.90
C GLY A 107 -6.86 -0.06 -19.26
N GLU A 108 -7.24 -1.31 -19.20
CA GLU A 108 -8.60 -1.73 -19.49
C GLU A 108 -9.17 -2.43 -18.26
N ARG A 109 -10.40 -2.90 -18.37
CA ARG A 109 -11.08 -3.55 -17.26
C ARG A 109 -10.78 -5.05 -17.21
N HIS A 110 -9.72 -5.48 -17.90
CA HIS A 110 -9.37 -6.88 -17.91
C HIS A 110 -8.87 -7.29 -16.53
N PHE A 111 -9.76 -7.89 -15.84
CA PHE A 111 -9.63 -8.34 -14.47
C PHE A 111 -10.94 -8.99 -14.18
N ALA A 112 -11.98 -8.39 -14.77
CA ALA A 112 -13.31 -8.97 -14.78
C ALA A 112 -13.39 -9.91 -15.96
N GLU A 113 -14.47 -10.66 -16.06
CA GLU A 113 -14.62 -11.54 -17.19
C GLU A 113 -15.14 -10.74 -18.35
N SER A 114 -14.27 -10.48 -19.24
CA SER A 114 -14.51 -9.78 -20.45
C SER A 114 -13.44 -10.24 -21.39
N GLU A 115 -13.80 -11.11 -22.29
CA GLU A 115 -12.85 -11.76 -23.15
C GLU A 115 -12.45 -10.85 -24.30
N THR A 116 -11.25 -10.39 -24.23
CA THR A 116 -10.68 -9.50 -25.20
C THR A 116 -9.95 -10.28 -26.28
N LEU A 117 -9.73 -9.64 -27.43
CA LEU A 117 -9.04 -10.22 -28.58
C LEU A 117 -9.86 -11.33 -29.23
N ASP A 118 -10.64 -10.94 -30.19
CA ASP A 118 -11.49 -11.85 -30.92
C ASP A 118 -10.85 -12.15 -32.25
#